data_8IEX
#
_entry.id   8IEX
#
loop_
_entity.id
_entity.type
_entity.pdbx_description
1 polymer 'Probable WRKY transcription factor 11'
2 non-polymer 'ZINC ION'
#
_entity_poly.entity_id   1
_entity_poly.type   'polypeptide(L)'
_entity_poly.pdbx_seq_one_letter_code
;MSRKNRMKRTVRVPAISAKIADIPPDEYSWRKYGQKPIKGSPHPRGYYKCSTFRGCPARKHVERALDDPAMLIVTYEGEH
RHNQSAMLEHHHHH
;
_entity_poly.pdbx_strand_id   A
#
loop_
_chem_comp.id
_chem_comp.type
_chem_comp.name
_chem_comp.formula
ZN non-polymer 'ZINC ION' 'Zn 2'
#
# COMPACT_ATOMS: atom_id res chain seq x y z
N SER A 2 -23.02 -16.06 1.92
CA SER A 2 -21.65 -15.54 2.21
C SER A 2 -21.68 -14.68 3.67
N ARG A 3 -20.32 -15.13 4.15
CA ARG A 3 -19.05 -14.78 5.12
C ARG A 3 -18.50 -13.46 4.26
N LYS A 4 -18.11 -12.17 4.72
CA LYS A 4 -17.60 -11.08 3.64
C LYS A 4 -16.23 -10.33 3.85
N ASN A 5 -15.54 -10.04 2.64
CA ASN A 5 -14.21 -9.22 2.41
C ASN A 5 -14.34 -7.62 2.46
N ARG A 6 -13.30 -6.88 3.06
CA ARG A 6 -13.34 -5.38 3.17
C ARG A 6 -12.06 -4.70 2.66
N MET A 7 -12.32 -3.53 2.10
CA MET A 7 -11.37 -2.60 1.50
C MET A 7 -11.28 -1.33 2.33
N LYS A 8 -10.07 -0.91 2.71
CA LYS A 8 -9.95 0.30 3.51
C LYS A 8 -8.87 1.14 2.86
N ARG A 9 -9.07 2.45 3.03
CA ARG A 9 -8.19 3.47 2.51
C ARG A 9 -7.65 4.44 3.55
N THR A 10 -6.42 4.80 3.29
CA THR A 10 -5.63 5.71 4.10
C THR A 10 -4.71 6.52 3.20
N VAL A 11 -4.26 7.65 3.68
CA VAL A 11 -3.36 8.49 2.91
C VAL A 11 -2.05 8.65 3.65
N ARG A 12 -0.95 8.37 2.96
CA ARG A 12 0.36 8.48 3.57
C ARG A 12 1.19 9.63 3.02
N VAL A 13 1.90 10.30 3.93
CA VAL A 13 2.75 11.43 3.57
C VAL A 13 3.58 11.84 4.78
N PRO A 14 4.83 11.32 4.91
CA PRO A 14 5.70 11.66 6.05
C PRO A 14 6.48 12.96 5.93
N ALA A 15 6.12 13.78 6.89
CA ALA A 15 6.62 15.12 7.15
C ALA A 15 8.10 15.16 7.49
N ILE A 16 8.57 14.19 8.23
CA ILE A 16 9.93 14.23 8.76
C ILE A 16 11.02 14.15 7.68
N SER A 17 10.81 13.24 6.70
CA SER A 17 11.78 13.06 5.63
C SER A 17 11.79 14.22 4.60
N ALA A 18 13.00 14.54 4.12
CA ALA A 18 13.30 15.61 3.13
C ALA A 18 12.68 15.48 1.73
N LYS A 19 12.63 14.23 1.21
CA LYS A 19 12.06 13.95 -0.13
C LYS A 19 10.91 12.94 -0.12
N ILE A 20 9.93 13.12 -0.99
CA ILE A 20 8.79 12.19 -1.02
C ILE A 20 9.04 11.26 -2.18
N ALA A 21 8.93 10.02 -1.79
CA ALA A 21 9.11 8.83 -2.57
C ALA A 21 7.75 8.19 -2.82
N ASP A 22 7.49 7.65 -4.05
CA ASP A 22 6.19 7.03 -4.37
C ASP A 22 6.27 5.56 -4.07
N ILE A 23 7.43 5.21 -3.63
CA ILE A 23 7.76 3.89 -3.27
C ILE A 23 8.56 4.02 -2.02
N PRO A 24 7.88 4.29 -0.94
CA PRO A 24 8.49 4.45 0.36
C PRO A 24 8.60 3.16 1.19
N PRO A 25 9.46 3.21 2.24
CA PRO A 25 9.71 2.08 3.15
C PRO A 25 8.55 1.79 4.09
N ASP A 26 8.34 0.51 4.40
CA ASP A 26 7.26 0.13 5.28
C ASP A 26 7.82 -0.63 6.48
N GLU A 27 6.97 -0.80 7.49
CA GLU A 27 7.35 -1.51 8.70
C GLU A 27 7.62 -2.97 8.34
N TYR A 28 6.88 -3.42 7.34
CA TYR A 28 6.95 -4.79 6.85
C TYR A 28 7.25 -4.83 5.36
N SER A 29 7.80 -5.95 4.91
CA SER A 29 8.12 -6.08 3.50
C SER A 29 6.86 -6.25 2.67
N TRP A 30 7.02 -6.08 1.37
CA TRP A 30 5.91 -6.15 0.41
C TRP A 30 6.40 -6.76 -0.89
N ARG A 31 5.48 -7.20 -1.73
CA ARG A 31 5.88 -7.74 -3.02
C ARG A 31 5.17 -6.92 -4.04
N LYS A 32 5.84 -6.59 -5.09
CA LYS A 32 5.21 -5.81 -6.12
C LYS A 32 4.94 -6.47 -7.45
N TYR A 33 3.76 -6.13 -7.95
CA TYR A 33 3.24 -6.62 -9.19
C TYR A 33 3.30 -5.45 -10.20
N GLY A 34 2.86 -5.68 -11.42
CA GLY A 34 2.94 -4.64 -12.43
C GLY A 34 2.10 -3.40 -12.13
N GLN A 35 2.22 -2.38 -12.99
CA GLN A 35 1.46 -1.14 -12.83
C GLN A 35 0.52 -0.91 -14.01
N LYS A 36 -0.68 -0.40 -13.73
CA LYS A 36 -1.69 -0.11 -14.77
C LYS A 36 -2.28 1.31 -14.65
N PRO A 37 -2.58 1.94 -15.80
CA PRO A 37 -3.09 3.31 -15.87
C PRO A 37 -4.59 3.40 -15.51
N ILE A 38 -5.01 4.59 -15.07
CA ILE A 38 -6.41 4.87 -14.69
C ILE A 38 -6.99 5.78 -15.76
N LYS A 39 -8.10 5.43 -16.45
CA LYS A 39 -8.55 6.38 -17.45
C LYS A 39 -9.26 7.57 -16.82
N GLY A 40 -8.82 8.70 -17.33
CA GLY A 40 -9.27 10.03 -16.99
C GLY A 40 -8.43 10.56 -15.85
N SER A 41 -7.61 9.73 -15.25
CA SER A 41 -6.78 10.17 -14.14
C SER A 41 -5.35 9.78 -14.40
N PRO A 42 -4.48 10.51 -15.12
CA PRO A 42 -3.18 9.96 -15.26
C PRO A 42 -2.59 9.82 -13.87
N HIS A 43 -1.98 8.68 -13.70
CA HIS A 43 -1.33 8.26 -12.48
C HIS A 43 -1.38 6.73 -12.37
N PRO A 44 -0.28 6.03 -12.73
CA PRO A 44 -0.26 4.57 -12.68
C PRO A 44 -0.62 3.98 -11.33
N ARG A 45 -1.40 2.90 -11.29
CA ARG A 45 -1.76 2.30 -10.01
C ARG A 45 -0.98 1.02 -9.93
N GLY A 46 -0.22 0.87 -8.87
CA GLY A 46 0.57 -0.35 -8.72
C GLY A 46 -0.09 -1.41 -7.88
N TYR A 47 0.05 -2.68 -8.25
CA TYR A 47 -0.49 -3.74 -7.43
C TYR A 47 0.58 -4.32 -6.56
N TYR A 48 0.26 -4.44 -5.26
CA TYR A 48 1.22 -4.94 -4.28
C TYR A 48 0.51 -5.90 -3.35
N LYS A 49 1.30 -6.79 -2.82
CA LYS A 49 0.85 -7.80 -1.90
C LYS A 49 1.68 -7.60 -0.64
N CYS A 50 1.12 -7.93 0.53
CA CYS A 50 1.84 -7.78 1.80
C CYS A 50 2.60 -9.01 2.27
N SER A 51 3.91 -8.88 2.40
CA SER A 51 4.69 -10.01 2.83
C SER A 51 5.40 -9.57 4.11
N THR A 52 5.09 -10.28 5.18
CA THR A 52 5.64 -10.01 6.48
C THR A 52 5.97 -11.31 7.17
N PHE A 53 4.91 -12.06 7.37
CA PHE A 53 4.96 -13.37 8.02
C PHE A 53 3.93 -14.27 7.36
N ARG A 54 4.26 -15.52 7.01
CA ARG A 54 3.25 -16.32 6.36
C ARG A 54 2.01 -16.57 7.21
N GLY A 55 0.90 -16.49 6.51
CA GLY A 55 -0.43 -16.69 7.03
C GLY A 55 -1.14 -15.39 6.82
N CYS A 56 -0.43 -14.33 6.45
CA CYS A 56 -1.09 -13.07 6.24
C CYS A 56 -1.94 -13.00 4.99
N PRO A 57 -3.27 -12.86 5.11
CA PRO A 57 -4.13 -12.80 3.95
C PRO A 57 -4.22 -11.31 3.63
N ALA A 58 -4.33 -10.93 2.36
CA ALA A 58 -4.43 -9.49 1.99
C ALA A 58 -3.61 -9.15 0.75
N ARG A 59 -4.11 -8.13 0.08
CA ARG A 59 -3.55 -7.58 -1.14
C ARG A 59 -3.70 -6.08 -1.04
N LYS A 60 -2.87 -5.31 -1.72
CA LYS A 60 -3.04 -3.86 -1.67
C LYS A 60 -2.63 -3.17 -2.96
N HIS A 61 -3.13 -1.96 -3.10
CA HIS A 61 -2.82 -1.14 -4.25
C HIS A 61 -2.33 0.22 -3.82
N VAL A 62 -1.37 0.75 -4.57
CA VAL A 62 -0.78 2.05 -4.27
C VAL A 62 -1.16 3.04 -5.35
N GLU A 63 -1.66 4.17 -4.90
CA GLU A 63 -2.10 5.21 -5.78
C GLU A 63 -1.59 6.54 -5.28
N ARG A 64 -1.54 7.50 -6.17
CA ARG A 64 -1.07 8.80 -5.86
C ARG A 64 -2.20 9.82 -5.83
N ALA A 65 -2.16 10.72 -4.85
CA ALA A 65 -3.18 11.73 -4.72
C ALA A 65 -3.04 12.75 -5.84
N LEU A 66 -4.22 13.08 -6.37
CA LEU A 66 -4.39 14.02 -7.44
C LEU A 66 -4.39 15.44 -6.91
N ASP A 67 -4.74 15.56 -5.64
CA ASP A 67 -4.82 16.87 -4.98
C ASP A 67 -3.44 17.46 -5.04
N ASP A 68 -2.51 16.60 -4.68
CA ASP A 68 -1.11 16.91 -4.64
C ASP A 68 -0.40 15.61 -4.98
N PRO A 69 0.62 15.64 -5.86
CA PRO A 69 1.35 14.42 -6.25
C PRO A 69 2.12 13.86 -5.08
N ALA A 70 2.40 14.75 -4.16
CA ALA A 70 3.11 14.43 -2.95
C ALA A 70 2.37 13.44 -2.06
N MET A 71 1.04 13.46 -1.98
CA MET A 71 0.39 12.51 -1.11
C MET A 71 0.04 11.17 -1.76
N LEU A 72 0.22 10.08 -0.98
CA LEU A 72 0.03 8.73 -1.44
C LEU A 72 -1.22 8.10 -0.83
N ILE A 73 -1.94 7.35 -1.64
CA ILE A 73 -3.18 6.69 -1.23
C ILE A 73 -2.98 5.19 -1.13
N VAL A 74 -3.35 4.55 -0.03
CA VAL A 74 -3.10 3.13 0.01
C VAL A 74 -4.40 2.45 0.34
N THR A 75 -4.69 1.43 -0.45
CA THR A 75 -5.92 0.69 -0.28
C THR A 75 -5.56 -0.72 0.15
N TYR A 76 -6.11 -1.14 1.27
CA TYR A 76 -5.82 -2.46 1.80
C TYR A 76 -7.06 -3.33 1.74
N GLU A 77 -6.84 -4.59 1.33
CA GLU A 77 -7.92 -5.57 1.23
C GLU A 77 -7.55 -6.75 2.10
N GLY A 78 -8.44 -7.23 2.95
CA GLY A 78 -8.05 -8.37 3.76
C GLY A 78 -7.42 -7.84 4.99
N GLU A 79 -7.47 -8.58 6.06
CA GLU A 79 -6.87 -8.11 7.27
C GLU A 79 -5.43 -8.55 7.34
N HIS A 80 -4.65 -7.74 8.02
CA HIS A 80 -3.24 -7.99 8.20
C HIS A 80 -2.92 -8.40 9.62
N ARG A 81 -2.23 -9.52 9.77
CA ARG A 81 -1.85 -10.00 11.09
C ARG A 81 -0.37 -10.32 11.03
N HIS A 82 0.41 -9.56 11.81
CA HIS A 82 1.84 -9.78 11.85
C HIS A 82 2.41 -9.94 13.26
N ASN A 83 3.54 -10.62 13.28
CA ASN A 83 4.29 -10.93 14.47
C ASN A 83 5.35 -9.86 14.60
N GLN A 84 5.54 -9.29 15.80
CA GLN A 84 6.55 -8.24 15.95
C GLN A 84 7.94 -8.83 15.62
N SER A 85 8.23 -10.04 16.05
CA SER A 85 9.54 -10.66 15.76
C SER A 85 9.79 -10.81 14.24
N ALA A 86 8.72 -10.78 13.38
CA ALA A 86 8.91 -10.89 11.90
C ALA A 86 9.76 -9.72 11.31
N MET A 87 9.66 -8.52 11.92
CA MET A 87 10.41 -7.32 11.46
C MET A 87 11.86 -7.59 11.60
N LEU A 88 12.19 -8.20 12.66
CA LEU A 88 13.53 -8.52 12.87
C LEU A 88 14.16 -9.42 11.86
N GLU A 89 13.25 -10.33 11.75
CA GLU A 89 13.00 -11.53 11.00
C GLU A 89 12.70 -10.48 9.09
ZN ZN B . -0.10 -8.06 6.07
N SER A 2 -25.71 -10.14 -2.94
CA SER A 2 -24.47 -10.03 -2.13
C SER A 2 -24.53 -11.20 -0.90
N ARG A 3 -23.02 -11.39 -0.78
CA ARG A 3 -21.79 -11.85 0.19
C ARG A 3 -20.87 -10.46 -0.02
N LYS A 4 -20.22 -9.65 0.97
CA LYS A 4 -19.35 -8.37 0.47
C LYS A 4 -17.82 -8.29 0.78
N ASN A 5 -17.08 -7.64 -0.26
CA ASN A 5 -15.55 -7.26 -0.30
C ASN A 5 -15.16 -5.78 0.20
N ARG A 6 -14.48 -5.64 1.42
CA ARG A 6 -14.11 -4.30 1.99
C ARG A 6 -12.60 -4.01 1.90
N MET A 7 -12.35 -2.76 1.55
CA MET A 7 -11.06 -2.13 1.36
C MET A 7 -10.96 -0.87 2.20
N LYS A 8 -9.75 -0.51 2.68
CA LYS A 8 -9.63 0.68 3.50
C LYS A 8 -8.53 1.51 2.88
N ARG A 9 -8.76 2.82 3.00
CA ARG A 9 -7.88 3.84 2.49
C ARG A 9 -7.11 4.63 3.54
N THR A 10 -5.82 4.66 3.27
CA THR A 10 -4.83 5.31 4.09
C THR A 10 -4.09 6.34 3.23
N VAL A 11 -3.96 7.55 3.75
CA VAL A 11 -3.26 8.59 3.01
C VAL A 11 -2.06 9.07 3.82
N ARG A 12 -0.91 9.11 3.17
CA ARG A 12 0.30 9.55 3.85
C ARG A 12 0.76 10.93 3.40
N VAL A 13 1.26 11.68 4.38
CA VAL A 13 1.74 13.04 4.13
C VAL A 13 2.67 13.06 2.92
N PRO A 14 2.97 14.25 2.36
CA PRO A 14 3.85 14.37 1.19
C PRO A 14 5.19 13.66 1.29
N ALA A 15 5.55 13.22 0.11
CA ALA A 15 6.75 12.48 -0.24
C ALA A 15 8.02 13.32 -0.18
N ILE A 16 7.87 14.58 0.15
CA ILE A 16 9.00 15.51 0.08
C ILE A 16 10.14 15.18 1.03
N SER A 17 9.78 14.81 2.28
CA SER A 17 10.78 14.45 3.29
C SER A 17 11.41 13.05 3.06
N ALA A 18 12.57 12.85 3.71
CA ALA A 18 13.40 11.61 3.67
C ALA A 18 12.73 10.28 4.11
N LYS A 19 11.95 10.35 5.23
CA LYS A 19 11.24 9.17 5.77
C LYS A 19 10.18 8.60 4.84
N ILE A 20 9.40 9.46 4.18
CA ILE A 20 8.36 8.96 3.27
C ILE A 20 8.85 9.29 1.88
N ALA A 21 8.70 8.24 1.10
CA ALA A 21 9.05 8.11 -0.28
C ALA A 21 7.85 7.60 -1.06
N ASP A 22 7.89 7.66 -2.42
CA ASP A 22 6.75 7.20 -3.25
C ASP A 22 6.53 5.74 -3.01
N ILE A 23 7.63 5.08 -2.89
CA ILE A 23 7.71 3.69 -2.67
C ILE A 23 8.75 3.52 -1.61
N PRO A 24 8.34 3.76 -0.40
CA PRO A 24 9.21 3.66 0.76
C PRO A 24 9.20 2.29 1.45
N PRO A 25 10.24 2.04 2.30
CA PRO A 25 10.41 0.82 3.06
C PRO A 25 9.45 0.69 4.24
N ASP A 26 9.02 -0.52 4.53
CA ASP A 26 8.11 -0.76 5.62
C ASP A 26 8.67 -1.82 6.57
N GLU A 27 8.06 -1.92 7.74
CA GLU A 27 8.49 -2.90 8.74
C GLU A 27 8.26 -4.29 8.18
N TYR A 28 7.29 -4.37 7.28
CA TYR A 28 6.91 -5.61 6.62
C TYR A 28 7.29 -5.61 5.16
N SER A 29 7.83 -6.73 4.70
CA SER A 29 8.24 -6.83 3.32
C SER A 29 7.02 -6.84 2.39
N TRP A 30 7.19 -6.21 1.23
CA TRP A 30 6.14 -6.10 0.23
C TRP A 30 6.65 -6.57 -1.11
N ARG A 31 5.77 -7.11 -1.94
CA ARG A 31 6.18 -7.57 -3.25
C ARG A 31 5.43 -6.73 -4.23
N LYS A 32 6.06 -6.37 -5.30
CA LYS A 32 5.38 -5.57 -6.28
C LYS A 32 5.11 -6.21 -7.64
N TYR A 33 3.88 -6.01 -8.05
CA TYR A 33 3.33 -6.50 -9.29
C TYR A 33 3.31 -5.31 -10.27
N GLY A 34 2.84 -5.54 -11.48
CA GLY A 34 2.83 -4.48 -12.48
C GLY A 34 1.93 -3.30 -12.15
N GLN A 35 1.94 -2.28 -13.00
CA GLN A 35 1.12 -1.09 -12.81
C GLN A 35 0.10 -0.91 -13.94
N LYS A 36 -0.98 -0.20 -13.65
CA LYS A 36 -2.04 0.05 -14.64
C LYS A 36 -2.45 1.54 -14.73
N PRO A 37 -2.17 2.19 -15.88
CA PRO A 37 -2.48 3.60 -16.10
C PRO A 37 -3.95 3.95 -15.80
N ILE A 38 -4.18 5.14 -15.25
CA ILE A 38 -5.53 5.63 -14.90
C ILE A 38 -5.90 6.69 -15.92
N LYS A 39 -7.00 6.58 -16.67
CA LYS A 39 -7.24 7.65 -17.64
C LYS A 39 -7.76 8.91 -16.97
N GLY A 40 -7.14 9.98 -17.42
CA GLY A 40 -7.37 11.34 -17.03
C GLY A 40 -6.53 11.66 -15.81
N SER A 41 -5.87 10.68 -15.25
CA SER A 41 -5.04 10.91 -14.08
C SER A 41 -3.65 10.38 -14.33
N PRO A 42 -2.57 11.14 -14.52
CA PRO A 42 -1.34 10.44 -14.74
C PRO A 42 -0.79 10.06 -13.38
N HIS A 43 -0.89 8.78 -13.15
CA HIS A 43 -0.44 8.12 -11.93
C HIS A 43 -0.91 6.67 -11.95
N PRO A 44 -0.12 5.74 -12.52
CA PRO A 44 -0.49 4.33 -12.59
C PRO A 44 -0.76 3.69 -11.23
N ARG A 45 -1.76 2.80 -11.13
CA ARG A 45 -2.02 2.17 -9.85
C ARG A 45 -1.17 0.93 -9.82
N GLY A 46 -0.42 0.79 -8.75
CA GLY A 46 0.45 -0.40 -8.65
C GLY A 46 -0.14 -1.50 -7.80
N TYR A 47 0.05 -2.75 -8.19
CA TYR A 47 -0.42 -3.85 -7.39
C TYR A 47 0.71 -4.42 -6.58
N TYR A 48 0.45 -4.69 -5.30
CA TYR A 48 1.47 -5.21 -4.39
C TYR A 48 0.85 -6.30 -3.53
N LYS A 49 1.65 -7.29 -3.31
CA LYS A 49 1.28 -8.45 -2.55
C LYS A 49 2.07 -8.35 -1.24
N CYS A 50 1.54 -8.95 -0.17
CA CYS A 50 2.23 -8.93 1.13
C CYS A 50 3.13 -10.11 1.41
N SER A 51 4.42 -9.83 1.64
CA SER A 51 5.33 -10.91 1.91
C SER A 51 5.93 -10.62 3.28
N THR A 52 5.87 -11.64 4.13
CA THR A 52 6.38 -11.58 5.47
C THR A 52 6.39 -12.96 6.09
N PHE A 53 5.18 -13.43 6.32
CA PHE A 53 4.93 -14.74 6.92
C PHE A 53 3.69 -15.32 6.26
N ARG A 54 3.71 -16.58 5.81
CA ARG A 54 2.51 -17.06 5.17
C ARG A 54 1.35 -17.31 6.12
N GLY A 55 0.18 -17.17 5.52
CA GLY A 55 -1.11 -17.34 6.15
C GLY A 55 -1.77 -16.00 6.09
N CYS A 56 -1.03 -14.95 5.78
CA CYS A 56 -1.65 -13.64 5.71
C CYS A 56 -2.50 -13.42 4.48
N PRO A 57 -3.81 -13.17 4.65
CA PRO A 57 -4.69 -12.94 3.53
C PRO A 57 -4.65 -11.42 3.35
N ALA A 58 -4.05 -10.90 2.29
CA ALA A 58 -3.99 -9.42 2.06
C ALA A 58 -3.18 -9.05 0.83
N ARG A 59 -3.71 -8.05 0.16
CA ARG A 59 -3.16 -7.48 -1.05
C ARG A 59 -3.33 -5.98 -0.95
N LYS A 60 -2.48 -5.20 -1.60
CA LYS A 60 -2.67 -3.75 -1.54
C LYS A 60 -2.30 -3.06 -2.83
N HIS A 61 -2.81 -1.84 -2.96
CA HIS A 61 -2.54 -1.03 -4.12
C HIS A 61 -2.00 0.32 -3.70
N VAL A 62 -1.02 0.80 -4.44
CA VAL A 62 -0.39 2.08 -4.18
C VAL A 62 -0.75 3.07 -5.26
N GLU A 63 -1.24 4.21 -4.83
CA GLU A 63 -1.67 5.24 -5.71
C GLU A 63 -1.31 6.59 -5.14
N ARG A 64 -1.29 7.59 -5.97
CA ARG A 64 -0.94 8.91 -5.59
C ARG A 64 -2.10 9.88 -5.77
N ALA A 65 -2.20 10.83 -4.86
CA ALA A 65 -3.27 11.81 -4.92
C ALA A 65 -3.05 12.74 -6.09
N LEU A 66 -4.06 12.75 -6.95
CA LEU A 66 -4.12 13.53 -8.15
C LEU A 66 -4.24 15.01 -7.82
N ASP A 67 -5.06 15.30 -6.82
CA ASP A 67 -5.30 16.69 -6.41
C ASP A 67 -3.98 17.23 -5.94
N ASP A 68 -3.37 16.41 -5.11
CA ASP A 68 -2.10 16.69 -4.48
C ASP A 68 -1.16 15.60 -4.98
N PRO A 69 -0.32 15.88 -5.99
CA PRO A 69 0.63 14.88 -6.53
C PRO A 69 1.62 14.46 -5.48
N ALA A 70 1.89 15.39 -4.58
CA ALA A 70 2.79 15.18 -3.49
C ALA A 70 2.30 14.13 -2.49
N MET A 71 0.98 14.00 -2.24
CA MET A 71 0.56 13.01 -1.28
C MET A 71 0.32 11.62 -1.86
N LEU A 72 0.43 10.61 -0.97
CA LEU A 72 0.32 9.22 -1.34
C LEU A 72 -0.97 8.59 -0.84
N ILE A 73 -1.53 7.72 -1.66
CA ILE A 73 -2.80 7.04 -1.37
C ILE A 73 -2.58 5.53 -1.25
N VAL A 74 -3.02 4.89 -0.18
CA VAL A 74 -2.76 3.47 -0.13
C VAL A 74 -4.05 2.78 0.23
N THR A 75 -4.32 1.72 -0.50
CA THR A 75 -5.53 0.97 -0.29
C THR A 75 -5.15 -0.44 0.13
N TYR A 76 -5.74 -0.90 1.21
CA TYR A 76 -5.44 -2.22 1.72
C TYR A 76 -6.67 -3.11 1.67
N GLU A 77 -6.43 -4.38 1.32
CA GLU A 77 -7.49 -5.37 1.21
C GLU A 77 -7.10 -6.54 2.10
N GLY A 78 -8.03 -7.10 2.88
CA GLY A 78 -7.64 -8.21 3.71
C GLY A 78 -7.04 -7.65 4.95
N GLU A 79 -6.44 -8.49 5.75
CA GLU A 79 -5.86 -8.00 6.96
C GLU A 79 -4.56 -8.71 7.24
N HIS A 80 -3.77 -8.08 8.07
CA HIS A 80 -2.48 -8.59 8.47
C HIS A 80 -2.55 -9.26 9.83
N ARG A 81 -1.90 -10.43 9.94
CA ARG A 81 -1.88 -11.16 11.18
C ARG A 81 -0.50 -11.00 11.78
N HIS A 82 0.30 -10.14 11.16
CA HIS A 82 1.65 -9.90 11.63
C HIS A 82 1.72 -8.97 12.82
N ASN A 83 2.21 -9.56 13.90
CA ASN A 83 2.38 -8.91 15.19
C ASN A 83 3.86 -8.69 15.35
N GLN A 84 4.30 -7.48 15.70
CA GLN A 84 5.73 -7.23 15.84
C GLN A 84 6.27 -8.09 17.00
N SER A 85 5.56 -8.19 18.10
CA SER A 85 6.01 -9.02 19.24
C SER A 85 6.16 -10.51 18.84
N ALA A 86 5.19 -11.10 18.08
CA ALA A 86 5.30 -12.53 17.64
C ALA A 86 6.53 -12.78 16.72
N MET A 87 6.87 -11.80 15.85
CA MET A 87 8.01 -11.92 14.91
C MET A 87 9.27 -12.00 15.69
N LEU A 88 9.31 -11.23 16.72
CA LEU A 88 10.44 -11.26 17.53
C LEU A 88 10.76 -12.56 18.17
N GLU A 89 9.58 -12.94 18.56
CA GLU A 89 8.96 -14.06 19.23
C GLU A 89 9.12 -15.38 17.48
ZN ZN B . 0.58 -9.41 5.79
N SER A 2 -21.78 -9.10 -5.31
CA SER A 2 -22.05 -10.37 -6.06
C SER A 2 -22.89 -11.44 -5.04
N ARG A 3 -22.14 -11.07 -3.77
CA ARG A 3 -22.19 -11.04 -2.14
C ARG A 3 -21.25 -9.66 -1.96
N LYS A 4 -21.39 -8.58 -1.03
CA LYS A 4 -20.29 -7.38 -1.07
C LYS A 4 -18.83 -7.62 -0.56
N ASN A 5 -17.83 -6.99 -1.37
CA ASN A 5 -16.28 -6.90 -1.14
C ASN A 5 -15.73 -5.55 -0.45
N ARG A 6 -15.28 -5.62 0.88
CA ARG A 6 -14.78 -4.42 1.63
C ARG A 6 -13.29 -4.11 1.33
N MET A 7 -13.09 -2.82 1.17
CA MET A 7 -11.82 -2.14 0.88
C MET A 7 -11.64 -0.96 1.82
N LYS A 8 -10.39 -0.67 2.22
CA LYS A 8 -10.17 0.45 3.11
C LYS A 8 -9.10 1.30 2.49
N ARG A 9 -9.29 2.60 2.70
CA ARG A 9 -8.41 3.64 2.21
C ARG A 9 -7.83 4.56 3.27
N THR A 10 -6.52 4.67 3.14
CA THR A 10 -5.68 5.46 4.01
C THR A 10 -4.75 6.31 3.16
N VAL A 11 -4.19 7.34 3.77
CA VAL A 11 -3.28 8.22 3.05
C VAL A 11 -1.98 8.36 3.83
N ARG A 12 -0.91 8.65 3.13
CA ARG A 12 0.39 8.80 3.75
C ARG A 12 1.21 9.95 3.19
N VAL A 13 1.89 10.65 4.09
CA VAL A 13 2.73 11.79 3.71
C VAL A 13 3.59 12.20 4.90
N PRO A 14 4.54 11.35 5.34
CA PRO A 14 5.40 11.66 6.48
C PRO A 14 6.57 12.61 6.22
N ALA A 15 6.90 13.23 7.33
CA ALA A 15 7.94 14.21 7.52
C ALA A 15 9.34 13.66 7.30
N ILE A 16 9.58 12.43 7.71
CA ILE A 16 10.92 11.88 7.70
C ILE A 16 11.52 11.71 6.31
N SER A 17 10.69 11.21 5.36
CA SER A 17 11.14 11.00 3.99
C SER A 17 11.30 12.32 3.19
N ALA A 18 12.08 12.23 2.11
CA ALA A 18 12.41 13.33 1.16
C ALA A 18 12.62 12.96 -0.33
N LYS A 19 13.81 12.36 -0.63
CA LYS A 19 14.16 11.95 -2.01
C LYS A 19 13.23 10.89 -2.60
N ILE A 20 12.84 9.90 -1.81
CA ILE A 20 11.95 8.85 -2.32
C ILE A 20 10.56 9.23 -1.86
N ALA A 21 10.11 10.21 -2.61
CA ALA A 21 8.83 10.87 -2.52
C ALA A 21 7.72 9.86 -2.81
N ASP A 22 7.91 8.96 -3.81
CA ASP A 22 6.86 7.97 -4.17
C ASP A 22 7.41 6.58 -3.97
N ILE A 23 6.48 5.70 -3.92
CA ILE A 23 6.73 4.31 -3.76
C ILE A 23 7.79 4.23 -2.70
N PRO A 24 7.40 4.56 -1.50
CA PRO A 24 8.29 4.54 -0.35
C PRO A 24 8.31 3.22 0.43
N PRO A 25 9.36 3.05 1.28
CA PRO A 25 9.57 1.86 2.11
C PRO A 25 8.59 1.75 3.27
N ASP A 26 8.21 0.54 3.62
CA ASP A 26 7.29 0.31 4.71
C ASP A 26 7.95 -0.53 5.80
N GLU A 27 7.32 -0.53 6.97
CA GLU A 27 7.82 -1.30 8.10
C GLU A 27 7.78 -2.77 7.74
N TYR A 28 6.82 -3.11 6.89
CA TYR A 28 6.61 -4.46 6.41
C TYR A 28 6.97 -4.60 4.95
N SER A 29 7.55 -5.74 4.60
CA SER A 29 7.94 -5.97 3.23
C SER A 29 6.72 -6.22 2.35
N TRP A 30 6.88 -5.97 1.06
CA TRP A 30 5.82 -6.12 0.08
C TRP A 30 6.36 -6.76 -1.19
N ARG A 31 5.48 -7.15 -2.10
CA ARG A 31 5.93 -7.75 -3.33
C ARG A 31 5.16 -7.08 -4.42
N LYS A 32 5.81 -6.79 -5.49
CA LYS A 32 5.10 -6.15 -6.58
C LYS A 32 4.46 -7.06 -7.62
N TYR A 33 3.41 -6.49 -8.18
CA TYR A 33 2.61 -7.11 -9.20
C TYR A 33 2.46 -6.09 -10.34
N GLY A 34 1.74 -6.45 -11.40
CA GLY A 34 1.61 -5.56 -12.54
C GLY A 34 1.03 -4.19 -12.21
N GLN A 35 1.22 -3.23 -13.12
CA GLN A 35 0.71 -1.88 -12.94
C GLN A 35 -0.48 -1.59 -13.87
N LYS A 36 -1.33 -0.65 -13.48
CA LYS A 36 -2.52 -0.29 -14.26
C LYS A 36 -2.70 1.23 -14.42
N PRO A 37 -2.26 1.79 -15.57
CA PRO A 37 -2.33 3.22 -15.85
C PRO A 37 -3.76 3.80 -15.71
N ILE A 38 -3.85 5.02 -15.18
CA ILE A 38 -5.13 5.72 -14.98
C ILE A 38 -5.15 6.91 -15.91
N LYS A 39 -6.09 7.05 -16.86
CA LYS A 39 -5.99 8.24 -17.69
C LYS A 39 -6.45 9.49 -16.96
N GLY A 40 -5.71 10.53 -17.27
CA GLY A 40 -5.85 11.87 -16.79
C GLY A 40 -5.18 11.99 -15.45
N SER A 41 -4.60 10.93 -14.95
CA SER A 41 -3.93 10.97 -13.67
C SER A 41 -2.49 10.52 -13.82
N PRO A 42 -1.45 11.33 -13.84
CA PRO A 42 -0.18 10.69 -14.00
C PRO A 42 0.05 9.83 -12.78
N HIS A 43 0.82 8.81 -13.05
CA HIS A 43 1.22 7.80 -12.08
C HIS A 43 0.24 6.63 -12.12
N PRO A 44 0.70 5.41 -12.44
CA PRO A 44 -0.18 4.25 -12.53
C PRO A 44 -0.51 3.59 -11.19
N ARG A 45 -1.61 2.86 -11.10
CA ARG A 45 -1.94 2.21 -9.84
C ARG A 45 -1.21 0.90 -9.85
N GLY A 46 -0.42 0.68 -8.83
CA GLY A 46 0.33 -0.59 -8.75
C GLY A 46 -0.30 -1.60 -7.83
N TYR A 47 -0.27 -2.88 -8.20
CA TYR A 47 -0.79 -3.90 -7.33
C TYR A 47 0.34 -4.50 -6.54
N TYR A 48 0.10 -4.72 -5.24
CA TYR A 48 1.11 -5.28 -4.34
C TYR A 48 0.45 -6.29 -3.43
N LYS A 49 1.25 -7.27 -3.10
CA LYS A 49 0.86 -8.37 -2.26
C LYS A 49 1.72 -8.26 -1.01
N CYS A 50 1.20 -8.75 0.13
CA CYS A 50 1.97 -8.71 1.38
C CYS A 50 3.11 -9.70 1.48
N SER A 51 4.31 -9.20 1.75
CA SER A 51 5.44 -10.09 1.85
C SER A 51 6.01 -9.88 3.25
N THR A 52 6.09 -10.98 3.98
CA THR A 52 6.62 -11.00 5.33
C THR A 52 6.72 -12.42 5.81
N PHE A 53 5.55 -13.01 5.94
CA PHE A 53 5.40 -14.39 6.40
C PHE A 53 4.14 -14.96 5.75
N ARG A 54 4.18 -16.16 5.17
CA ARG A 54 2.97 -16.64 4.56
C ARG A 54 1.89 -17.08 5.55
N GLY A 55 0.68 -16.98 5.05
CA GLY A 55 -0.55 -17.31 5.72
C GLY A 55 -1.15 -16.01 6.16
N CYS A 56 -1.14 -15.01 5.30
CA CYS A 56 -1.70 -13.74 5.68
C CYS A 56 -2.56 -13.07 4.63
N PRO A 57 -3.88 -13.16 4.73
CA PRO A 57 -4.76 -12.51 3.78
C PRO A 57 -4.27 -11.07 3.75
N ALA A 58 -4.02 -10.48 2.59
CA ALA A 58 -3.52 -9.08 2.50
C ALA A 58 -2.94 -8.75 1.13
N ARG A 59 -3.65 -7.85 0.48
CA ARG A 59 -3.36 -7.36 -0.85
C ARG A 59 -3.50 -5.86 -0.79
N LYS A 60 -2.71 -5.11 -1.55
CA LYS A 60 -2.86 -3.66 -1.51
C LYS A 60 -2.46 -3.00 -2.82
N HIS A 61 -2.97 -1.79 -3.00
CA HIS A 61 -2.67 -1.00 -4.17
C HIS A 61 -2.09 0.34 -3.76
N VAL A 62 -1.10 0.79 -4.51
CA VAL A 62 -0.40 2.03 -4.25
C VAL A 62 -0.74 3.03 -5.33
N GLU A 63 -1.20 4.19 -4.90
CA GLU A 63 -1.58 5.23 -5.79
C GLU A 63 -1.29 6.57 -5.16
N ARG A 64 -1.29 7.60 -5.95
CA ARG A 64 -0.99 8.91 -5.51
C ARG A 64 -2.17 9.86 -5.73
N ALA A 65 -2.37 10.76 -4.78
CA ALA A 65 -3.46 11.71 -4.87
C ALA A 65 -3.15 12.76 -5.91
N LEU A 66 -4.09 12.86 -6.84
CA LEU A 66 -4.06 13.78 -7.95
C LEU A 66 -4.23 15.20 -7.46
N ASP A 67 -5.11 15.36 -6.47
CA ASP A 67 -5.39 16.67 -5.91
C ASP A 67 -4.10 17.18 -5.30
N ASP A 68 -3.48 16.24 -4.62
CA ASP A 68 -2.23 16.45 -3.92
C ASP A 68 -1.27 15.42 -4.50
N PRO A 69 -0.54 15.76 -5.58
CA PRO A 69 0.45 14.84 -6.17
C PRO A 69 1.39 14.32 -5.12
N ALA A 70 1.73 15.20 -4.20
CA ALA A 70 2.60 14.89 -3.10
C ALA A 70 2.02 13.83 -2.16
N MET A 71 0.70 13.73 -1.98
CA MET A 71 0.22 12.73 -1.06
C MET A 71 -0.03 11.37 -1.66
N LEU A 72 0.14 10.32 -0.81
CA LEU A 72 0.02 8.94 -1.22
C LEU A 72 -1.28 8.31 -0.78
N ILE A 73 -1.80 7.43 -1.62
CA ILE A 73 -3.08 6.75 -1.38
C ILE A 73 -2.87 5.24 -1.25
N VAL A 74 -3.35 4.61 -0.19
CA VAL A 74 -3.08 3.19 -0.11
C VAL A 74 -4.38 2.49 0.21
N THR A 75 -4.62 1.45 -0.57
CA THR A 75 -5.83 0.67 -0.40
C THR A 75 -5.45 -0.68 0.16
N TYR A 76 -6.05 -1.03 1.28
CA TYR A 76 -5.74 -2.29 1.94
C TYR A 76 -6.93 -3.22 1.89
N GLU A 77 -6.63 -4.50 1.70
CA GLU A 77 -7.65 -5.55 1.64
C GLU A 77 -7.12 -6.75 2.41
N GLY A 78 -7.98 -7.58 2.97
CA GLY A 78 -7.44 -8.72 3.68
C GLY A 78 -7.08 -8.26 5.04
N GLU A 79 -6.43 -9.11 5.80
CA GLU A 79 -6.07 -8.71 7.13
C GLU A 79 -4.75 -9.33 7.51
N HIS A 80 -3.92 -8.51 8.12
CA HIS A 80 -2.61 -8.92 8.56
C HIS A 80 -2.67 -9.63 9.92
N ARG A 81 -1.77 -10.57 10.12
CA ARG A 81 -1.73 -11.31 11.36
C ARG A 81 -0.27 -11.47 11.74
N HIS A 82 0.50 -10.41 11.54
CA HIS A 82 1.91 -10.45 11.86
C HIS A 82 2.24 -9.89 13.24
N ASN A 83 3.08 -10.65 13.92
CA ASN A 83 3.56 -10.37 15.25
C ASN A 83 4.96 -9.80 15.08
N GLN A 84 5.36 -8.83 15.90
CA GLN A 84 6.68 -8.23 15.74
C GLN A 84 7.75 -9.32 15.99
N SER A 85 7.56 -10.18 16.99
CA SER A 85 8.53 -11.26 17.26
C SER A 85 8.66 -12.24 16.07
N ALA A 86 7.51 -12.66 15.42
CA ALA A 86 7.57 -13.60 14.25
C ALA A 86 8.34 -12.99 13.05
N MET A 87 8.18 -11.67 12.80
CA MET A 87 8.84 -10.97 11.67
C MET A 87 10.31 -11.01 11.89
N LEU A 88 10.67 -10.84 13.11
CA LEU A 88 12.02 -10.89 13.41
C LEU A 88 12.74 -12.15 13.09
N GLU A 89 11.87 -13.03 13.55
CA GLU A 89 11.73 -14.46 13.63
C GLU A 89 11.32 -14.70 11.49
ZN ZN B . 0.63 -9.40 6.11
N SER A 2 -18.75 -13.99 -1.43
CA SER A 2 -19.92 -14.93 -1.48
C SER A 2 -21.13 -14.34 -0.43
N ARG A 3 -20.23 -14.21 0.79
CA ARG A 3 -20.01 -13.48 2.23
C ARG A 3 -19.28 -12.08 1.62
N LYS A 4 -19.60 -10.71 1.84
CA LYS A 4 -18.69 -9.57 1.16
C LYS A 4 -17.25 -9.27 1.69
N ASN A 5 -16.32 -8.91 0.67
CA ASN A 5 -14.83 -8.43 0.80
C ASN A 5 -14.58 -6.85 0.89
N ARG A 6 -14.29 -6.28 2.15
CA ARG A 6 -14.06 -4.80 2.34
C ARG A 6 -12.63 -4.36 1.97
N MET A 7 -12.61 -3.11 1.53
CA MET A 7 -11.45 -2.34 1.10
C MET A 7 -11.33 -1.07 1.91
N LYS A 8 -10.11 -0.69 2.32
CA LYS A 8 -9.98 0.53 3.11
C LYS A 8 -8.81 1.29 2.52
N ARG A 9 -8.94 2.61 2.69
CA ARG A 9 -7.97 3.58 2.22
C ARG A 9 -7.40 4.49 3.28
N THR A 10 -6.11 4.69 3.10
CA THR A 10 -5.28 5.50 3.96
C THR A 10 -4.40 6.40 3.10
N VAL A 11 -3.90 7.47 3.69
CA VAL A 11 -3.04 8.39 2.95
C VAL A 11 -1.75 8.59 3.72
N ARG A 12 -0.63 8.39 3.03
CA ARG A 12 0.67 8.54 3.67
C ARG A 12 1.41 9.78 3.21
N VAL A 13 2.01 10.46 4.18
CA VAL A 13 2.78 11.67 3.92
C VAL A 13 3.41 12.18 5.21
N PRO A 14 4.59 11.66 5.60
CA PRO A 14 5.28 12.07 6.83
C PRO A 14 6.04 13.38 6.76
N ALA A 15 6.09 13.93 7.96
CA ALA A 15 6.71 15.19 8.34
C ALA A 15 8.16 15.04 8.76
N ILE A 16 8.60 13.83 8.96
CA ILE A 16 9.93 13.58 9.52
C ILE A 16 11.08 14.06 8.63
N SER A 17 10.96 13.80 7.31
CA SER A 17 11.98 14.22 6.35
C SER A 17 11.41 15.00 5.15
N ALA A 18 12.27 15.86 4.58
CA ALA A 18 11.99 16.75 3.41
C ALA A 18 11.62 16.06 2.07
N LYS A 19 12.32 14.93 1.77
CA LYS A 19 12.09 14.16 0.53
C LYS A 19 11.24 12.90 0.72
N ILE A 20 10.45 12.54 -0.28
CA ILE A 20 9.60 11.34 -0.16
C ILE A 20 9.95 10.48 -1.34
N ALA A 21 9.45 9.27 -1.18
CA ALA A 21 9.56 8.15 -2.05
C ALA A 21 8.21 7.47 -2.17
N ASP A 22 7.91 6.82 -3.33
CA ASP A 22 6.61 6.12 -3.52
C ASP A 22 6.76 4.68 -3.12
N ILE A 23 7.94 4.42 -2.70
CA ILE A 23 8.34 3.13 -2.25
C ILE A 23 9.18 3.38 -1.04
N PRO A 24 8.51 3.70 0.04
CA PRO A 24 9.17 3.97 1.30
C PRO A 24 9.34 2.77 2.22
N PRO A 25 10.63 2.38 2.46
CA PRO A 25 11.01 1.27 3.34
C PRO A 25 10.50 1.42 4.76
N ASP A 26 10.13 0.30 5.38
CA ASP A 26 9.62 0.32 6.73
C ASP A 26 9.69 -1.07 7.34
N GLU A 27 9.01 -1.23 8.48
CA GLU A 27 8.99 -2.51 9.17
C GLU A 27 8.31 -3.54 8.27
N TYR A 28 7.28 -3.06 7.58
CA TYR A 28 6.49 -3.87 6.67
C TYR A 28 7.15 -3.97 5.31
N SER A 29 7.01 -5.13 4.68
CA SER A 29 7.60 -5.33 3.38
C SER A 29 6.54 -5.72 2.36
N TRP A 30 6.58 -5.05 1.21
CA TRP A 30 5.63 -5.27 0.13
C TRP A 30 6.36 -5.72 -1.12
N ARG A 31 5.68 -6.44 -2.00
CA ARG A 31 6.32 -6.90 -3.22
C ARG A 31 5.50 -6.36 -4.33
N LYS A 32 6.11 -6.11 -5.44
CA LYS A 32 5.36 -5.62 -6.56
C LYS A 32 4.66 -6.63 -7.45
N TYR A 33 3.59 -6.13 -8.04
CA TYR A 33 2.74 -6.86 -8.95
C TYR A 33 2.47 -5.94 -10.15
N GLY A 34 1.72 -6.43 -11.12
CA GLY A 34 1.48 -5.64 -12.32
C GLY A 34 0.89 -4.26 -12.07
N GLN A 35 1.08 -3.35 -13.03
CA GLN A 35 0.56 -1.99 -12.94
C GLN A 35 -0.63 -1.77 -13.88
N LYS A 36 -1.37 -0.69 -13.66
CA LYS A 36 -2.55 -0.36 -14.49
C LYS A 36 -2.83 1.15 -14.57
N PRO A 37 -2.97 1.69 -15.80
CA PRO A 37 -3.17 3.12 -16.03
C PRO A 37 -4.61 3.59 -15.74
N ILE A 38 -4.75 4.87 -15.40
CA ILE A 38 -6.06 5.48 -15.09
C ILE A 38 -6.32 6.54 -16.14
N LYS A 39 -7.45 6.53 -16.87
CA LYS A 39 -7.58 7.59 -17.86
C LYS A 39 -7.85 8.94 -17.22
N GLY A 40 -7.19 9.90 -17.84
CA GLY A 40 -7.21 11.31 -17.53
C GLY A 40 -6.30 11.57 -16.35
N SER A 41 -5.60 10.56 -15.87
CA SER A 41 -4.71 10.73 -14.75
C SER A 41 -3.33 10.28 -15.14
N PRO A 42 -2.28 11.09 -15.33
CA PRO A 42 -1.06 10.45 -15.68
C PRO A 42 -0.39 10.01 -14.41
N HIS A 43 -0.35 8.71 -14.32
CA HIS A 43 0.25 7.96 -13.20
C HIS A 43 -0.37 6.58 -13.12
N PRO A 44 0.43 5.51 -13.16
CA PRO A 44 -0.07 4.14 -13.11
C PRO A 44 -0.41 3.65 -11.69
N ARG A 45 -1.44 2.81 -11.55
CA ARG A 45 -1.76 2.30 -10.22
C ARG A 45 -1.05 0.98 -10.09
N GLY A 46 -0.23 0.89 -9.07
CA GLY A 46 0.52 -0.35 -8.88
C GLY A 46 -0.12 -1.31 -7.92
N TYR A 47 -0.15 -2.61 -8.25
CA TYR A 47 -0.68 -3.58 -7.31
C TYR A 47 0.44 -4.26 -6.60
N TYR A 48 0.25 -4.49 -5.30
CA TYR A 48 1.28 -5.10 -4.46
C TYR A 48 0.64 -6.14 -3.56
N LYS A 49 1.45 -7.09 -3.21
CA LYS A 49 1.06 -8.19 -2.36
C LYS A 49 1.90 -8.03 -1.09
N CYS A 50 1.33 -8.38 0.07
CA CYS A 50 2.05 -8.27 1.34
C CYS A 50 2.95 -9.43 1.67
N SER A 51 4.26 -9.18 1.70
CA SER A 51 5.18 -10.25 2.01
C SER A 51 5.95 -9.79 3.24
N THR A 52 5.72 -10.53 4.32
CA THR A 52 6.34 -10.27 5.59
C THR A 52 6.50 -11.55 6.37
N PHE A 53 5.34 -12.06 6.76
CA PHE A 53 5.23 -13.31 7.51
C PHE A 53 4.17 -14.16 6.83
N ARG A 54 4.38 -15.48 6.70
CA ARG A 54 3.33 -16.24 6.03
C ARG A 54 2.11 -16.52 6.89
N GLY A 55 1.00 -16.46 6.21
CA GLY A 55 -0.33 -16.71 6.72
C GLY A 55 -1.08 -15.42 6.58
N CYS A 56 -0.40 -14.36 6.21
CA CYS A 56 -1.10 -13.10 6.06
C CYS A 56 -1.90 -12.98 4.77
N PRO A 57 -3.22 -12.84 4.84
CA PRO A 57 -4.04 -12.70 3.66
C PRO A 57 -4.12 -11.19 3.44
N ALA A 58 -3.52 -10.64 2.40
CA ALA A 58 -3.56 -9.17 2.14
C ALA A 58 -2.85 -8.77 0.87
N ARG A 59 -3.50 -7.85 0.18
CA ARG A 59 -3.08 -7.29 -1.09
C ARG A 59 -3.28 -5.79 -0.98
N LYS A 60 -2.52 -5.00 -1.71
CA LYS A 60 -2.73 -3.56 -1.64
C LYS A 60 -2.44 -2.86 -2.94
N HIS A 61 -3.01 -1.67 -3.07
CA HIS A 61 -2.83 -0.85 -4.24
C HIS A 61 -2.22 0.48 -3.86
N VAL A 62 -1.28 0.95 -4.67
CA VAL A 62 -0.59 2.19 -4.43
C VAL A 62 -0.89 3.17 -5.54
N GLU A 63 -1.34 4.34 -5.16
CA GLU A 63 -1.70 5.36 -6.09
C GLU A 63 -1.33 6.71 -5.53
N ARG A 64 -1.15 7.66 -6.40
CA ARG A 64 -0.76 8.97 -6.03
C ARG A 64 -1.94 9.93 -6.02
N ALA A 65 -2.01 10.78 -5.00
CA ALA A 65 -3.08 11.74 -4.89
C ALA A 65 -2.88 12.86 -5.89
N LEU A 66 -3.90 12.99 -6.73
CA LEU A 66 -3.98 13.98 -7.77
C LEU A 66 -4.13 15.37 -7.19
N ASP A 67 -4.90 15.45 -6.10
CA ASP A 67 -5.16 16.72 -5.45
C ASP A 67 -3.83 17.22 -4.95
N ASP A 68 -3.11 16.28 -4.39
CA ASP A 68 -1.81 16.49 -3.81
C ASP A 68 -0.90 15.46 -4.46
N PRO A 69 -0.21 15.82 -5.56
CA PRO A 69 0.72 14.90 -6.23
C PRO A 69 1.70 14.32 -5.24
N ALA A 70 2.08 15.17 -4.30
CA ALA A 70 2.99 14.79 -3.25
C ALA A 70 2.44 13.73 -2.32
N MET A 71 1.11 13.65 -2.08
CA MET A 71 0.65 12.63 -1.16
C MET A 71 0.32 11.30 -1.81
N LEU A 72 0.51 10.21 -1.01
CA LEU A 72 0.33 8.84 -1.46
C LEU A 72 -0.94 8.23 -0.89
N ILE A 73 -1.62 7.46 -1.72
CA ILE A 73 -2.87 6.79 -1.36
C ILE A 73 -2.67 5.29 -1.24
N VAL A 74 -3.08 4.66 -0.15
CA VAL A 74 -2.83 3.24 -0.08
C VAL A 74 -4.12 2.55 0.24
N THR A 75 -4.42 1.54 -0.56
CA THR A 75 -5.64 0.80 -0.40
C THR A 75 -5.29 -0.60 0.05
N TYR A 76 -5.91 -1.04 1.12
CA TYR A 76 -5.64 -2.35 1.67
C TYR A 76 -6.82 -3.28 1.45
N GLU A 77 -6.51 -4.53 1.07
CA GLU A 77 -7.50 -5.55 0.84
C GLU A 77 -7.17 -6.73 1.72
N GLY A 78 -8.16 -7.44 2.26
CA GLY A 78 -7.81 -8.56 3.10
C GLY A 78 -7.55 -8.03 4.46
N GLU A 79 -6.92 -8.81 5.30
CA GLU A 79 -6.65 -8.33 6.61
C GLU A 79 -5.31 -8.85 7.09
N HIS A 80 -4.54 -7.92 7.61
CA HIS A 80 -3.22 -8.21 8.12
C HIS A 80 -3.27 -8.89 9.47
N ARG A 81 -2.35 -9.82 9.69
CA ARG A 81 -2.30 -10.53 10.95
C ARG A 81 -1.15 -9.93 11.74
N HIS A 82 -0.54 -8.90 11.19
CA HIS A 82 0.58 -8.24 11.85
C HIS A 82 0.16 -7.31 12.98
N ASN A 83 0.97 -7.36 14.00
CA ASN A 83 0.82 -6.57 15.21
C ASN A 83 1.22 -5.16 14.87
N GLN A 84 0.35 -4.17 15.09
CA GLN A 84 0.70 -2.80 14.74
C GLN A 84 1.48 -2.17 15.91
N SER A 85 1.62 -2.86 17.03
CA SER A 85 2.37 -2.32 18.18
C SER A 85 3.82 -1.92 17.80
N ALA A 86 4.55 -2.75 17.00
CA ALA A 86 5.94 -2.40 16.56
C ALA A 86 5.99 -1.07 15.76
N MET A 87 4.92 -0.76 14.98
CA MET A 87 4.86 0.47 14.16
C MET A 87 4.80 1.65 15.06
N LEU A 88 4.07 1.49 16.10
CA LEU A 88 3.98 2.53 17.01
C LEU A 88 5.25 2.96 17.68
N GLU A 89 5.78 1.80 17.92
CA GLU A 89 7.00 1.27 18.49
C GLU A 89 8.23 1.77 16.75
ZN ZN B . 0.47 -8.40 5.97
N SER A 2 -24.53 -12.13 -4.22
CA SER A 2 -23.48 -11.77 -3.21
C SER A 2 -24.24 -10.95 -1.92
N ARG A 3 -23.28 -11.43 -0.84
CA ARG A 3 -22.65 -11.12 0.63
C ARG A 3 -21.67 -9.84 0.16
N LYS A 4 -21.31 -8.66 0.86
CA LYS A 4 -20.31 -7.59 0.16
C LYS A 4 -18.79 -7.57 0.53
N ASN A 5 -17.95 -7.18 -0.55
CA ASN A 5 -16.39 -6.92 -0.58
C ASN A 5 -15.91 -5.42 -0.24
N ARG A 6 -15.20 -5.20 0.95
CA ARG A 6 -14.73 -3.82 1.36
C ARG A 6 -13.22 -3.77 1.62
N MET A 7 -12.73 -2.57 1.32
CA MET A 7 -11.34 -2.12 1.42
C MET A 7 -11.25 -0.87 2.25
N LYS A 8 -10.12 -0.62 2.91
CA LYS A 8 -10.00 0.57 3.72
C LYS A 8 -8.78 1.32 3.23
N ARG A 9 -9.02 2.61 3.05
CA ARG A 9 -8.02 3.57 2.59
C ARG A 9 -7.20 4.22 3.68
N THR A 10 -5.92 4.27 3.36
CA THR A 10 -4.89 4.84 4.19
C THR A 10 -4.13 5.88 3.41
N VAL A 11 -3.94 7.05 3.99
CA VAL A 11 -3.22 8.12 3.32
C VAL A 11 -2.04 8.55 4.18
N ARG A 12 -0.86 8.59 3.57
CA ARG A 12 0.34 8.99 4.28
C ARG A 12 1.27 9.86 3.45
N VAL A 13 2.00 10.71 4.15
CA VAL A 13 2.96 11.62 3.52
C VAL A 13 4.03 12.02 4.53
N PRO A 14 4.98 11.11 4.87
CA PRO A 14 6.02 11.39 5.85
C PRO A 14 7.19 12.22 5.34
N ALA A 15 7.75 12.87 6.35
CA ALA A 15 8.87 13.76 6.32
C ALA A 15 10.09 13.24 7.06
N ILE A 16 9.93 12.16 7.78
CA ILE A 16 10.99 11.67 8.65
C ILE A 16 12.24 11.19 7.91
N SER A 17 12.02 10.45 6.80
CA SER A 17 13.13 9.94 6.00
C SER A 17 13.84 11.02 5.16
N ALA A 18 15.14 10.77 4.90
CA ALA A 18 16.07 11.64 4.12
C ALA A 18 15.71 11.93 2.64
N LYS A 19 15.21 10.88 1.94
CA LYS A 19 14.82 10.99 0.52
C LYS A 19 13.34 10.72 0.24
N ILE A 20 12.75 11.45 -0.68
CA ILE A 20 11.31 11.26 -0.99
C ILE A 20 11.28 10.47 -2.28
N ALA A 21 10.50 9.42 -2.14
CA ALA A 21 10.19 8.42 -3.11
C ALA A 21 8.70 8.11 -3.06
N ASP A 22 8.01 8.01 -4.24
CA ASP A 22 6.57 7.73 -4.27
C ASP A 22 6.35 6.27 -4.51
N ILE A 23 7.46 5.62 -4.56
CA ILE A 23 7.54 4.22 -4.77
C ILE A 23 8.61 3.74 -3.82
N PRO A 24 8.23 3.67 -2.58
CA PRO A 24 9.13 3.22 -1.52
C PRO A 24 9.11 1.73 -1.24
N PRO A 25 10.28 1.06 -1.46
CA PRO A 25 10.46 -0.37 -1.25
C PRO A 25 10.86 -0.74 0.17
N ASP A 26 10.44 -1.91 0.62
CA ASP A 26 10.76 -2.37 1.96
C ASP A 26 11.69 -3.55 1.91
N GLU A 27 12.03 -4.07 3.08
CA GLU A 27 12.91 -5.21 3.20
C GLU A 27 12.27 -6.40 2.49
N TYR A 28 10.97 -6.50 2.69
CA TYR A 28 10.16 -7.57 2.12
C TYR A 28 8.74 -7.52 2.64
N SER A 29 8.41 -6.46 3.36
CA SER A 29 7.08 -6.33 3.90
C SER A 29 6.03 -6.27 2.79
N TRP A 30 6.37 -5.57 1.72
CA TRP A 30 5.48 -5.38 0.58
C TRP A 30 6.08 -6.01 -0.66
N ARG A 31 5.25 -6.58 -1.52
CA ARG A 31 5.75 -7.18 -2.74
C ARG A 31 5.09 -6.44 -3.85
N LYS A 32 5.79 -6.21 -4.90
CA LYS A 32 5.20 -5.52 -6.01
C LYS A 32 4.95 -6.31 -7.28
N TYR A 33 3.77 -6.04 -7.81
CA TYR A 33 3.26 -6.64 -9.02
C TYR A 33 3.25 -5.54 -10.09
N GLY A 34 2.78 -5.87 -11.29
CA GLY A 34 2.81 -4.90 -12.37
C GLY A 34 1.98 -3.64 -12.11
N GLN A 35 2.09 -2.65 -13.00
CA GLN A 35 1.36 -1.40 -12.89
C GLN A 35 0.32 -1.24 -13.99
N LYS A 36 -0.75 -0.50 -13.71
CA LYS A 36 -1.83 -0.25 -14.68
C LYS A 36 -2.24 1.22 -14.77
N PRO A 37 -1.82 1.92 -15.84
CA PRO A 37 -2.11 3.33 -16.05
C PRO A 37 -3.60 3.68 -15.88
N ILE A 38 -3.89 4.83 -15.27
CA ILE A 38 -5.26 5.30 -15.03
C ILE A 38 -5.53 6.43 -16.02
N LYS A 39 -6.50 6.33 -16.94
CA LYS A 39 -6.65 7.45 -17.84
C LYS A 39 -7.31 8.65 -17.16
N GLY A 40 -6.76 9.78 -17.55
CA GLY A 40 -7.12 11.10 -17.13
C GLY A 40 -6.48 11.40 -15.79
N SER A 41 -5.73 10.47 -15.25
CA SER A 41 -5.07 10.68 -13.98
C SER A 41 -3.60 10.41 -14.12
N PRO A 42 -2.65 11.34 -14.16
CA PRO A 42 -1.31 10.87 -14.29
C PRO A 42 -0.99 10.06 -13.07
N HIS A 43 -0.06 9.17 -13.30
CA HIS A 43 0.47 8.25 -12.30
C HIS A 43 -0.34 6.94 -12.33
N PRO A 44 0.32 5.78 -12.55
CA PRO A 44 -0.38 4.50 -12.61
C PRO A 44 -0.67 3.88 -11.25
N ARG A 45 -1.64 2.96 -11.17
CA ARG A 45 -1.92 2.33 -9.89
C ARG A 45 -1.15 1.05 -9.87
N GLY A 46 -0.32 0.91 -8.86
CA GLY A 46 0.48 -0.31 -8.76
C GLY A 46 -0.17 -1.40 -7.93
N TYR A 47 0.06 -2.66 -8.28
CA TYR A 47 -0.49 -3.74 -7.48
C TYR A 47 0.58 -4.31 -6.59
N TYR A 48 0.24 -4.51 -5.32
CA TYR A 48 1.18 -5.05 -4.34
C TYR A 48 0.45 -6.02 -3.45
N LYS A 49 1.22 -6.98 -3.00
CA LYS A 49 0.75 -8.04 -2.15
C LYS A 49 1.61 -7.96 -0.89
N CYS A 50 1.05 -8.37 0.26
CA CYS A 50 1.81 -8.36 1.52
C CYS A 50 2.53 -9.64 1.86
N SER A 51 3.86 -9.58 1.91
CA SER A 51 4.60 -10.78 2.21
C SER A 51 5.44 -10.46 3.44
N THR A 52 5.28 -11.30 4.45
CA THR A 52 5.97 -11.17 5.71
C THR A 52 6.04 -12.50 6.40
N PHE A 53 4.88 -12.89 6.88
CA PHE A 53 4.68 -14.15 7.59
C PHE A 53 3.47 -14.85 6.98
N ARG A 54 3.54 -16.14 6.64
CA ARG A 54 2.36 -16.73 6.05
C ARG A 54 1.18 -16.86 6.99
N GLY A 55 0.03 -16.81 6.37
CA GLY A 55 -1.27 -16.92 6.98
C GLY A 55 -1.92 -15.57 6.78
N CYS A 56 -1.21 -14.60 6.26
CA CYS A 56 -1.81 -13.31 6.06
C CYS A 56 -2.63 -13.18 4.79
N PRO A 57 -3.95 -12.97 4.90
CA PRO A 57 -4.79 -12.83 3.74
C PRO A 57 -4.81 -11.32 3.48
N ALA A 58 -4.22 -10.83 2.40
CA ALA A 58 -4.21 -9.37 2.09
C ALA A 58 -3.51 -9.05 0.77
N ARG A 59 -4.04 -8.00 0.18
CA ARG A 59 -3.58 -7.47 -1.09
C ARG A 59 -3.70 -5.95 -1.00
N LYS A 60 -2.88 -5.21 -1.72
CA LYS A 60 -3.02 -3.75 -1.64
C LYS A 60 -2.58 -3.06 -2.91
N HIS A 61 -3.05 -1.84 -3.06
CA HIS A 61 -2.73 -1.02 -4.21
C HIS A 61 -2.17 0.32 -3.76
N VAL A 62 -1.22 0.83 -4.51
CA VAL A 62 -0.55 2.08 -4.21
C VAL A 62 -0.76 3.06 -5.34
N GLU A 63 -1.21 4.23 -4.98
CA GLU A 63 -1.49 5.26 -5.93
C GLU A 63 -1.20 6.61 -5.31
N ARG A 64 -0.98 7.59 -6.16
CA ARG A 64 -0.67 8.90 -5.73
C ARG A 64 -1.88 9.82 -5.78
N ALA A 65 -1.95 10.75 -4.82
CA ALA A 65 -3.04 11.68 -4.78
C ALA A 65 -2.94 12.66 -5.92
N LEU A 66 -4.04 12.72 -6.66
CA LEU A 66 -4.22 13.57 -7.81
C LEU A 66 -4.26 15.03 -7.40
N ASP A 67 -4.88 15.27 -6.26
CA ASP A 67 -5.05 16.64 -5.76
C ASP A 67 -3.66 17.21 -5.61
N ASP A 68 -2.87 16.41 -4.94
CA ASP A 68 -1.49 16.72 -4.63
C ASP A 68 -0.71 15.45 -4.95
N PRO A 69 0.23 15.51 -5.91
CA PRO A 69 1.03 14.32 -6.28
C PRO A 69 1.93 13.91 -5.14
N ALA A 70 2.18 14.86 -4.28
CA ALA A 70 2.99 14.66 -3.11
C ALA A 70 2.39 13.66 -2.12
N MET A 71 1.06 13.58 -1.96
CA MET A 71 0.55 12.62 -1.01
C MET A 71 0.25 11.24 -1.58
N LEU A 72 0.49 10.21 -0.74
CA LEU A 72 0.35 8.81 -1.11
C LEU A 72 -0.95 8.22 -0.60
N ILE A 73 -1.58 7.42 -1.46
CA ILE A 73 -2.86 6.78 -1.15
C ILE A 73 -2.72 5.27 -1.11
N VAL A 74 -3.16 4.59 -0.07
CA VAL A 74 -2.95 3.16 -0.08
C VAL A 74 -4.27 2.50 0.24
N THR A 75 -4.60 1.51 -0.55
CA THR A 75 -5.84 0.79 -0.38
C THR A 75 -5.50 -0.62 0.03
N TYR A 76 -6.07 -1.05 1.14
CA TYR A 76 -5.80 -2.38 1.66
C TYR A 76 -7.04 -3.25 1.57
N GLU A 77 -6.83 -4.51 1.18
CA GLU A 77 -7.90 -5.48 1.05
C GLU A 77 -7.57 -6.66 1.95
N GLY A 78 -8.54 -7.24 2.64
CA GLY A 78 -8.20 -8.34 3.49
C GLY A 78 -7.75 -7.78 4.80
N GLU A 79 -7.11 -8.58 5.60
CA GLU A 79 -6.68 -8.08 6.88
C GLU A 79 -5.32 -8.65 7.22
N HIS A 80 -4.67 -7.95 8.12
CA HIS A 80 -3.36 -8.33 8.59
C HIS A 80 -3.42 -8.95 9.98
N ARG A 81 -2.72 -10.07 10.14
CA ARG A 81 -2.68 -10.75 11.43
C ARG A 81 -1.39 -10.34 12.11
N HIS A 82 -0.66 -9.42 11.47
CA HIS A 82 0.60 -8.97 12.02
C HIS A 82 0.44 -8.05 13.23
N ASN A 83 1.42 -8.17 14.09
CA ASN A 83 1.52 -7.42 15.33
C ASN A 83 1.90 -6.00 14.94
N GLN A 84 1.12 -5.01 15.37
CA GLN A 84 1.43 -3.63 14.98
C GLN A 84 2.86 -3.28 15.47
N SER A 85 3.37 -3.97 16.47
CA SER A 85 4.73 -3.69 16.97
C SER A 85 5.81 -3.85 15.88
N ALA A 86 5.72 -4.90 14.99
CA ALA A 86 6.71 -5.09 13.89
C ALA A 86 6.73 -3.89 12.90
N MET A 87 5.55 -3.30 12.61
CA MET A 87 5.44 -2.15 11.68
C MET A 87 6.17 -1.00 12.24
N LEU A 88 6.05 -0.86 13.50
CA LEU A 88 6.72 0.19 14.12
C LEU A 88 8.20 0.20 14.01
N GLU A 89 8.46 -1.07 14.19
CA GLU A 89 9.60 -1.94 14.20
C GLU A 89 9.84 -1.94 12.02
ZN ZN B . 0.16 -8.83 6.07
N SER A 2 -21.35 -14.15 -5.11
CA SER A 2 -20.82 -13.51 -3.87
C SER A 2 -21.95 -13.74 -2.62
N ARG A 3 -20.99 -13.45 -1.47
CA ARG A 3 -20.84 -12.96 0.07
C ARG A 3 -19.70 -11.76 -0.20
N LYS A 4 -19.52 -10.50 0.43
CA LYS A 4 -18.29 -9.55 -0.04
C LYS A 4 -17.32 -8.94 1.03
N ASN A 5 -15.98 -8.81 0.55
CA ASN A 5 -14.73 -8.14 1.25
C ASN A 5 -14.49 -6.57 0.98
N ARG A 6 -14.82 -5.65 1.98
CA ARG A 6 -14.66 -4.17 1.80
C ARG A 6 -13.19 -3.71 1.87
N MET A 7 -12.95 -2.73 1.02
CA MET A 7 -11.68 -2.02 0.80
C MET A 7 -11.60 -0.81 1.71
N LYS A 8 -10.41 -0.48 2.22
CA LYS A 8 -10.28 0.66 3.09
C LYS A 8 -9.16 1.52 2.54
N ARG A 9 -9.38 2.82 2.71
CA ARG A 9 -8.46 3.86 2.29
C ARG A 9 -7.61 4.46 3.38
N THR A 10 -6.33 4.43 3.07
CA THR A 10 -5.27 4.93 3.92
C THR A 10 -4.44 5.95 3.15
N VAL A 11 -4.17 7.07 3.78
CA VAL A 11 -3.37 8.10 3.15
C VAL A 11 -2.13 8.38 3.97
N ARG A 12 -0.98 8.36 3.33
CA ARG A 12 0.28 8.60 4.03
C ARG A 12 1.09 9.74 3.43
N VAL A 13 1.73 10.49 4.31
CA VAL A 13 2.57 11.63 3.92
C VAL A 13 3.28 12.20 5.14
N PRO A 14 4.36 11.53 5.62
CA PRO A 14 5.10 12.00 6.80
C PRO A 14 6.17 13.06 6.54
N ALA A 15 5.81 14.20 7.10
CA ALA A 15 6.53 15.45 7.10
C ALA A 15 7.84 15.40 7.88
N ILE A 16 7.85 14.68 8.98
CA ILE A 16 9.00 14.71 9.87
C ILE A 16 10.28 14.12 9.28
N SER A 17 10.12 12.97 8.57
CA SER A 17 11.26 12.29 7.97
C SER A 17 11.81 13.01 6.71
N ALA A 18 13.15 13.09 6.65
CA ALA A 18 13.95 13.72 5.56
C ALA A 18 13.87 13.10 4.15
N LYS A 19 13.85 11.75 4.11
CA LYS A 19 13.79 10.99 2.83
C LYS A 19 12.43 11.05 2.14
N ILE A 20 12.41 10.99 0.81
CA ILE A 20 11.14 11.05 0.08
C ILE A 20 10.34 9.84 0.53
N ALA A 21 11.11 8.78 0.51
CA ALA A 21 10.76 7.43 0.86
C ALA A 21 9.29 7.19 0.52
N ASP A 22 8.83 7.54 -0.72
CA ASP A 22 7.43 7.35 -1.12
C ASP A 22 7.16 5.88 -1.30
N ILE A 23 8.25 5.22 -1.47
CA ILE A 23 8.29 3.80 -1.67
C ILE A 23 7.97 3.22 -0.34
N PRO A 24 6.93 2.45 -0.30
CA PRO A 24 6.50 1.78 0.91
C PRO A 24 7.60 1.47 1.93
N PRO A 25 7.20 1.23 3.19
CA PRO A 25 8.09 0.92 4.30
C PRO A 25 9.11 -0.16 3.98
N ASP A 26 10.36 0.05 4.39
CA ASP A 26 11.41 -0.91 4.14
C ASP A 26 11.47 -1.95 5.26
N GLU A 27 10.99 -1.55 6.43
CA GLU A 27 11.01 -2.43 7.59
C GLU A 27 10.14 -3.64 7.29
N TYR A 28 9.05 -3.37 6.58
CA TYR A 28 8.09 -4.38 6.18
C TYR A 28 8.28 -4.80 4.74
N SER A 29 8.34 -6.10 4.50
CA SER A 29 8.53 -6.61 3.17
C SER A 29 7.24 -6.50 2.35
N TRP A 30 7.39 -6.08 1.10
CA TRP A 30 6.28 -5.90 0.19
C TRP A 30 6.57 -6.60 -1.13
N ARG A 31 5.54 -7.15 -1.77
CA ARG A 31 5.74 -7.81 -3.03
C ARG A 31 5.03 -6.99 -4.04
N LYS A 32 5.65 -6.76 -5.15
CA LYS A 32 4.98 -5.99 -6.18
C LYS A 32 4.62 -6.72 -7.46
N TYR A 33 3.36 -6.48 -7.82
CA TYR A 33 2.74 -7.04 -8.99
C TYR A 33 2.78 -5.95 -10.09
N GLY A 34 2.26 -6.27 -11.26
CA GLY A 34 2.31 -5.31 -12.36
C GLY A 34 1.63 -3.98 -12.08
N GLN A 35 1.80 -3.01 -13.00
CA GLN A 35 1.19 -1.70 -12.86
C GLN A 35 0.14 -1.45 -13.96
N LYS A 36 -0.83 -0.59 -13.66
CA LYS A 36 -1.90 -0.26 -14.62
C LYS A 36 -2.21 1.24 -14.68
N PRO A 37 -2.26 1.82 -15.90
CA PRO A 37 -2.47 3.25 -16.11
C PRO A 37 -3.93 3.69 -15.89
N ILE A 38 -4.11 4.93 -15.42
CA ILE A 38 -5.44 5.50 -15.15
C ILE A 38 -5.66 6.60 -16.17
N LYS A 39 -6.71 6.57 -17.02
CA LYS A 39 -6.79 7.67 -17.97
C LYS A 39 -7.28 8.94 -17.30
N GLY A 40 -6.60 9.99 -17.73
CA GLY A 40 -6.80 11.36 -17.35
C GLY A 40 -6.07 11.64 -16.06
N SER A 41 -5.39 10.66 -15.52
CA SER A 41 -4.67 10.84 -14.28
C SER A 41 -3.23 10.42 -14.46
N PRO A 42 -2.18 11.23 -14.36
CA PRO A 42 -0.90 10.61 -14.57
C PRO A 42 -0.58 9.81 -13.34
N HIS A 43 0.37 8.93 -13.57
CA HIS A 43 0.89 7.99 -12.58
C HIS A 43 0.03 6.74 -12.56
N PRO A 44 0.60 5.55 -12.78
CA PRO A 44 -0.16 4.31 -12.81
C PRO A 44 -0.45 3.72 -11.43
N ARG A 45 -1.46 2.86 -11.30
CA ARG A 45 -1.76 2.28 -10.01
C ARG A 45 -1.03 0.96 -9.96
N GLY A 46 -0.29 0.76 -8.89
CA GLY A 46 0.45 -0.49 -8.76
C GLY A 46 -0.21 -1.51 -7.88
N TYR A 47 -0.05 -2.79 -8.17
CA TYR A 47 -0.61 -3.81 -7.32
C TYR A 47 0.48 -4.41 -6.47
N TYR A 48 0.19 -4.56 -5.18
CA TYR A 48 1.16 -5.09 -4.23
C TYR A 48 0.47 -6.01 -3.26
N LYS A 49 1.24 -6.93 -2.75
CA LYS A 49 0.80 -7.92 -1.81
C LYS A 49 1.70 -7.75 -0.58
N CYS A 50 1.19 -8.09 0.61
CA CYS A 50 1.98 -7.97 1.84
C CYS A 50 2.75 -9.21 2.23
N SER A 51 4.06 -9.07 2.36
CA SER A 51 4.86 -10.22 2.75
C SER A 51 5.57 -9.82 4.03
N THR A 52 5.47 -10.71 5.00
CA THR A 52 6.09 -10.54 6.30
C THR A 52 6.14 -11.86 7.02
N PHE A 53 4.96 -12.42 7.14
CA PHE A 53 4.75 -13.72 7.80
C PHE A 53 3.93 -14.59 6.86
N ARG A 54 4.19 -15.90 6.75
CA ARG A 54 3.39 -16.66 5.83
C ARG A 54 1.96 -16.93 6.30
N GLY A 55 1.08 -16.77 5.34
CA GLY A 55 -0.35 -16.95 5.46
C GLY A 55 -0.89 -15.63 5.90
N CYS A 56 -0.56 -14.56 5.22
CA CYS A 56 -1.08 -13.27 5.62
C CYS A 56 -2.08 -12.66 4.66
N PRO A 57 -3.38 -12.85 4.89
CA PRO A 57 -4.40 -12.29 4.03
C PRO A 57 -4.01 -10.82 3.91
N ALA A 58 -3.99 -10.25 2.71
CA ALA A 58 -3.63 -8.81 2.53
C ALA A 58 -3.06 -8.52 1.15
N ARG A 59 -3.82 -7.71 0.45
CA ARG A 59 -3.52 -7.24 -0.89
C ARG A 59 -3.65 -5.73 -0.86
N LYS A 60 -2.86 -5.01 -1.62
CA LYS A 60 -2.98 -3.55 -1.60
C LYS A 60 -2.57 -2.92 -2.91
N HIS A 61 -3.03 -1.69 -3.09
CA HIS A 61 -2.72 -0.91 -4.26
C HIS A 61 -2.15 0.44 -3.86
N VAL A 62 -1.18 0.91 -4.62
CA VAL A 62 -0.51 2.17 -4.35
C VAL A 62 -0.84 3.17 -5.42
N GLU A 63 -1.26 4.33 -4.98
CA GLU A 63 -1.64 5.38 -5.87
C GLU A 63 -1.29 6.72 -5.25
N ARG A 64 -1.18 7.72 -6.08
CA ARG A 64 -0.83 9.03 -5.66
C ARG A 64 -2.01 9.99 -5.76
N ALA A 65 -2.15 10.84 -4.74
CA ALA A 65 -3.25 11.80 -4.73
C ALA A 65 -2.94 12.93 -5.68
N LEU A 66 -3.92 13.13 -6.56
CA LEU A 66 -3.91 14.15 -7.58
C LEU A 66 -4.08 15.53 -6.97
N ASP A 67 -4.83 15.57 -5.87
CA ASP A 67 -5.10 16.81 -5.18
C ASP A 67 -3.77 17.38 -4.78
N ASP A 68 -2.96 16.46 -4.29
CA ASP A 68 -1.63 16.74 -3.82
C ASP A 68 -0.78 15.58 -4.32
N PRO A 69 -0.03 15.77 -5.42
CA PRO A 69 0.86 14.72 -5.94
C PRO A 69 1.73 14.15 -4.85
N ALA A 70 2.05 15.02 -3.92
CA ALA A 70 2.85 14.68 -2.78
C ALA A 70 2.22 13.63 -1.88
N MET A 71 0.88 13.59 -1.72
CA MET A 71 0.32 12.58 -0.85
C MET A 71 0.05 11.24 -1.50
N LEU A 72 0.23 10.16 -0.71
CA LEU A 72 0.10 8.79 -1.16
C LEU A 72 -1.22 8.19 -0.73
N ILE A 73 -1.84 7.46 -1.65
CA ILE A 73 -3.13 6.80 -1.41
C ILE A 73 -2.97 5.29 -1.38
N VAL A 74 -3.40 4.62 -0.32
CA VAL A 74 -3.16 3.19 -0.32
C VAL A 74 -4.46 2.50 0.05
N THR A 75 -4.78 1.49 -0.71
CA THR A 75 -5.98 0.74 -0.48
C THR A 75 -5.59 -0.63 0.04
N TYR A 76 -6.15 -1.00 1.18
CA TYR A 76 -5.82 -2.27 1.81
C TYR A 76 -7.04 -3.17 1.86
N GLU A 77 -6.79 -4.46 1.71
CA GLU A 77 -7.84 -5.48 1.75
C GLU A 77 -7.27 -6.69 2.48
N GLY A 78 -8.11 -7.50 3.11
CA GLY A 78 -7.55 -8.64 3.80
C GLY A 78 -7.13 -8.18 5.15
N GLU A 79 -6.56 -9.05 5.93
CA GLU A 79 -6.15 -8.65 7.24
C GLU A 79 -4.79 -9.24 7.55
N HIS A 80 -4.05 -8.47 8.32
CA HIS A 80 -2.71 -8.84 8.73
C HIS A 80 -2.72 -9.59 10.05
N ARG A 81 -2.38 -10.87 10.00
CA ARG A 81 -2.34 -11.67 11.20
C ARG A 81 -1.24 -11.11 12.08
N HIS A 82 -0.14 -10.73 11.44
CA HIS A 82 0.98 -10.16 12.18
C HIS A 82 0.77 -8.73 12.61
N ASN A 83 1.05 -8.53 13.88
CA ASN A 83 0.94 -7.25 14.56
C ASN A 83 2.35 -6.83 14.90
N GLN A 84 2.69 -5.55 14.73
CA GLN A 84 4.04 -5.10 15.03
C GLN A 84 4.31 -5.29 16.55
N SER A 85 3.33 -5.02 17.39
CA SER A 85 3.52 -5.18 18.85
C SER A 85 3.85 -6.65 19.23
N ALA A 86 3.54 -7.66 18.35
CA ALA A 86 3.87 -9.09 18.66
C ALA A 86 5.39 -9.33 18.85
N MET A 87 6.24 -8.60 18.08
CA MET A 87 7.71 -8.74 18.17
C MET A 87 8.17 -8.32 19.49
N LEU A 88 7.58 -7.29 19.97
CA LEU A 88 7.93 -6.84 21.23
C LEU A 88 7.71 -7.77 22.37
N GLU A 89 6.53 -8.24 22.06
CA GLU A 89 5.58 -9.20 22.56
C GLU A 89 6.75 -10.94 21.92
ZN ZN B . 0.48 -8.48 6.37
N SER A 2 -17.95 -17.86 -2.02
CA SER A 2 -17.56 -17.13 -0.76
C SER A 2 -18.89 -16.22 -0.22
N ARG A 3 -18.40 -16.04 1.20
CA ARG A 3 -18.47 -15.14 2.55
C ARG A 3 -17.59 -13.83 1.95
N LYS A 4 -17.68 -12.45 2.28
CA LYS A 4 -16.67 -11.41 1.56
C LYS A 4 -15.51 -10.73 2.38
N ASN A 5 -14.37 -10.39 1.60
CA ASN A 5 -13.08 -9.62 2.00
C ASN A 5 -13.14 -8.01 1.93
N ARG A 6 -13.16 -7.27 3.12
CA ARG A 6 -13.24 -5.77 3.14
C ARG A 6 -11.97 -5.09 2.60
N MET A 7 -12.26 -3.95 1.99
CA MET A 7 -11.32 -3.02 1.36
C MET A 7 -11.34 -1.68 2.09
N LYS A 8 -10.19 -1.23 2.59
CA LYS A 8 -10.17 0.04 3.30
C LYS A 8 -9.01 0.83 2.75
N ARG A 9 -9.18 2.14 2.90
CA ARG A 9 -8.21 3.13 2.46
C ARG A 9 -7.74 4.09 3.52
N THR A 10 -6.49 4.46 3.33
CA THR A 10 -5.76 5.37 4.18
C THR A 10 -4.88 6.27 3.32
N VAL A 11 -4.59 7.46 3.82
CA VAL A 11 -3.77 8.40 3.07
C VAL A 11 -2.62 8.86 3.95
N ARG A 12 -1.41 8.77 3.42
CA ARG A 12 -0.23 9.19 4.16
C ARG A 12 0.32 10.52 3.69
N VAL A 13 0.66 11.36 4.66
CA VAL A 13 1.21 12.69 4.39
C VAL A 13 2.33 12.99 5.38
N PRO A 14 3.45 12.23 5.35
CA PRO A 14 4.58 12.43 6.26
C PRO A 14 5.60 13.47 5.82
N ALA A 15 5.58 14.49 6.66
CA ALA A 15 6.38 15.69 6.62
C ALA A 15 7.87 15.44 6.77
N ILE A 16 8.24 14.55 7.66
CA ILE A 16 9.64 14.33 7.99
C ILE A 16 10.48 13.77 6.84
N SER A 17 9.92 12.75 6.15
CA SER A 17 10.61 12.12 5.02
C SER A 17 9.64 11.54 3.96
N ALA A 18 10.00 11.76 2.68
CA ALA A 18 9.27 11.30 1.47
C ALA A 18 9.61 9.90 0.91
N LYS A 19 10.93 9.57 0.88
CA LYS A 19 11.42 8.28 0.38
C LYS A 19 11.01 7.08 1.24
N ILE A 20 11.02 7.24 2.56
CA ILE A 20 10.67 6.13 3.45
C ILE A 20 9.24 5.79 3.12
N ALA A 21 8.52 6.87 3.09
CA ALA A 21 7.11 6.99 2.83
C ALA A 21 6.80 6.46 1.44
N ASP A 22 7.65 6.77 0.42
CA ASP A 22 7.40 6.32 -0.97
C ASP A 22 7.46 4.82 -1.01
N ILE A 23 8.42 4.35 -0.30
CA ILE A 23 8.72 2.97 -0.19
C ILE A 23 8.74 2.69 1.28
N PRO A 24 7.58 2.42 1.81
CA PRO A 24 7.43 2.14 3.23
C PRO A 24 8.61 1.44 3.89
N PRO A 25 8.63 1.46 5.25
CA PRO A 25 9.68 0.86 6.08
C PRO A 25 10.04 -0.56 5.67
N ASP A 26 11.33 -0.85 5.60
CA ASP A 26 11.80 -2.17 5.24
C ASP A 26 11.45 -3.17 6.32
N GLU A 27 10.87 -2.68 7.40
CA GLU A 27 10.48 -3.53 8.52
C GLU A 27 9.48 -4.56 8.01
N TYR A 28 8.62 -4.10 7.11
CA TYR A 28 7.60 -4.91 6.48
C TYR A 28 7.94 -5.24 5.05
N SER A 29 7.81 -6.51 4.69
CA SER A 29 8.11 -6.93 3.34
C SER A 29 6.87 -6.85 2.46
N TRP A 30 7.10 -6.57 1.18
CA TRP A 30 6.04 -6.43 0.19
C TRP A 30 6.50 -6.99 -1.14
N ARG A 31 5.56 -7.29 -2.03
CA ARG A 31 5.93 -7.81 -3.32
C ARG A 31 5.22 -6.95 -4.32
N LYS A 32 5.90 -6.54 -5.33
CA LYS A 32 5.26 -5.73 -6.33
C LYS A 32 5.01 -6.36 -7.69
N TYR A 33 3.77 -6.15 -8.12
CA TYR A 33 3.25 -6.65 -9.36
C TYR A 33 3.27 -5.47 -10.36
N GLY A 34 2.81 -5.71 -11.57
CA GLY A 34 2.86 -4.65 -12.59
C GLY A 34 2.03 -3.42 -12.25
N GLN A 35 2.10 -2.40 -13.12
CA GLN A 35 1.36 -1.16 -12.92
C GLN A 35 0.36 -0.91 -14.06
N LYS A 36 -0.83 -0.45 -13.70
CA LYS A 36 -1.88 -0.16 -14.69
C LYS A 36 -2.34 1.31 -14.68
N PRO A 37 -2.67 1.87 -15.87
CA PRO A 37 -3.04 3.27 -16.02
C PRO A 37 -4.46 3.59 -15.51
N ILE A 38 -4.67 4.84 -15.09
CA ILE A 38 -5.97 5.30 -14.58
C ILE A 38 -6.43 6.44 -15.48
N LYS A 39 -7.63 6.40 -16.09
CA LYS A 39 -7.94 7.55 -16.94
C LYS A 39 -8.28 8.79 -16.13
N GLY A 40 -7.77 9.86 -16.67
CA GLY A 40 -7.88 11.22 -16.19
C GLY A 40 -6.89 11.45 -15.09
N SER A 41 -6.09 10.46 -14.75
CA SER A 41 -5.11 10.60 -13.70
C SER A 41 -3.75 10.20 -14.20
N PRO A 42 -2.77 11.05 -14.51
CA PRO A 42 -1.57 10.45 -14.99
C PRO A 42 -0.74 10.04 -13.79
N HIS A 43 -0.61 8.74 -13.71
CA HIS A 43 0.16 8.05 -12.68
C HIS A 43 -0.33 6.60 -12.57
N PRO A 44 0.42 5.64 -13.11
CA PRO A 44 0.04 4.23 -13.05
C PRO A 44 -0.20 3.70 -11.64
N ARG A 45 -1.23 2.86 -11.44
CA ARG A 45 -1.47 2.34 -10.10
C ARG A 45 -0.71 1.04 -10.02
N GLY A 46 -0.02 0.86 -8.91
CA GLY A 46 0.75 -0.38 -8.76
C GLY A 46 0.07 -1.42 -7.91
N TYR A 47 0.18 -2.69 -8.28
CA TYR A 47 -0.40 -3.74 -7.46
C TYR A 47 0.67 -4.38 -6.63
N TYR A 48 0.39 -4.55 -5.34
CA TYR A 48 1.35 -5.12 -4.39
C TYR A 48 0.63 -6.11 -3.51
N LYS A 49 1.39 -7.10 -3.13
CA LYS A 49 0.94 -8.18 -2.29
C LYS A 49 1.75 -8.08 -1.01
N CYS A 50 1.18 -8.52 0.12
CA CYS A 50 1.89 -8.47 1.41
C CYS A 50 2.72 -9.69 1.73
N SER A 51 4.01 -9.48 1.96
CA SER A 51 4.87 -10.60 2.27
C SER A 51 5.51 -10.27 3.61
N THR A 52 5.80 -11.33 4.37
CA THR A 52 6.42 -11.23 5.66
C THR A 52 6.34 -12.56 6.37
N PHE A 53 5.11 -13.02 6.46
CA PHE A 53 4.77 -14.29 7.10
C PHE A 53 3.63 -14.93 6.32
N ARG A 54 3.74 -16.19 5.88
CA ARG A 54 2.62 -16.71 5.12
C ARG A 54 1.41 -17.08 5.97
N GLY A 55 0.28 -16.71 5.39
CA GLY A 55 -1.04 -16.92 5.93
C GLY A 55 -1.57 -15.56 6.26
N CYS A 56 -1.57 -14.65 5.31
CA CYS A 56 -2.08 -13.33 5.61
C CYS A 56 -2.94 -12.71 4.53
N PRO A 57 -4.26 -12.86 4.60
CA PRO A 57 -5.14 -12.28 3.62
C PRO A 57 -4.73 -10.81 3.57
N ALA A 58 -4.15 -10.32 2.49
CA ALA A 58 -3.72 -8.90 2.40
C ALA A 58 -3.00 -8.58 1.09
N ARG A 59 -3.66 -7.70 0.36
CA ARG A 59 -3.21 -7.22 -0.94
C ARG A 59 -3.38 -5.71 -0.91
N LYS A 60 -2.56 -4.97 -1.63
CA LYS A 60 -2.71 -3.53 -1.61
C LYS A 60 -2.29 -2.87 -2.91
N HIS A 61 -2.78 -1.66 -3.11
CA HIS A 61 -2.46 -0.87 -4.28
C HIS A 61 -1.92 0.48 -3.86
N VAL A 62 -0.94 0.96 -4.62
CA VAL A 62 -0.28 2.22 -4.34
C VAL A 62 -0.66 3.23 -5.39
N GLU A 63 -1.11 4.38 -4.93
CA GLU A 63 -1.52 5.43 -5.79
C GLU A 63 -1.19 6.76 -5.16
N ARG A 64 -1.04 7.76 -5.99
CA ARG A 64 -0.69 9.07 -5.56
C ARG A 64 -1.86 10.05 -5.72
N ALA A 65 -2.02 10.93 -4.74
CA ALA A 65 -3.09 11.90 -4.78
C ALA A 65 -2.78 12.96 -5.80
N LEU A 66 -3.83 13.27 -6.57
CA LEU A 66 -3.81 14.26 -7.61
C LEU A 66 -3.84 15.66 -7.04
N ASP A 67 -4.44 15.78 -5.86
CA ASP A 67 -4.57 17.07 -5.20
C ASP A 67 -3.16 17.62 -5.06
N ASP A 68 -2.33 16.75 -4.54
CA ASP A 68 -0.93 17.00 -4.30
C ASP A 68 -0.20 15.72 -4.66
N PRO A 69 0.82 15.78 -5.51
CA PRO A 69 1.57 14.58 -5.91
C PRO A 69 2.31 13.99 -4.74
N ALA A 70 2.60 14.87 -3.80
CA ALA A 70 3.28 14.50 -2.59
C ALA A 70 2.48 13.54 -1.71
N MET A 71 1.14 13.61 -1.67
CA MET A 71 0.43 12.68 -0.83
C MET A 71 0.17 11.32 -1.45
N LEU A 72 0.35 10.26 -0.61
CA LEU A 72 0.23 8.89 -1.03
C LEU A 72 -1.09 8.26 -0.59
N ILE A 73 -1.69 7.51 -1.50
CA ILE A 73 -2.97 6.86 -1.28
C ILE A 73 -2.80 5.34 -1.19
N VAL A 74 -3.28 4.70 -0.13
CA VAL A 74 -3.03 3.28 -0.07
C VAL A 74 -4.33 2.58 0.19
N THR A 75 -4.57 1.54 -0.57
CA THR A 75 -5.78 0.77 -0.45
C THR A 75 -5.40 -0.62 0.03
N TYR A 76 -6.06 -1.06 1.09
CA TYR A 76 -5.76 -2.36 1.65
C TYR A 76 -6.99 -3.25 1.60
N GLU A 77 -6.76 -4.54 1.33
CA GLU A 77 -7.82 -5.53 1.26
C GLU A 77 -7.37 -6.74 2.05
N GLY A 78 -8.27 -7.45 2.72
CA GLY A 78 -7.81 -8.58 3.47
C GLY A 78 -7.45 -8.12 4.84
N GLU A 79 -6.83 -8.95 5.62
CA GLU A 79 -6.47 -8.53 6.93
C GLU A 79 -5.15 -9.15 7.33
N HIS A 80 -4.35 -8.33 7.97
CA HIS A 80 -3.04 -8.73 8.44
C HIS A 80 -3.11 -9.52 9.73
N ARG A 81 -2.20 -10.46 9.91
CA ARG A 81 -2.16 -11.24 11.12
C ARG A 81 -0.70 -11.44 11.48
N HIS A 82 0.05 -10.35 11.45
CA HIS A 82 1.47 -10.42 11.78
C HIS A 82 1.79 -9.96 13.19
N ASN A 83 2.40 -10.88 13.90
CA ASN A 83 2.83 -10.72 15.28
C ASN A 83 4.34 -10.68 15.25
N GLN A 84 4.96 -9.78 16.01
CA GLN A 84 6.42 -9.68 15.97
C GLN A 84 7.02 -11.02 16.48
N SER A 85 6.42 -11.63 17.49
CA SER A 85 6.93 -12.92 18.00
C SER A 85 6.94 -14.02 16.91
N ALA A 86 5.96 -14.03 15.95
CA ALA A 86 5.93 -15.04 14.86
C ALA A 86 7.18 -14.95 13.93
N MET A 87 7.65 -13.70 13.63
CA MET A 87 8.84 -13.48 12.77
C MET A 87 10.03 -14.01 13.45
N LEU A 88 10.06 -13.82 14.71
CA LEU A 88 11.14 -14.31 15.44
C LEU A 88 11.40 -15.78 15.38
N GLU A 89 10.18 -16.22 15.51
CA GLU A 89 9.50 -17.49 15.54
C GLU A 89 9.59 -17.77 13.35
ZN ZN B . 0.31 -9.01 6.06
N SER A 2 -24.54 -11.43 -4.37
CA SER A 2 -23.49 -11.33 -3.32
C SER A 2 -24.24 -10.93 -1.85
N ARG A 3 -23.14 -11.48 -0.95
CA ARG A 3 -22.44 -11.41 0.52
C ARG A 3 -21.58 -9.99 0.25
N LYS A 4 -21.24 -8.94 1.16
CA LYS A 4 -20.36 -7.70 0.62
C LYS A 4 -18.81 -7.66 0.83
N ASN A 5 -18.10 -7.06 -0.25
CA ASN A 5 -16.56 -6.74 -0.37
C ASN A 5 -16.07 -5.31 0.18
N ARG A 6 -15.30 -5.26 1.35
CA ARG A 6 -14.81 -3.96 1.95
C ARG A 6 -13.30 -3.76 1.77
N MET A 7 -13.01 -2.50 1.47
CA MET A 7 -11.68 -1.92 1.24
C MET A 7 -11.49 -0.72 2.13
N LYS A 8 -10.25 -0.47 2.58
CA LYS A 8 -10.01 0.66 3.45
C LYS A 8 -8.83 1.41 2.89
N ARG A 9 -8.93 2.73 3.07
CA ARG A 9 -7.94 3.69 2.63
C ARG A 9 -7.12 4.32 3.72
N THR A 10 -5.84 4.40 3.40
CA THR A 10 -4.81 4.96 4.24
C THR A 10 -4.04 6.01 3.46
N VAL A 11 -3.75 7.13 4.11
CA VAL A 11 -3.00 8.18 3.47
C VAL A 11 -1.64 8.33 4.14
N ARG A 12 -0.62 8.57 3.33
CA ARG A 12 0.73 8.70 3.87
C ARG A 12 1.50 9.86 3.25
N VAL A 13 2.16 10.63 4.11
CA VAL A 13 2.95 11.78 3.69
C VAL A 13 3.59 12.44 4.91
N PRO A 14 4.72 11.89 5.43
CA PRO A 14 5.38 12.44 6.60
C PRO A 14 6.26 13.66 6.37
N ALA A 15 6.16 14.49 7.38
CA ALA A 15 6.82 15.76 7.56
C ALA A 15 8.32 15.64 7.74
N ILE A 16 8.77 14.63 8.45
CA ILE A 16 10.18 14.52 8.82
C ILE A 16 11.12 14.32 7.64
N SER A 17 10.72 13.45 6.69
CA SER A 17 11.53 13.17 5.51
C SER A 17 11.52 14.30 4.47
N ALA A 18 12.71 14.59 3.92
CA ALA A 18 13.00 15.63 2.91
C ALA A 18 12.33 15.49 1.52
N LYS A 19 12.26 14.22 1.03
CA LYS A 19 11.65 13.92 -0.29
C LYS A 19 10.58 12.82 -0.23
N ILE A 20 9.56 12.93 -1.07
CA ILE A 20 8.49 11.92 -1.07
C ILE A 20 8.95 10.84 -2.03
N ALA A 21 8.88 9.67 -1.43
CA ALA A 21 9.22 8.39 -1.97
C ALA A 21 7.95 7.59 -2.24
N ASP A 22 7.78 7.02 -3.46
CA ASP A 22 6.57 6.25 -3.81
C ASP A 22 6.82 4.80 -3.54
N ILE A 23 7.95 4.59 -2.99
CA ILE A 23 8.44 3.30 -2.64
C ILE A 23 9.22 3.51 -1.37
N PRO A 24 8.50 3.73 -0.31
CA PRO A 24 9.09 3.94 1.00
C PRO A 24 9.24 2.69 1.86
N PRO A 25 10.51 2.27 2.10
CA PRO A 25 10.88 1.11 2.90
C PRO A 25 10.37 1.20 4.35
N ASP A 26 9.98 0.06 4.91
CA ASP A 26 9.49 0.01 6.27
C ASP A 26 9.81 -1.33 6.90
N GLU A 27 9.29 -1.52 8.10
CA GLU A 27 9.51 -2.76 8.84
C GLU A 27 8.85 -3.91 8.08
N TYR A 28 7.69 -3.58 7.50
CA TYR A 28 6.90 -4.53 6.74
C TYR A 28 7.36 -4.63 5.31
N SER A 29 7.41 -5.84 4.79
CA SER A 29 7.84 -6.05 3.43
C SER A 29 6.65 -6.14 2.48
N TRP A 30 6.79 -5.50 1.32
CA TRP A 30 5.73 -5.45 0.32
C TRP A 30 6.24 -6.07 -0.98
N ARG A 31 5.35 -6.73 -1.71
CA ARG A 31 5.74 -7.33 -2.96
C ARG A 31 5.08 -6.53 -4.03
N LYS A 32 5.76 -6.30 -5.10
CA LYS A 32 5.15 -5.54 -6.16
C LYS A 32 4.88 -6.25 -7.47
N TYR A 33 3.73 -5.89 -8.01
CA TYR A 33 3.21 -6.41 -9.24
C TYR A 33 3.19 -5.24 -10.25
N GLY A 34 2.75 -5.50 -11.47
CA GLY A 34 2.76 -4.46 -12.49
C GLY A 34 1.92 -3.23 -12.16
N GLN A 35 2.07 -2.17 -12.96
CA GLN A 35 1.31 -0.94 -12.77
C GLN A 35 0.37 -0.67 -13.94
N LYS A 36 -0.81 -0.12 -13.63
CA LYS A 36 -1.80 0.21 -14.67
C LYS A 36 -2.33 1.66 -14.57
N PRO A 37 -2.66 2.28 -15.72
CA PRO A 37 -3.12 3.65 -15.80
C PRO A 37 -4.56 3.85 -15.28
N ILE A 38 -4.87 5.06 -14.81
CA ILE A 38 -6.20 5.41 -14.28
C ILE A 38 -6.74 6.54 -15.16
N LYS A 39 -7.94 6.43 -15.76
CA LYS A 39 -8.34 7.56 -16.59
C LYS A 39 -8.80 8.73 -15.75
N GLY A 40 -8.32 9.87 -16.21
CA GLY A 40 -8.56 11.19 -15.68
C GLY A 40 -7.61 11.45 -14.53
N SER A 41 -6.75 10.51 -14.20
CA SER A 41 -5.81 10.70 -13.13
C SER A 41 -4.42 10.41 -13.62
N PRO A 42 -3.40 11.28 -13.60
CA PRO A 42 -2.17 10.80 -14.14
C PRO A 42 -1.55 9.92 -13.10
N HIS A 43 -0.57 9.19 -13.59
CA HIS A 43 0.23 8.24 -12.83
C HIS A 43 -0.59 6.97 -12.59
N PRO A 44 -0.04 5.79 -12.92
CA PRO A 44 -0.75 4.53 -12.75
C PRO A 44 -0.72 3.98 -11.32
N ARG A 45 -1.73 3.19 -10.91
CA ARG A 45 -1.71 2.65 -9.57
C ARG A 45 -0.95 1.35 -9.65
N GLY A 46 -0.24 1.04 -8.60
CA GLY A 46 0.53 -0.22 -8.60
C GLY A 46 -0.10 -1.31 -7.80
N TYR A 47 -0.02 -2.56 -8.26
CA TYR A 47 -0.55 -3.66 -7.49
C TYR A 47 0.55 -4.26 -6.64
N TYR A 48 0.22 -4.51 -5.38
CA TYR A 48 1.19 -5.06 -4.43
C TYR A 48 0.50 -6.07 -3.54
N LYS A 49 1.28 -7.01 -3.12
CA LYS A 49 0.86 -8.10 -2.27
C LYS A 49 1.67 -7.94 -0.99
N CYS A 50 1.08 -8.27 0.16
CA CYS A 50 1.78 -8.18 1.45
C CYS A 50 2.59 -9.40 1.84
N SER A 51 3.88 -9.20 2.08
CA SER A 51 4.71 -10.32 2.46
C SER A 51 5.29 -9.97 3.83
N THR A 52 5.02 -10.85 4.77
CA THR A 52 5.46 -10.71 6.13
C THR A 52 5.58 -12.07 6.79
N PHE A 53 4.44 -12.74 6.76
CA PHE A 53 4.29 -14.07 7.33
C PHE A 53 3.44 -14.90 6.38
N ARG A 54 3.82 -16.15 6.07
CA ARG A 54 2.98 -16.88 5.15
C ARG A 54 1.59 -17.22 5.69
N GLY A 55 0.70 -17.31 4.73
CA GLY A 55 -0.70 -17.62 4.90
C GLY A 55 -1.41 -16.30 5.01
N CYS A 56 -0.70 -15.20 4.76
CA CYS A 56 -1.36 -13.92 4.84
C CYS A 56 -2.32 -13.62 3.71
N PRO A 57 -3.61 -13.42 4.00
CA PRO A 57 -4.58 -13.14 2.97
C PRO A 57 -4.51 -11.62 2.80
N ALA A 58 -4.96 -11.07 1.67
CA ALA A 58 -4.91 -9.61 1.43
C ALA A 58 -3.94 -9.21 0.34
N ARG A 59 -4.33 -8.15 -0.34
CA ARG A 59 -3.60 -7.55 -1.44
C ARG A 59 -3.76 -6.05 -1.30
N LYS A 60 -2.89 -5.26 -1.89
CA LYS A 60 -3.05 -3.81 -1.78
C LYS A 60 -2.58 -3.08 -3.03
N HIS A 61 -3.08 -1.86 -3.15
CA HIS A 61 -2.73 -1.00 -4.26
C HIS A 61 -2.23 0.34 -3.75
N VAL A 62 -1.24 0.88 -4.44
CA VAL A 62 -0.62 2.13 -4.07
C VAL A 62 -0.64 3.08 -5.24
N GLU A 63 -1.11 4.28 -4.98
CA GLU A 63 -1.21 5.28 -5.99
C GLU A 63 -1.07 6.66 -5.36
N ARG A 64 -0.90 7.65 -6.19
CA ARG A 64 -0.71 8.98 -5.76
C ARG A 64 -2.00 9.78 -5.79
N ALA A 65 -2.19 10.66 -4.80
CA ALA A 65 -3.39 11.46 -4.73
C ALA A 65 -3.43 12.44 -5.88
N LEU A 66 -4.59 12.45 -6.50
CA LEU A 66 -4.92 13.30 -7.63
C LEU A 66 -4.99 14.75 -7.21
N ASP A 67 -5.48 14.96 -5.99
CA ASP A 67 -5.65 16.30 -5.46
C ASP A 67 -4.29 16.95 -5.46
N ASP A 68 -3.36 16.15 -4.99
CA ASP A 68 -1.96 16.51 -4.86
C ASP A 68 -1.19 15.25 -5.20
N PRO A 69 -0.35 15.27 -6.25
CA PRO A 69 0.42 14.09 -6.65
C PRO A 69 1.43 13.72 -5.60
N ALA A 70 1.75 14.71 -4.80
CA ALA A 70 2.68 14.57 -3.71
C ALA A 70 2.21 13.59 -2.64
N MET A 71 0.90 13.48 -2.34
CA MET A 71 0.53 12.54 -1.31
C MET A 71 0.22 11.14 -1.82
N LEU A 72 0.47 10.14 -0.94
CA LEU A 72 0.31 8.74 -1.25
C LEU A 72 -0.98 8.17 -0.69
N ILE A 73 -1.60 7.29 -1.48
CA ILE A 73 -2.88 6.67 -1.13
C ILE A 73 -2.74 5.16 -1.07
N VAL A 74 -3.17 4.52 0.01
CA VAL A 74 -2.97 3.09 0.03
C VAL A 74 -4.29 2.44 0.35
N THR A 75 -4.63 1.46 -0.46
CA THR A 75 -5.88 0.76 -0.29
C THR A 75 -5.58 -0.67 0.08
N TYR A 76 -6.18 -1.13 1.17
CA TYR A 76 -5.94 -2.48 1.64
C TYR A 76 -7.22 -3.30 1.56
N GLU A 77 -7.06 -4.55 1.10
CA GLU A 77 -8.17 -5.48 0.98
C GLU A 77 -7.80 -6.74 1.75
N GLY A 78 -8.67 -7.26 2.59
CA GLY A 78 -8.29 -8.45 3.31
C GLY A 78 -7.69 -8.03 4.60
N GLU A 79 -7.66 -8.91 5.56
CA GLU A 79 -7.08 -8.55 6.81
C GLU A 79 -5.74 -9.22 6.98
N HIS A 80 -4.79 -8.41 7.39
CA HIS A 80 -3.43 -8.85 7.63
C HIS A 80 -3.26 -9.42 9.01
N ARG A 81 -2.68 -10.61 9.08
CA ARG A 81 -2.45 -11.25 10.36
C ARG A 81 -0.99 -11.66 10.41
N HIS A 82 -0.19 -10.90 11.17
CA HIS A 82 1.22 -11.20 11.29
C HIS A 82 1.68 -11.45 12.72
N ASN A 83 2.58 -12.41 12.80
CA ASN A 83 3.18 -12.86 14.03
C ASN A 83 4.30 -11.89 14.34
N GLN A 84 4.33 -11.31 15.54
CA GLN A 84 5.38 -10.34 15.86
C GLN A 84 6.75 -11.06 15.82
N SER A 85 6.83 -12.28 16.33
CA SER A 85 8.12 -13.03 16.31
C SER A 85 8.66 -13.22 14.88
N ALA A 86 7.81 -13.57 13.86
CA ALA A 86 8.27 -13.74 12.46
C ALA A 86 8.88 -12.43 11.88
N MET A 87 8.46 -11.25 12.39
CA MET A 87 8.98 -9.94 11.92
C MET A 87 10.40 -9.82 12.28
N LEU A 88 10.70 -10.29 13.44
CA LEU A 88 12.03 -10.25 13.85
C LEU A 88 13.00 -11.04 13.04
N GLU A 89 12.32 -12.14 12.88
CA GLU A 89 12.47 -13.42 12.21
C GLU A 89 12.21 -12.59 10.19
ZN ZN B . -0.30 -8.98 5.51
N SER A 2 -23.87 -13.20 -2.32
CA SER A 2 -22.84 -13.18 -1.24
C SER A 2 -23.43 -12.25 0.06
N ARG A 3 -22.42 -12.74 1.08
CA ARG A 3 -21.64 -12.42 2.48
C ARG A 3 -20.62 -11.23 1.85
N LYS A 4 -20.15 -10.03 2.45
CA LYS A 4 -19.13 -9.09 1.61
C LYS A 4 -17.90 -8.43 2.31
N ASN A 5 -16.69 -8.55 1.58
CA ASN A 5 -15.27 -7.93 1.87
C ASN A 5 -14.99 -6.45 1.29
N ARG A 6 -14.89 -5.39 2.20
CA ARG A 6 -14.66 -3.96 1.75
C ARG A 6 -13.21 -3.49 1.99
N MET A 7 -12.78 -2.74 0.99
CA MET A 7 -11.47 -2.11 0.85
C MET A 7 -11.42 -0.84 1.68
N LYS A 8 -10.26 -0.52 2.25
CA LYS A 8 -10.17 0.70 3.07
C LYS A 8 -9.00 1.49 2.55
N ARG A 9 -9.19 2.81 2.65
CA ARG A 9 -8.23 3.80 2.22
C ARG A 9 -7.44 4.46 3.33
N THR A 10 -6.16 4.53 3.04
CA THR A 10 -5.16 5.11 3.89
C THR A 10 -4.34 6.12 3.11
N VAL A 11 -4.12 7.28 3.70
CA VAL A 11 -3.34 8.31 3.03
C VAL A 11 -2.14 8.67 3.90
N ARG A 12 -0.97 8.68 3.30
CA ARG A 12 0.25 9.00 4.02
C ARG A 12 1.05 10.13 3.38
N VAL A 13 1.69 10.92 4.24
CA VAL A 13 2.51 12.04 3.78
C VAL A 13 3.21 12.68 4.98
N PRO A 14 4.37 12.13 5.42
CA PRO A 14 5.11 12.67 6.56
C PRO A 14 6.05 13.83 6.27
N ALA A 15 5.61 14.92 6.86
CA ALA A 15 6.18 16.25 6.84
C ALA A 15 7.55 16.32 7.49
N ILE A 16 7.74 15.59 8.58
CA ILE A 16 8.96 15.72 9.37
C ILE A 16 10.22 15.24 8.65
N SER A 17 10.11 14.09 7.96
CA SER A 17 11.25 13.52 7.23
C SER A 17 11.61 14.29 5.94
N ALA A 18 12.93 14.41 5.71
CA ALA A 18 13.55 15.10 4.55
C ALA A 18 13.27 14.55 3.14
N LYS A 19 13.23 13.18 3.05
CA LYS A 19 12.97 12.49 1.76
C LYS A 19 11.67 11.70 1.73
N ILE A 20 10.83 11.93 0.74
CA ILE A 20 9.56 11.20 0.66
C ILE A 20 9.79 10.07 -0.32
N ALA A 21 9.43 8.94 0.22
CA ALA A 21 9.49 7.63 -0.36
C ALA A 21 8.16 7.32 -1.05
N ASP A 22 8.18 6.90 -2.34
CA ASP A 22 6.94 6.60 -3.08
C ASP A 22 6.73 5.11 -3.10
N ILE A 23 7.51 4.49 -2.28
CA ILE A 23 7.53 3.08 -2.12
C ILE A 23 7.61 2.87 -0.64
N PRO A 24 6.64 3.40 0.04
CA PRO A 24 6.54 3.27 1.49
C PRO A 24 7.28 2.06 2.09
N PRO A 25 8.53 2.31 2.56
CA PRO A 25 9.40 1.30 3.17
C PRO A 25 9.22 1.16 4.67
N ASP A 26 9.38 -0.04 5.18
CA ASP A 26 9.24 -0.29 6.61
C ASP A 26 9.85 -1.62 6.98
N GLU A 27 9.54 -2.08 8.18
CA GLU A 27 10.05 -3.35 8.68
C GLU A 27 9.48 -4.47 7.82
N TYR A 28 8.22 -4.28 7.45
CA TYR A 28 7.47 -5.23 6.63
C TYR A 28 7.86 -5.14 5.18
N SER A 29 7.90 -6.28 4.51
CA SER A 29 8.26 -6.29 3.11
C SER A 29 7.03 -6.32 2.22
N TRP A 30 7.19 -5.84 1.00
CA TRP A 30 6.12 -5.76 0.02
C TRP A 30 6.52 -6.50 -1.24
N ARG A 31 5.56 -7.14 -1.90
CA ARG A 31 5.86 -7.86 -3.11
C ARG A 31 5.23 -7.08 -4.22
N LYS A 32 5.90 -6.96 -5.31
CA LYS A 32 5.33 -6.22 -6.41
C LYS A 32 4.79 -7.02 -7.59
N TYR A 33 3.83 -6.38 -8.21
CA TYR A 33 3.14 -6.88 -9.37
C TYR A 33 3.10 -5.74 -10.41
N GLY A 34 2.51 -6.00 -11.56
CA GLY A 34 2.49 -4.99 -12.61
C GLY A 34 1.73 -3.72 -12.25
N GLN A 35 1.80 -2.70 -13.12
CA GLN A 35 1.12 -1.43 -12.90
C GLN A 35 0.03 -1.20 -13.96
N LYS A 36 -1.07 -0.58 -13.53
CA LYS A 36 -2.20 -0.29 -14.44
C LYS A 36 -2.66 1.19 -14.37
N PRO A 37 -2.81 1.85 -15.54
CA PRO A 37 -3.16 3.26 -15.62
C PRO A 37 -4.66 3.52 -15.36
N ILE A 38 -4.97 4.72 -14.86
CA ILE A 38 -6.35 5.14 -14.56
C ILE A 38 -6.74 6.19 -15.58
N LYS A 39 -7.86 6.06 -16.32
CA LYS A 39 -8.11 7.11 -17.29
C LYS A 39 -8.57 8.40 -16.60
N GLY A 40 -7.99 9.45 -17.14
CA GLY A 40 -8.18 10.83 -16.76
C GLY A 40 -7.36 11.12 -15.53
N SER A 41 -6.60 10.16 -15.05
CA SER A 41 -5.78 10.37 -13.87
C SER A 41 -4.35 10.02 -14.18
N PRO A 42 -3.38 10.91 -14.41
CA PRO A 42 -2.10 10.37 -14.67
C PRO A 42 -1.45 10.07 -13.35
N HIS A 43 -1.35 8.79 -13.13
CA HIS A 43 -0.76 8.18 -11.94
C HIS A 43 -0.99 6.67 -11.96
N PRO A 44 0.00 5.88 -12.41
CA PRO A 44 -0.15 4.43 -12.49
C PRO A 44 -0.53 3.77 -11.17
N ARG A 45 -1.43 2.78 -11.20
CA ARG A 45 -1.81 2.11 -9.96
C ARG A 45 -1.03 0.82 -9.92
N GLY A 46 -0.27 0.66 -8.87
CA GLY A 46 0.52 -0.58 -8.75
C GLY A 46 -0.13 -1.63 -7.90
N TYR A 47 0.01 -2.91 -8.29
CA TYR A 47 -0.53 -3.97 -7.46
C TYR A 47 0.56 -4.54 -6.60
N TYR A 48 0.24 -4.78 -5.33
CA TYR A 48 1.20 -5.30 -4.37
C TYR A 48 0.51 -6.23 -3.41
N LYS A 49 1.30 -7.12 -2.89
CA LYS A 49 0.87 -8.13 -1.96
C LYS A 49 1.70 -7.91 -0.70
N CYS A 50 1.12 -8.22 0.47
CA CYS A 50 1.84 -8.05 1.74
C CYS A 50 2.66 -9.23 2.19
N SER A 51 3.96 -9.03 2.33
CA SER A 51 4.81 -10.12 2.76
C SER A 51 5.48 -9.64 4.04
N THR A 52 5.32 -10.43 5.08
CA THR A 52 5.87 -10.15 6.38
C THR A 52 6.08 -11.43 7.14
N PHE A 53 4.95 -12.01 7.50
CA PHE A 53 4.89 -13.26 8.25
C PHE A 53 3.89 -14.18 7.55
N ARG A 54 4.25 -15.44 7.25
CA ARG A 54 3.26 -16.24 6.56
C ARG A 54 1.98 -16.50 7.37
N GLY A 55 0.92 -16.47 6.60
CA GLY A 55 -0.44 -16.68 7.05
C GLY A 55 -1.15 -15.37 6.89
N CYS A 56 -0.39 -14.30 6.69
CA CYS A 56 -1.05 -13.02 6.51
C CYS A 56 -1.74 -12.84 5.17
N PRO A 57 -3.06 -12.68 5.16
CA PRO A 57 -3.79 -12.51 3.93
C PRO A 57 -3.82 -11.00 3.71
N ALA A 58 -3.86 -10.52 2.47
CA ALA A 58 -3.89 -9.05 2.20
C ALA A 58 -3.17 -8.67 0.93
N ARG A 59 -3.87 -7.87 0.15
CA ARG A 59 -3.44 -7.36 -1.13
C ARG A 59 -3.58 -5.85 -1.07
N LYS A 60 -2.77 -5.11 -1.78
CA LYS A 60 -2.92 -3.66 -1.74
C LYS A 60 -2.52 -2.99 -3.04
N HIS A 61 -3.02 -1.77 -3.21
CA HIS A 61 -2.71 -0.98 -4.38
C HIS A 61 -2.16 0.37 -3.96
N VAL A 62 -1.17 0.84 -4.70
CA VAL A 62 -0.51 2.10 -4.42
C VAL A 62 -0.85 3.10 -5.48
N GLU A 63 -1.29 4.26 -5.04
CA GLU A 63 -1.69 5.31 -5.93
C GLU A 63 -1.30 6.64 -5.34
N ARG A 64 -1.18 7.63 -6.18
CA ARG A 64 -0.79 8.94 -5.78
C ARG A 64 -1.94 9.93 -5.90
N ALA A 65 -2.09 10.79 -4.91
CA ALA A 65 -3.14 11.79 -4.93
C ALA A 65 -2.83 12.84 -5.96
N LEU A 66 -3.89 13.18 -6.69
CA LEU A 66 -3.89 14.15 -7.75
C LEU A 66 -3.99 15.55 -7.17
N ASP A 67 -4.53 15.63 -5.95
CA ASP A 67 -4.72 16.91 -5.29
C ASP A 67 -3.35 17.53 -5.15
N ASP A 68 -2.46 16.66 -4.73
CA ASP A 68 -1.07 16.99 -4.52
C ASP A 68 -0.29 15.74 -4.89
N PRO A 69 0.73 15.84 -5.76
CA PRO A 69 1.54 14.68 -6.17
C PRO A 69 2.28 14.11 -4.99
N ALA A 70 2.54 14.99 -4.05
CA ALA A 70 3.23 14.64 -2.84
C ALA A 70 2.46 13.64 -1.97
N MET A 71 1.12 13.68 -1.92
CA MET A 71 0.44 12.72 -1.07
C MET A 71 0.19 11.37 -1.70
N LEU A 72 0.33 10.31 -0.87
CA LEU A 72 0.19 8.92 -1.29
C LEU A 72 -1.11 8.32 -0.83
N ILE A 73 -1.73 7.55 -1.72
CA ILE A 73 -3.00 6.90 -1.48
C ILE A 73 -2.84 5.38 -1.41
N VAL A 74 -3.26 4.73 -0.33
CA VAL A 74 -3.03 3.31 -0.32
C VAL A 74 -4.32 2.63 0.04
N THR A 75 -4.65 1.61 -0.74
CA THR A 75 -5.87 0.87 -0.54
C THR A 75 -5.50 -0.53 -0.11
N TYR A 76 -6.09 -0.98 0.98
CA TYR A 76 -5.81 -2.30 1.49
C TYR A 76 -7.04 -3.18 1.42
N GLU A 77 -6.82 -4.45 1.08
CA GLU A 77 -7.88 -5.44 0.96
C GLU A 77 -7.52 -6.59 1.88
N GLY A 78 -8.47 -7.13 2.64
CA GLY A 78 -8.11 -8.23 3.50
C GLY A 78 -7.59 -7.64 4.77
N GLU A 79 -7.04 -8.45 5.62
CA GLU A 79 -6.56 -7.91 6.86
C GLU A 79 -5.22 -8.54 7.19
N HIS A 80 -4.47 -7.81 7.99
CA HIS A 80 -3.16 -8.22 8.42
C HIS A 80 -3.19 -8.85 9.80
N ARG A 81 -2.79 -10.11 9.88
CA ARG A 81 -2.76 -10.81 11.16
C ARG A 81 -1.77 -10.08 12.04
N HIS A 82 -0.66 -9.66 11.45
CA HIS A 82 0.36 -8.95 12.19
C HIS A 82 0.06 -7.47 12.39
N ASN A 83 0.14 -7.09 13.64
CA ASN A 83 -0.10 -5.75 14.11
C ASN A 83 1.24 -5.20 14.55
N GLN A 84 1.51 -3.92 14.29
CA GLN A 84 2.81 -3.36 14.67
C GLN A 84 2.95 -3.42 16.21
N SER A 85 1.90 -3.12 16.95
CA SER A 85 1.96 -3.18 18.42
C SER A 85 2.28 -4.60 18.94
N ALA A 86 1.65 -5.68 18.36
CA ALA A 86 1.94 -7.08 18.79
C ALA A 86 3.41 -7.48 18.53
N MET A 87 4.02 -7.01 17.41
CA MET A 87 5.42 -7.33 17.05
C MET A 87 6.32 -6.76 18.07
N LEU A 88 5.97 -5.62 18.51
CA LEU A 88 6.75 -5.01 19.50
C LEU A 88 6.88 -5.73 20.78
N GLU A 89 5.65 -6.14 20.94
CA GLU A 89 4.89 -6.92 21.89
C GLU A 89 5.70 -8.85 21.20
ZN ZN B . 0.14 -8.09 6.32
N SER A 2 -19.63 -16.89 1.04
CA SER A 2 -19.49 -16.23 -0.30
C SER A 2 -20.79 -15.17 -0.51
N ARG A 3 -20.78 -14.61 0.89
CA ARG A 3 -21.18 -13.35 1.85
C ARG A 3 -20.12 -12.25 1.18
N LYS A 4 -20.33 -10.89 0.79
CA LYS A 4 -19.09 -10.04 0.18
C LYS A 4 -18.17 -9.19 1.13
N ASN A 5 -16.80 -9.19 0.74
CA ASN A 5 -15.59 -8.39 1.34
C ASN A 5 -15.49 -6.82 0.94
N ARG A 6 -14.82 -5.95 1.82
CA ARG A 6 -14.69 -4.48 1.54
C ARG A 6 -13.24 -3.98 1.62
N MET A 7 -13.01 -2.99 0.78
CA MET A 7 -11.76 -2.26 0.57
C MET A 7 -11.67 -1.09 1.53
N LYS A 8 -10.49 -0.82 2.08
CA LYS A 8 -10.36 0.29 3.02
C LYS A 8 -9.17 1.10 2.58
N ARG A 9 -9.44 2.40 2.49
CA ARG A 9 -8.47 3.40 2.08
C ARG A 9 -7.91 4.24 3.21
N THR A 10 -6.61 4.43 3.07
CA THR A 10 -5.80 5.19 3.98
C THR A 10 -4.94 6.17 3.20
N VAL A 11 -4.52 7.24 3.85
CA VAL A 11 -3.69 8.24 3.19
C VAL A 11 -2.52 8.60 4.09
N ARG A 12 -1.33 8.60 3.50
CA ARG A 12 -0.13 8.94 4.25
C ARG A 12 0.78 9.92 3.52
N VAL A 13 1.39 10.80 4.31
CA VAL A 13 2.31 11.81 3.78
C VAL A 13 3.19 12.35 4.91
N PRO A 14 4.30 11.65 5.25
CA PRO A 14 5.20 12.09 6.31
C PRO A 14 6.18 13.18 5.96
N ALA A 15 6.43 13.94 7.00
CA ALA A 15 7.30 15.09 7.09
C ALA A 15 8.74 14.73 7.42
N ILE A 16 8.94 13.69 8.17
CA ILE A 16 10.27 13.35 8.69
C ILE A 16 11.28 13.00 7.60
N SER A 17 10.83 12.20 6.61
CA SER A 17 11.70 11.78 5.51
C SER A 17 11.96 12.89 4.47
N ALA A 18 13.23 12.97 4.03
CA ALA A 18 13.75 13.94 3.02
C ALA A 18 13.18 13.87 1.59
N LYS A 19 12.95 12.62 1.10
CA LYS A 19 12.40 12.38 -0.25
C LYS A 19 10.88 12.21 -0.29
N ILE A 20 10.27 12.44 -1.44
CA ILE A 20 8.81 12.30 -1.55
C ILE A 20 8.51 10.85 -1.25
N ALA A 21 9.35 10.09 -1.90
CA ALA A 21 9.43 8.65 -1.89
C ALA A 21 8.08 8.07 -2.29
N ASP A 22 7.84 7.81 -3.60
CA ASP A 22 6.55 7.25 -4.06
C ASP A 22 6.56 5.76 -3.88
N ILE A 23 7.70 5.33 -3.44
CA ILE A 23 7.97 3.97 -3.18
C ILE A 23 8.79 3.98 -1.92
N PRO A 24 8.11 4.20 -0.83
CA PRO A 24 8.74 4.23 0.47
C PRO A 24 8.72 2.90 1.23
N PRO A 25 9.93 2.33 1.46
CA PRO A 25 10.13 1.08 2.19
C PRO A 25 9.59 1.12 3.62
N ASP A 26 9.02 0.01 4.07
CA ASP A 26 8.48 -0.07 5.41
C ASP A 26 9.10 -1.24 6.16
N GLU A 27 8.95 -1.22 7.47
CA GLU A 27 9.47 -2.28 8.33
C GLU A 27 8.78 -3.59 7.95
N TYR A 28 7.50 -3.45 7.61
CA TYR A 28 6.66 -4.57 7.24
C TYR A 28 7.14 -5.23 5.96
N SER A 29 7.58 -4.40 5.02
CA SER A 29 8.05 -4.93 3.76
C SER A 29 6.89 -5.27 2.83
N TRP A 30 6.90 -4.65 1.66
CA TRP A 30 5.84 -4.81 0.67
C TRP A 30 6.41 -5.42 -0.60
N ARG A 31 5.62 -6.21 -1.30
CA ARG A 31 6.09 -6.81 -2.53
C ARG A 31 5.38 -6.10 -3.62
N LYS A 32 6.07 -5.80 -4.67
CA LYS A 32 5.43 -5.13 -5.77
C LYS A 32 5.18 -5.92 -7.04
N TYR A 33 3.96 -5.74 -7.51
CA TYR A 33 3.45 -6.38 -8.70
C TYR A 33 3.43 -5.31 -9.80
N GLY A 34 3.00 -5.69 -11.00
CA GLY A 34 3.01 -4.74 -12.11
C GLY A 34 2.20 -3.48 -11.87
N GLN A 35 2.34 -2.50 -12.78
CA GLN A 35 1.61 -1.24 -12.68
C GLN A 35 0.71 -1.00 -13.90
N LYS A 36 -0.48 -0.47 -13.65
CA LYS A 36 -1.44 -0.18 -14.72
C LYS A 36 -1.92 1.28 -14.74
N PRO A 37 -2.14 1.85 -15.95
CA PRO A 37 -2.55 3.25 -16.12
C PRO A 37 -4.04 3.49 -15.78
N ILE A 38 -4.35 4.71 -15.34
CA ILE A 38 -5.72 5.12 -14.99
C ILE A 38 -6.14 6.18 -15.99
N LYS A 39 -7.23 6.03 -16.76
CA LYS A 39 -7.51 7.12 -17.69
C LYS A 39 -8.08 8.33 -16.98
N GLY A 40 -7.56 9.44 -17.46
CA GLY A 40 -7.88 10.78 -17.05
C GLY A 40 -7.15 11.11 -15.77
N SER A 41 -6.38 10.18 -15.24
CA SER A 41 -5.65 10.40 -14.02
C SER A 41 -4.19 10.06 -14.22
N PRO A 42 -3.23 10.96 -14.42
CA PRO A 42 -1.92 10.42 -14.57
C PRO A 42 -1.52 9.83 -13.24
N HIS A 43 -0.51 9.00 -13.37
CA HIS A 43 0.10 8.27 -12.27
C HIS A 43 -0.49 6.86 -12.19
N PRO A 44 0.16 5.85 -12.81
CA PRO A 44 -0.35 4.48 -12.79
C PRO A 44 -0.56 3.90 -11.40
N ARG A 45 -1.59 3.09 -11.20
CA ARG A 45 -1.81 2.52 -9.87
C ARG A 45 -1.01 1.25 -9.83
N GLY A 46 -0.26 1.09 -8.76
CA GLY A 46 0.56 -0.12 -8.63
C GLY A 46 -0.05 -1.18 -7.76
N TYR A 47 0.16 -2.46 -8.08
CA TYR A 47 -0.35 -3.52 -7.24
C TYR A 47 0.75 -4.04 -6.36
N TYR A 48 0.44 -4.26 -5.09
CA TYR A 48 1.41 -4.73 -4.11
C TYR A 48 0.75 -5.74 -3.19
N LYS A 49 1.59 -6.61 -2.70
CA LYS A 49 1.19 -7.68 -1.82
C LYS A 49 1.95 -7.45 -0.52
N CYS A 50 1.41 -7.93 0.59
CA CYS A 50 2.08 -7.78 1.90
C CYS A 50 2.99 -8.92 2.30
N SER A 51 4.26 -8.62 2.52
CA SER A 51 5.18 -9.66 2.91
C SER A 51 5.81 -9.19 4.22
N THR A 52 5.76 -10.08 5.19
CA THR A 52 6.29 -9.84 6.51
C THR A 52 6.37 -11.13 7.28
N PHE A 53 5.20 -11.73 7.40
CA PHE A 53 5.03 -13.01 8.10
C PHE A 53 4.19 -13.92 7.21
N ARG A 54 4.59 -15.18 7.00
CA ARG A 54 3.76 -15.99 6.12
C ARG A 54 2.41 -16.38 6.71
N GLY A 55 1.52 -16.64 5.80
CA GLY A 55 0.16 -17.05 6.03
C GLY A 55 -0.66 -15.78 6.00
N CYS A 56 -0.02 -14.65 5.77
CA CYS A 56 -0.78 -13.42 5.74
C CYS A 56 -1.65 -13.25 4.51
N PRO A 57 -2.97 -13.12 4.67
CA PRO A 57 -3.86 -12.93 3.55
C PRO A 57 -3.89 -11.42 3.37
N ALA A 58 -3.97 -10.91 2.14
CA ALA A 58 -4.00 -9.44 1.89
C ALA A 58 -3.30 -9.04 0.59
N ARG A 59 -3.93 -8.06 -0.04
CA ARG A 59 -3.51 -7.50 -1.30
C ARG A 59 -3.68 -6.00 -1.17
N LYS A 60 -2.86 -5.20 -1.82
CA LYS A 60 -3.03 -3.76 -1.72
C LYS A 60 -2.60 -3.04 -2.99
N HIS A 61 -3.13 -1.82 -3.12
CA HIS A 61 -2.82 -0.97 -4.25
C HIS A 61 -2.32 0.38 -3.76
N VAL A 62 -1.40 0.95 -4.52
CA VAL A 62 -0.79 2.22 -4.19
C VAL A 62 -1.14 3.25 -5.24
N GLU A 63 -1.62 4.37 -4.77
CA GLU A 63 -2.02 5.44 -5.65
C GLU A 63 -1.56 6.76 -5.06
N ARG A 64 -1.52 7.77 -5.89
CA ARG A 64 -1.07 9.06 -5.52
C ARG A 64 -2.12 10.12 -5.77
N ALA A 65 -2.26 11.06 -4.84
CA ALA A 65 -3.23 12.12 -4.99
C ALA A 65 -2.80 13.07 -6.08
N LEU A 66 -3.79 13.42 -6.90
CA LEU A 66 -3.67 14.31 -8.01
C LEU A 66 -3.61 15.75 -7.53
N ASP A 67 -4.27 16.00 -6.40
CA ASP A 67 -4.34 17.34 -5.84
C ASP A 67 -2.93 17.77 -5.56
N ASP A 68 -2.22 16.80 -4.99
CA ASP A 68 -0.84 16.95 -4.61
C ASP A 68 -0.20 15.60 -4.90
N PRO A 69 0.84 15.55 -5.75
CA PRO A 69 1.51 14.28 -6.08
C PRO A 69 2.20 13.71 -4.88
N ALA A 70 2.48 14.60 -3.95
CA ALA A 70 3.12 14.25 -2.71
C ALA A 70 2.28 13.32 -1.83
N MET A 71 0.94 13.42 -1.83
CA MET A 71 0.20 12.53 -0.97
C MET A 71 -0.10 11.16 -1.57
N LEU A 72 0.02 10.12 -0.70
CA LEU A 72 -0.11 8.73 -1.09
C LEU A 72 -1.40 8.13 -0.56
N ILE A 73 -2.04 7.34 -1.41
CA ILE A 73 -3.31 6.67 -1.09
C ILE A 73 -3.12 5.16 -1.06
N VAL A 74 -3.55 4.48 0.00
CA VAL A 74 -3.31 3.06 0.00
C VAL A 74 -4.61 2.36 0.29
N THR A 75 -4.90 1.36 -0.51
CA THR A 75 -6.11 0.60 -0.36
C THR A 75 -5.73 -0.81 0.04
N TYR A 76 -6.35 -1.29 1.11
CA TYR A 76 -6.05 -2.61 1.61
C TYR A 76 -7.25 -3.53 1.48
N GLU A 77 -6.98 -4.78 1.09
CA GLU A 77 -8.01 -5.78 0.93
C GLU A 77 -7.61 -6.98 1.76
N GLY A 78 -8.55 -7.61 2.47
CA GLY A 78 -8.15 -8.73 3.28
C GLY A 78 -7.69 -8.20 4.59
N GLU A 79 -7.41 -9.06 5.52
CA GLU A 79 -6.97 -8.58 6.80
C GLU A 79 -5.91 -9.50 7.35
N HIS A 80 -4.75 -8.90 7.58
CA HIS A 80 -3.61 -9.60 8.11
C HIS A 80 -3.31 -9.19 9.54
N ARG A 81 -2.47 -9.96 10.21
CA ARG A 81 -2.11 -9.65 11.58
C ARG A 81 -0.62 -9.86 11.71
N HIS A 82 0.11 -8.78 11.97
CA HIS A 82 1.54 -8.86 12.12
C HIS A 82 2.05 -8.27 13.43
N ASN A 83 2.81 -9.10 14.11
CA ASN A 83 3.42 -8.79 15.39
C ASN A 83 4.91 -8.69 15.13
N GLN A 84 5.54 -7.58 15.52
CA GLN A 84 6.97 -7.43 15.26
C GLN A 84 7.74 -8.58 15.95
N SER A 85 7.33 -8.99 17.14
CA SER A 85 8.00 -10.10 17.85
C SER A 85 8.07 -11.38 16.98
N ALA A 86 7.01 -11.72 16.17
CA ALA A 86 7.03 -12.92 15.30
C ALA A 86 8.17 -12.86 14.25
N MET A 87 8.50 -11.66 13.72
CA MET A 87 9.57 -11.47 12.73
C MET A 87 10.87 -11.76 13.36
N LEU A 88 10.99 -11.33 14.57
CA LEU A 88 12.18 -11.59 15.25
C LEU A 88 12.55 -13.00 15.46
N GLU A 89 11.38 -13.51 15.76
CA GLU A 89 10.80 -14.79 16.07
C GLU A 89 10.79 -15.47 13.98
ZN ZN B . 0.17 -8.69 5.88
N SER A 2 -20.76 -13.59 2.18
CA SER A 2 -21.18 -15.02 2.28
C SER A 2 -21.14 -15.48 3.92
N ARG A 3 -19.85 -14.76 4.26
CA ARG A 3 -18.95 -14.08 5.45
C ARG A 3 -18.74 -12.60 4.70
N LYS A 4 -18.38 -11.33 5.28
CA LYS A 4 -18.21 -10.06 4.30
C LYS A 4 -16.79 -9.52 3.95
N ASN A 5 -16.70 -8.91 2.65
CA ASN A 5 -15.50 -8.16 1.98
C ASN A 5 -15.44 -6.57 2.19
N ARG A 6 -14.47 -6.04 3.05
CA ARG A 6 -14.34 -4.56 3.33
C ARG A 6 -12.97 -3.99 2.95
N MET A 7 -13.09 -2.89 2.23
CA MET A 7 -12.01 -2.06 1.68
C MET A 7 -11.55 -1.05 2.71
N LYS A 8 -10.24 -0.91 2.91
CA LYS A 8 -9.76 0.04 3.90
C LYS A 8 -8.84 1.00 3.17
N ARG A 9 -8.94 2.24 3.64
CA ARG A 9 -8.17 3.36 3.12
C ARG A 9 -7.27 4.03 4.14
N THR A 10 -6.03 4.12 3.69
CA THR A 10 -4.94 4.69 4.44
C THR A 10 -4.28 5.78 3.59
N VAL A 11 -4.04 6.93 4.19
CA VAL A 11 -3.41 8.02 3.48
C VAL A 11 -2.19 8.50 4.25
N ARG A 12 -1.07 8.61 3.56
CA ARG A 12 0.17 9.06 4.20
C ARG A 12 0.79 10.27 3.52
N VAL A 13 1.35 11.14 4.35
CA VAL A 13 2.00 12.36 3.87
C VAL A 13 2.63 13.10 5.05
N PRO A 14 3.88 12.73 5.45
CA PRO A 14 4.55 13.38 6.57
C PRO A 14 5.28 14.68 6.25
N ALA A 15 4.68 15.69 6.84
CA ALA A 15 5.05 17.09 6.81
C ALA A 15 6.37 17.39 7.50
N ILE A 16 6.65 16.71 8.58
CA ILE A 16 7.80 17.03 9.40
C ILE A 16 9.15 16.84 8.71
N SER A 17 9.27 15.70 7.98
CA SER A 17 10.50 15.38 7.26
C SER A 17 10.71 16.25 5.99
N ALA A 18 12.00 16.45 5.67
CA ALA A 18 12.50 17.25 4.50
C ALA A 18 12.19 16.72 3.08
N LYS A 19 12.28 15.37 2.92
CA LYS A 19 12.03 14.71 1.62
C LYS A 19 11.09 13.50 1.70
N ILE A 20 10.38 13.21 0.62
CA ILE A 20 9.46 12.06 0.64
C ILE A 20 9.90 11.17 -0.51
N ALA A 21 9.32 9.99 -0.39
CA ALA A 21 9.48 8.86 -1.25
C ALA A 21 8.10 8.34 -1.66
N ASP A 22 7.95 7.84 -2.91
CA ASP A 22 6.65 7.33 -3.39
C ASP A 22 6.57 5.85 -3.14
N ILE A 23 7.64 5.40 -2.57
CA ILE A 23 7.82 4.04 -2.21
C ILE A 23 8.39 4.09 -0.82
N PRO A 24 7.51 4.28 0.12
CA PRO A 24 7.87 4.35 1.52
C PRO A 24 7.85 3.02 2.27
N PRO A 25 9.04 2.58 2.76
CA PRO A 25 9.21 1.35 3.51
C PRO A 25 8.30 1.23 4.72
N ASP A 26 7.79 0.03 4.97
CA ASP A 26 6.91 -0.19 6.09
C ASP A 26 7.51 -1.22 7.04
N GLU A 27 6.81 -1.45 8.14
CA GLU A 27 7.25 -2.42 9.14
C GLU A 27 7.30 -3.79 8.49
N TYR A 28 6.55 -3.91 7.41
CA TYR A 28 6.46 -5.13 6.63
C TYR A 28 6.87 -4.92 5.19
N SER A 29 7.43 -5.96 4.59
CA SER A 29 7.88 -5.84 3.22
C SER A 29 6.70 -5.86 2.26
N TRP A 30 6.98 -5.44 1.03
CA TRP A 30 5.96 -5.36 -0.03
C TRP A 30 6.44 -6.07 -1.27
N ARG A 31 5.52 -6.47 -2.13
CA ARG A 31 5.90 -7.15 -3.35
C ARG A 31 5.11 -6.50 -4.44
N LYS A 32 5.67 -6.41 -5.60
CA LYS A 32 4.94 -5.83 -6.69
C LYS A 32 4.41 -6.76 -7.76
N TYR A 33 3.28 -6.32 -8.29
CA TYR A 33 2.55 -6.99 -9.34
C TYR A 33 2.36 -5.97 -10.47
N GLY A 34 1.67 -6.37 -11.53
CA GLY A 34 1.50 -5.47 -12.67
C GLY A 34 0.92 -4.11 -12.31
N GLN A 35 1.07 -3.14 -13.24
CA GLN A 35 0.54 -1.80 -13.04
C GLN A 35 -0.65 -1.53 -13.97
N LYS A 36 -1.55 -0.65 -13.53
CA LYS A 36 -2.75 -0.30 -14.31
C LYS A 36 -2.91 1.21 -14.52
N PRO A 37 -2.48 1.71 -15.70
CA PRO A 37 -2.55 3.13 -16.06
C PRO A 37 -3.98 3.72 -15.94
N ILE A 38 -4.07 4.96 -15.44
CA ILE A 38 -5.35 5.65 -15.26
C ILE A 38 -5.40 6.79 -16.28
N LYS A 39 -6.38 6.86 -17.19
CA LYS A 39 -6.30 7.99 -18.12
C LYS A 39 -6.71 9.30 -17.45
N GLY A 40 -5.94 10.28 -17.84
CA GLY A 40 -6.02 11.65 -17.43
C GLY A 40 -5.39 11.82 -16.07
N SER A 41 -4.79 10.78 -15.54
CA SER A 41 -4.16 10.86 -14.24
C SER A 41 -2.72 10.43 -14.35
N PRO A 42 -1.68 11.20 -14.05
CA PRO A 42 -0.39 10.60 -14.21
C PRO A 42 -0.19 9.64 -13.07
N HIS A 43 0.74 8.75 -13.33
CA HIS A 43 1.16 7.69 -12.44
C HIS A 43 0.12 6.57 -12.45
N PRO A 44 0.53 5.31 -12.72
CA PRO A 44 -0.39 4.19 -12.79
C PRO A 44 -0.73 3.58 -11.43
N ARG A 45 -1.83 2.83 -11.32
CA ARG A 45 -2.17 2.23 -10.05
C ARG A 45 -1.43 0.91 -10.01
N GLY A 46 -0.64 0.73 -8.98
CA GLY A 46 0.13 -0.49 -8.87
C GLY A 46 -0.47 -1.52 -7.94
N TYR A 47 -0.42 -2.80 -8.30
CA TYR A 47 -0.91 -3.82 -7.40
C TYR A 47 0.25 -4.38 -6.61
N TYR A 48 0.14 -4.29 -5.28
CA TYR A 48 1.19 -4.77 -4.39
C TYR A 48 0.60 -5.70 -3.36
N LYS A 49 1.38 -6.69 -3.05
CA LYS A 49 1.02 -7.73 -2.11
C LYS A 49 1.94 -7.52 -0.92
N CYS A 50 1.49 -7.92 0.28
CA CYS A 50 2.30 -7.80 1.50
C CYS A 50 3.15 -9.00 1.84
N SER A 51 4.46 -8.79 2.00
CA SER A 51 5.32 -9.89 2.33
C SER A 51 6.03 -9.49 3.62
N THR A 52 6.35 -10.49 4.40
CA THR A 52 7.03 -10.34 5.67
C THR A 52 7.10 -11.65 6.40
N PHE A 53 5.90 -12.12 6.70
CA PHE A 53 5.69 -13.38 7.42
C PHE A 53 4.66 -14.19 6.64
N ARG A 54 4.92 -15.46 6.32
CA ARG A 54 3.90 -16.17 5.57
C ARG A 54 2.65 -16.51 6.37
N GLY A 55 1.60 -16.65 5.61
CA GLY A 55 0.26 -16.98 6.07
C GLY A 55 -0.51 -15.70 6.04
N CYS A 56 0.11 -14.61 5.63
CA CYS A 56 -0.60 -13.35 5.60
C CYS A 56 -1.60 -13.22 4.46
N PRO A 57 -2.90 -13.12 4.75
CA PRO A 57 -3.90 -13.01 3.72
C PRO A 57 -4.03 -11.51 3.49
N ALA A 58 -3.61 -10.98 2.35
CA ALA A 58 -3.72 -9.52 2.06
C ALA A 58 -3.13 -9.14 0.71
N ARG A 59 -3.78 -8.14 0.13
CA ARG A 59 -3.45 -7.57 -1.16
C ARG A 59 -3.63 -6.07 -1.02
N LYS A 60 -2.88 -5.27 -1.74
CA LYS A 60 -3.06 -3.83 -1.63
C LYS A 60 -2.71 -3.10 -2.90
N HIS A 61 -3.29 -1.91 -3.03
CA HIS A 61 -3.04 -1.04 -4.17
C HIS A 61 -2.48 0.28 -3.71
N VAL A 62 -1.53 0.80 -4.47
CA VAL A 62 -0.88 2.05 -4.16
C VAL A 62 -1.02 3.00 -5.32
N GLU A 63 -1.46 4.20 -5.00
CA GLU A 63 -1.67 5.22 -5.99
C GLU A 63 -1.33 6.57 -5.40
N ARG A 64 -1.07 7.52 -6.25
CA ARG A 64 -0.68 8.82 -5.87
C ARG A 64 -1.82 9.83 -6.05
N ALA A 65 -1.97 10.73 -5.08
CA ALA A 65 -3.00 11.73 -5.16
C ALA A 65 -2.71 12.69 -6.29
N LEU A 66 -3.79 13.06 -6.95
CA LEU A 66 -3.82 13.97 -8.06
C LEU A 66 -3.81 15.41 -7.59
N ASP A 67 -4.34 15.60 -6.39
CA ASP A 67 -4.42 16.94 -5.80
C ASP A 67 -3.02 17.47 -5.72
N ASP A 68 -2.19 16.61 -5.17
CA ASP A 68 -0.78 16.85 -4.96
C ASP A 68 -0.10 15.50 -5.14
N PRO A 69 1.00 15.43 -5.90
CA PRO A 69 1.71 14.16 -6.12
C PRO A 69 2.31 13.65 -4.84
N ALA A 70 2.51 14.59 -3.94
CA ALA A 70 3.07 14.32 -2.64
C ALA A 70 2.19 13.40 -1.79
N MET A 71 0.86 13.47 -1.88
CA MET A 71 0.07 12.58 -1.05
C MET A 71 -0.15 11.19 -1.62
N LEU A 72 -0.03 10.18 -0.73
CA LEU A 72 -0.13 8.78 -1.08
C LEU A 72 -1.36 8.12 -0.47
N ILE A 73 -2.03 7.30 -1.27
CA ILE A 73 -3.23 6.61 -0.86
C ILE A 73 -3.04 5.09 -0.94
N VAL A 74 -3.34 4.35 0.10
CA VAL A 74 -3.10 2.92 -0.03
C VAL A 74 -4.37 2.20 0.39
N THR A 75 -4.75 1.27 -0.46
CA THR A 75 -5.95 0.51 -0.22
C THR A 75 -5.55 -0.89 0.21
N TYR A 76 -6.06 -1.31 1.35
CA TYR A 76 -5.72 -2.63 1.88
C TYR A 76 -6.94 -3.53 1.84
N GLU A 77 -6.69 -4.80 1.51
CA GLU A 77 -7.73 -5.81 1.44
C GLU A 77 -7.25 -7.02 2.23
N GLY A 78 -8.12 -7.69 2.96
CA GLY A 78 -7.65 -8.83 3.72
C GLY A 78 -7.11 -8.32 5.01
N GLU A 79 -6.30 -9.09 5.68
CA GLU A 79 -5.78 -8.64 6.93
C GLU A 79 -4.34 -9.06 7.06
N HIS A 80 -3.61 -8.23 7.80
CA HIS A 80 -2.20 -8.45 8.05
C HIS A 80 -1.96 -9.00 9.44
N ARG A 81 -1.34 -10.17 9.49
CA ARG A 81 -1.01 -10.78 10.77
C ARG A 81 0.43 -11.20 10.71
N HIS A 82 1.29 -10.43 11.39
CA HIS A 82 2.71 -10.73 11.40
C HIS A 82 3.28 -10.93 12.79
N ASN A 83 4.17 -11.89 12.84
CA ASN A 83 4.87 -12.30 14.04
C ASN A 83 5.95 -11.27 14.28
N GLN A 84 5.97 -10.62 15.44
CA GLN A 84 6.96 -9.58 15.69
C GLN A 84 8.36 -10.23 15.70
N SER A 85 8.51 -11.39 16.30
CA SER A 85 9.84 -12.08 16.35
C SER A 85 10.38 -12.39 14.93
N ALA A 86 9.49 -12.46 13.87
CA ALA A 86 9.96 -12.74 12.48
C ALA A 86 10.97 -11.68 11.97
N MET A 87 10.79 -10.40 12.37
CA MET A 87 11.69 -9.29 11.94
C MET A 87 13.04 -9.53 12.46
N LEU A 88 13.08 -10.01 13.65
CA LEU A 88 14.32 -10.30 14.21
C LEU A 88 15.15 -11.33 13.53
N GLU A 89 14.23 -12.21 13.26
CA GLU A 89 14.12 -13.49 12.58
C GLU A 89 14.31 -12.63 10.57
ZN ZN B . 0.56 -8.45 5.80
N SER A 2 -19.52 -12.36 -7.48
CA SER A 2 -20.01 -11.32 -6.52
C SER A 2 -21.42 -11.91 -5.76
N ARG A 3 -21.20 -11.20 -4.44
CA ARG A 3 -21.92 -10.62 -3.09
C ARG A 3 -20.88 -9.30 -2.89
N LYS A 4 -21.09 -8.08 -2.18
CA LYS A 4 -19.89 -6.99 -2.14
C LYS A 4 -18.70 -7.16 -1.13
N ASN A 5 -17.41 -7.01 -1.73
CA ASN A 5 -15.99 -6.99 -1.05
C ASN A 5 -15.42 -5.57 -0.60
N ARG A 6 -15.37 -5.27 0.78
CA ARG A 6 -14.86 -3.96 1.30
C ARG A 6 -13.33 -3.80 1.15
N MET A 7 -13.00 -2.54 0.96
CA MET A 7 -11.65 -1.99 0.78
C MET A 7 -11.38 -0.91 1.80
N LYS A 8 -10.13 -0.74 2.23
CA LYS A 8 -9.84 0.29 3.20
C LYS A 8 -8.71 1.12 2.65
N ARG A 9 -8.82 2.41 2.95
CA ARG A 9 -7.88 3.43 2.53
C ARG A 9 -7.13 4.11 3.66
N THR A 10 -5.86 4.30 3.35
CA THR A 10 -4.90 4.92 4.21
C THR A 10 -4.11 5.96 3.41
N VAL A 11 -3.50 6.90 4.12
CA VAL A 11 -2.72 7.93 3.46
C VAL A 11 -1.36 8.05 4.12
N ARG A 12 -0.38 8.53 3.37
CA ARG A 12 0.97 8.70 3.90
C ARG A 12 1.68 9.91 3.36
N VAL A 13 2.29 10.67 4.28
CA VAL A 13 3.02 11.88 3.93
C VAL A 13 3.60 12.51 5.18
N PRO A 14 4.75 12.01 5.70
CA PRO A 14 5.36 12.54 6.90
C PRO A 14 6.17 13.82 6.75
N ALA A 15 5.94 14.62 7.77
CA ALA A 15 6.51 15.93 8.02
C ALA A 15 7.99 15.91 8.32
N ILE A 16 8.43 14.92 9.05
CA ILE A 16 9.81 14.90 9.54
C ILE A 16 10.88 14.81 8.44
N SER A 17 10.61 13.93 7.45
CA SER A 17 11.54 13.75 6.32
C SER A 17 11.21 14.62 5.10
N ALA A 18 12.19 15.45 4.70
CA ALA A 18 12.14 16.39 3.55
C ALA A 18 11.97 15.79 2.14
N LYS A 19 12.65 14.63 1.90
CA LYS A 19 12.59 13.93 0.59
C LYS A 19 11.47 12.90 0.49
N ILE A 20 10.92 12.71 -0.70
CA ILE A 20 9.83 11.74 -0.87
C ILE A 20 10.27 10.83 -2.00
N ALA A 21 9.52 9.76 -2.02
CA ALA A 21 9.60 8.65 -2.92
C ALA A 21 8.20 8.12 -3.19
N ASP A 22 7.92 7.60 -4.42
CA ASP A 22 6.58 7.07 -4.77
C ASP A 22 6.57 5.59 -4.53
N ILE A 23 7.70 5.15 -4.11
CA ILE A 23 7.97 3.79 -3.83
C ILE A 23 8.80 3.80 -2.59
N PRO A 24 8.15 4.06 -1.49
CA PRO A 24 8.79 4.10 -0.20
C PRO A 24 8.83 2.78 0.56
N PRO A 25 9.77 2.67 1.54
CA PRO A 25 9.96 1.49 2.38
C PRO A 25 8.95 1.36 3.49
N ASP A 26 8.62 0.14 3.86
CA ASP A 26 7.66 -0.10 4.93
C ASP A 26 8.28 -0.96 6.02
N GLU A 27 7.66 -0.91 7.19
CA GLU A 27 8.14 -1.68 8.34
C GLU A 27 7.98 -3.17 8.04
N TYR A 28 7.07 -3.43 7.11
CA TYR A 28 6.75 -4.78 6.68
C TYR A 28 7.12 -5.02 5.23
N SER A 29 7.52 -6.24 4.92
CA SER A 29 7.90 -6.56 3.56
C SER A 29 6.70 -6.52 2.62
N TRP A 30 6.98 -6.36 1.34
CA TRP A 30 5.96 -6.25 0.31
C TRP A 30 6.50 -6.77 -1.01
N ARG A 31 5.62 -7.11 -1.93
CA ARG A 31 6.06 -7.59 -3.23
C ARG A 31 5.37 -6.76 -4.24
N LYS A 32 6.02 -6.45 -5.30
CA LYS A 32 5.40 -5.65 -6.31
C LYS A 32 5.16 -6.29 -7.67
N TYR A 33 3.97 -6.00 -8.17
CA TYR A 33 3.48 -6.47 -9.43
C TYR A 33 3.45 -5.26 -10.39
N GLY A 34 3.04 -5.48 -11.63
CA GLY A 34 3.04 -4.40 -12.59
C GLY A 34 2.12 -3.23 -12.24
N GLN A 35 2.17 -2.16 -13.05
CA GLN A 35 1.34 -0.99 -12.84
C GLN A 35 0.26 -0.86 -13.91
N LYS A 36 -0.91 -0.37 -13.51
CA LYS A 36 -2.05 -0.19 -14.44
C LYS A 36 -2.52 1.27 -14.55
N PRO A 37 -2.15 1.95 -15.67
CA PRO A 37 -2.51 3.34 -15.90
C PRO A 37 -4.00 3.64 -15.68
N ILE A 38 -4.30 4.82 -15.11
CA ILE A 38 -5.67 5.25 -14.82
C ILE A 38 -6.05 6.28 -15.88
N LYS A 39 -7.11 6.09 -16.68
CA LYS A 39 -7.35 7.12 -17.67
C LYS A 39 -7.97 8.37 -17.04
N GLY A 40 -7.43 9.46 -17.54
CA GLY A 40 -7.77 10.82 -17.19
C GLY A 40 -7.05 11.21 -15.92
N SER A 41 -6.29 10.31 -15.33
CA SER A 41 -5.57 10.61 -14.12
C SER A 41 -4.11 10.27 -14.30
N PRO A 42 -3.14 11.18 -14.44
CA PRO A 42 -1.82 10.65 -14.61
C PRO A 42 -1.29 10.33 -13.24
N HIS A 43 -1.20 9.03 -13.05
CA HIS A 43 -0.71 8.41 -11.83
C HIS A 43 -0.97 6.91 -11.89
N PRO A 44 -0.01 6.10 -12.36
CA PRO A 44 -0.20 4.65 -12.47
C PRO A 44 -0.53 3.97 -11.16
N ARG A 45 -1.39 2.93 -11.18
CA ARG A 45 -1.74 2.26 -9.94
C ARG A 45 -0.91 1.02 -9.90
N GLY A 46 -0.18 0.86 -8.82
CA GLY A 46 0.66 -0.33 -8.69
C GLY A 46 0.03 -1.44 -7.88
N TYR A 47 0.20 -2.69 -8.30
CA TYR A 47 -0.34 -3.79 -7.53
C TYR A 47 0.75 -4.38 -6.68
N TYR A 48 0.45 -4.61 -5.40
CA TYR A 48 1.41 -5.16 -4.45
C TYR A 48 0.72 -6.16 -3.56
N LYS A 49 1.49 -7.14 -3.21
CA LYS A 49 1.06 -8.24 -2.38
C LYS A 49 1.75 -8.04 -1.03
N CYS A 50 1.09 -8.45 0.05
CA CYS A 50 1.68 -8.30 1.40
C CYS A 50 2.58 -9.44 1.83
N SER A 51 3.81 -9.10 2.20
CA SER A 51 4.72 -10.14 2.63
C SER A 51 5.16 -9.75 4.04
N THR A 52 5.37 -10.78 4.85
CA THR A 52 5.78 -10.63 6.22
C THR A 52 5.89 -11.98 6.88
N PHE A 53 4.72 -12.59 6.99
CA PHE A 53 4.56 -13.91 7.60
C PHE A 53 3.46 -14.63 6.83
N ARG A 54 3.69 -15.85 6.34
CA ARG A 54 2.61 -16.48 5.61
C ARG A 54 1.42 -16.89 6.48
N GLY A 55 0.27 -16.62 5.90
CA GLY A 55 -1.03 -16.89 6.46
C GLY A 55 -1.85 -15.65 6.24
N CYS A 56 -1.22 -14.56 5.84
CA CYS A 56 -1.97 -13.35 5.62
C CYS A 56 -2.71 -13.30 4.30
N PRO A 57 -4.05 -13.21 4.31
CA PRO A 57 -4.81 -13.12 3.10
C PRO A 57 -4.94 -11.63 2.83
N ALA A 58 -4.31 -11.09 1.79
CA ALA A 58 -4.39 -9.63 1.48
C ALA A 58 -3.55 -9.24 0.28
N ARG A 59 -4.01 -8.18 -0.34
CA ARG A 59 -3.43 -7.58 -1.52
C ARG A 59 -3.57 -6.07 -1.36
N LYS A 60 -2.71 -5.29 -1.97
CA LYS A 60 -2.86 -3.85 -1.85
C LYS A 60 -2.43 -3.10 -3.10
N HIS A 61 -2.96 -1.89 -3.22
CA HIS A 61 -2.64 -1.03 -4.34
C HIS A 61 -2.10 0.30 -3.84
N VAL A 62 -1.09 0.81 -4.54
CA VAL A 62 -0.44 2.05 -4.17
C VAL A 62 -0.49 3.01 -5.33
N GLU A 63 -0.95 4.20 -5.05
CA GLU A 63 -1.06 5.22 -6.04
C GLU A 63 -0.85 6.58 -5.39
N ARG A 64 -0.69 7.59 -6.22
CA ARG A 64 -0.43 8.89 -5.77
C ARG A 64 -1.68 9.75 -5.77
N ALA A 65 -1.84 10.58 -4.74
CA ALA A 65 -2.99 11.44 -4.63
C ALA A 65 -2.89 12.58 -5.62
N LEU A 66 -4.04 12.84 -6.23
CA LEU A 66 -4.23 13.88 -7.22
C LEU A 66 -4.30 15.24 -6.56
N ASP A 67 -4.68 15.24 -5.28
CA ASP A 67 -4.81 16.47 -4.52
C ASP A 67 -3.47 17.15 -4.57
N ASP A 68 -2.48 16.33 -4.27
CA ASP A 68 -1.09 16.72 -4.25
C ASP A 68 -0.33 15.50 -4.74
N PRO A 69 0.62 15.67 -5.69
CA PRO A 69 1.40 14.55 -6.22
C PRO A 69 2.27 13.94 -5.16
N ALA A 70 2.64 14.79 -4.23
CA ALA A 70 3.46 14.40 -3.11
C ALA A 70 2.76 13.40 -2.17
N MET A 71 1.44 13.45 -2.01
CA MET A 71 0.83 12.49 -1.10
C MET A 71 0.53 11.13 -1.69
N LEU A 72 0.69 10.08 -0.85
CA LEU A 72 0.50 8.70 -1.25
C LEU A 72 -0.75 8.11 -0.68
N ILE A 73 -1.39 7.25 -1.47
CA ILE A 73 -2.65 6.61 -1.11
C ILE A 73 -2.50 5.09 -1.05
N VAL A 74 -2.94 4.43 0.00
CA VAL A 74 -2.73 2.99 -0.01
C VAL A 74 -4.05 2.33 0.29
N THR A 75 -4.37 1.37 -0.55
CA THR A 75 -5.61 0.65 -0.41
C THR A 75 -5.29 -0.77 -0.02
N TYR A 76 -5.88 -1.23 1.06
CA TYR A 76 -5.63 -2.57 1.55
C TYR A 76 -6.88 -3.43 1.42
N GLU A 77 -6.67 -4.68 1.00
CA GLU A 77 -7.74 -5.64 0.84
C GLU A 77 -7.40 -6.86 1.68
N GLY A 78 -8.37 -7.44 2.37
CA GLY A 78 -8.02 -8.59 3.17
C GLY A 78 -7.76 -8.11 4.56
N GLU A 79 -7.07 -8.89 5.34
CA GLU A 79 -6.81 -8.46 6.68
C GLU A 79 -5.43 -8.94 7.11
N HIS A 80 -4.83 -8.12 7.95
CA HIS A 80 -3.52 -8.39 8.49
C HIS A 80 -3.59 -8.95 9.91
N ARG A 81 -2.87 -10.03 10.15
CA ARG A 81 -2.85 -10.63 11.47
C ARG A 81 -1.43 -10.50 11.99
N HIS A 82 -0.65 -9.65 11.34
CA HIS A 82 0.73 -9.45 11.75
C HIS A 82 0.87 -8.64 13.02
N ASN A 83 1.68 -9.21 13.90
CA ASN A 83 2.00 -8.64 15.20
C ASN A 83 3.47 -8.28 15.16
N GLN A 84 3.83 -7.05 15.50
CA GLN A 84 5.23 -6.65 15.44
C GLN A 84 6.05 -7.55 16.39
N SER A 85 5.51 -7.88 17.55
CA SER A 85 6.24 -8.75 18.51
C SER A 85 6.56 -10.15 17.90
N ALA A 86 5.69 -10.71 17.00
CA ALA A 86 5.97 -12.03 16.37
C ALA A 86 7.23 -12.01 15.47
N MET A 87 7.44 -10.89 14.72
CA MET A 87 8.62 -10.75 13.84
C MET A 87 9.85 -10.67 14.65
N LEU A 88 9.72 -10.03 15.74
CA LEU A 88 10.80 -9.94 16.60
C LEU A 88 11.38 -11.22 17.10
N GLU A 89 10.29 -11.86 17.39
CA GLU A 89 9.89 -13.17 17.88
C GLU A 89 10.35 -14.20 15.99
ZN ZN B . -0.32 -8.90 5.85
N SER A 2 -20.32 -16.84 1.49
CA SER A 2 -20.29 -15.67 2.42
C SER A 2 -20.26 -16.25 4.02
N ARG A 3 -19.34 -15.18 4.57
CA ARG A 3 -18.86 -14.36 5.90
C ARG A 3 -18.47 -12.93 5.10
N LYS A 4 -18.33 -11.61 5.63
CA LYS A 4 -17.91 -10.41 4.61
C LYS A 4 -16.46 -9.83 4.64
N ASN A 5 -15.97 -9.44 3.35
CA ASN A 5 -14.64 -8.71 2.97
C ASN A 5 -14.72 -7.12 2.72
N ARG A 6 -13.70 -6.31 3.23
CA ARG A 6 -13.71 -4.81 3.08
C ARG A 6 -12.34 -4.24 2.70
N MET A 7 -12.47 -3.11 2.02
CA MET A 7 -11.38 -2.26 1.51
C MET A 7 -11.27 -0.99 2.33
N LYS A 8 -10.07 -0.63 2.77
CA LYS A 8 -9.92 0.57 3.58
C LYS A 8 -8.77 1.35 2.99
N ARG A 9 -8.92 2.66 3.12
CA ARG A 9 -7.96 3.64 2.64
C ARG A 9 -7.18 4.36 3.73
N THR A 10 -5.90 4.43 3.44
CA THR A 10 -4.91 5.06 4.28
C THR A 10 -4.14 6.08 3.46
N VAL A 11 -3.98 7.27 4.01
CA VAL A 11 -3.26 8.32 3.31
C VAL A 11 -2.09 8.79 4.15
N ARG A 12 -0.92 8.84 3.55
CA ARG A 12 0.28 9.26 4.26
C ARG A 12 1.12 10.25 3.48
N VAL A 13 1.79 11.13 4.23
CA VAL A 13 2.64 12.16 3.64
C VAL A 13 3.52 12.78 4.73
N PRO A 14 4.50 12.02 5.28
CA PRO A 14 5.37 12.53 6.33
C PRO A 14 6.50 13.45 5.89
N ALA A 15 6.81 14.27 6.86
CA ALA A 15 7.82 15.32 6.86
C ALA A 15 9.12 14.89 7.53
N ILE A 16 9.09 13.81 8.27
CA ILE A 16 10.24 13.41 9.07
C ILE A 16 11.49 13.04 8.27
N SER A 17 11.27 12.28 7.18
CA SER A 17 12.38 11.86 6.31
C SER A 17 12.96 13.01 5.45
N ALA A 18 14.28 12.99 5.31
CA ALA A 18 15.10 13.97 4.53
C ALA A 18 14.83 14.09 3.01
N LYS A 19 14.54 12.93 2.36
CA LYS A 19 14.26 12.88 0.91
C LYS A 19 12.85 12.39 0.56
N ILE A 20 12.27 12.91 -0.50
CA ILE A 20 10.91 12.51 -0.88
C ILE A 20 11.10 11.38 -1.88
N ALA A 21 10.41 10.33 -1.50
CA ALA A 21 10.32 9.06 -2.15
C ALA A 21 8.85 8.66 -2.28
N ASP A 22 8.42 8.10 -3.45
CA ASP A 22 7.02 7.71 -3.65
C ASP A 22 6.89 6.22 -3.46
N ILE A 23 7.96 5.70 -2.98
CA ILE A 23 8.10 4.32 -2.72
C ILE A 23 8.71 4.25 -1.35
N PRO A 24 7.87 4.42 -0.37
CA PRO A 24 8.29 4.37 1.03
C PRO A 24 8.24 2.99 1.68
N PRO A 25 9.42 2.48 2.09
CA PRO A 25 9.60 1.18 2.73
C PRO A 25 8.70 0.98 3.95
N ASP A 26 8.13 -0.21 4.09
CA ASP A 26 7.27 -0.51 5.20
C ASP A 26 8.01 -1.33 6.24
N GLU A 27 7.43 -1.38 7.44
CA GLU A 27 8.02 -2.12 8.54
C GLU A 27 8.00 -3.61 8.19
N TYR A 28 7.08 -3.94 7.29
CA TYR A 28 6.89 -5.29 6.81
C TYR A 28 7.26 -5.43 5.36
N SER A 29 7.71 -6.61 4.97
CA SER A 29 8.09 -6.85 3.60
C SER A 29 6.89 -6.73 2.66
N TRP A 30 7.17 -6.40 1.41
CA TRP A 30 6.16 -6.21 0.39
C TRP A 30 6.65 -6.75 -0.94
N ARG A 31 5.74 -7.05 -1.85
CA ARG A 31 6.13 -7.53 -3.15
C ARG A 31 5.37 -6.72 -4.14
N LYS A 32 6.00 -6.36 -5.21
CA LYS A 32 5.30 -5.58 -6.20
C LYS A 32 5.02 -6.24 -7.54
N TYR A 33 3.78 -6.08 -7.94
CA TYR A 33 3.23 -6.59 -9.16
C TYR A 33 3.25 -5.44 -10.18
N GLY A 34 2.78 -5.70 -11.39
CA GLY A 34 2.83 -4.67 -12.42
C GLY A 34 2.01 -3.43 -12.12
N GLN A 35 2.15 -2.41 -12.98
CA GLN A 35 1.41 -1.15 -12.81
C GLN A 35 0.46 -0.89 -13.99
N LYS A 36 -0.70 -0.33 -13.70
CA LYS A 36 -1.70 -0.02 -14.73
C LYS A 36 -2.12 1.46 -14.74
N PRO A 37 -2.38 2.01 -15.95
CA PRO A 37 -2.72 3.42 -16.13
C PRO A 37 -4.17 3.76 -15.72
N ILE A 38 -4.40 5.03 -15.36
CA ILE A 38 -5.73 5.52 -14.96
C ILE A 38 -6.16 6.56 -15.98
N LYS A 39 -7.30 6.44 -16.66
CA LYS A 39 -7.59 7.48 -17.63
C LYS A 39 -8.01 8.78 -16.95
N GLY A 40 -7.46 9.81 -17.55
CA GLY A 40 -7.63 11.21 -17.20
C GLY A 40 -6.75 11.54 -16.03
N SER A 41 -6.05 10.58 -15.47
CA SER A 41 -5.17 10.83 -14.35
C SER A 41 -3.80 10.28 -14.64
N PRO A 42 -2.74 11.02 -14.97
CA PRO A 42 -1.54 10.30 -15.21
C PRO A 42 -0.89 10.02 -13.87
N HIS A 43 -0.97 8.76 -13.54
CA HIS A 43 -0.44 8.20 -12.30
C HIS A 43 -0.77 6.71 -12.25
N PRO A 44 0.14 5.83 -12.72
CA PRO A 44 -0.11 4.39 -12.73
C PRO A 44 -0.43 3.81 -11.36
N ARG A 45 -1.40 2.89 -11.27
CA ARG A 45 -1.72 2.29 -9.99
C ARG A 45 -0.92 1.02 -9.90
N GLY A 46 -0.18 0.88 -8.83
CA GLY A 46 0.63 -0.32 -8.67
C GLY A 46 -0.02 -1.38 -7.81
N TYR A 47 0.12 -2.65 -8.19
CA TYR A 47 -0.42 -3.72 -7.37
C TYR A 47 0.67 -4.31 -6.53
N TYR A 48 0.37 -4.51 -5.24
CA TYR A 48 1.35 -5.05 -4.30
C TYR A 48 0.70 -6.15 -3.49
N LYS A 49 1.51 -7.13 -3.22
CA LYS A 49 1.13 -8.31 -2.47
C LYS A 49 1.85 -8.21 -1.14
N CYS A 50 1.28 -8.80 -0.08
CA CYS A 50 1.91 -8.77 1.24
C CYS A 50 2.99 -9.81 1.48
N SER A 51 4.15 -9.35 1.92
CA SER A 51 5.23 -10.29 2.17
C SER A 51 5.60 -10.12 3.63
N THR A 52 5.62 -11.25 4.33
CA THR A 52 5.94 -11.31 5.74
C THR A 52 6.02 -12.75 6.18
N PHE A 53 4.83 -13.32 6.28
CA PHE A 53 4.63 -14.71 6.70
C PHE A 53 3.50 -15.29 5.86
N ARG A 54 3.69 -16.44 5.19
CA ARG A 54 2.57 -16.92 4.41
C ARG A 54 1.41 -17.46 5.23
N GLY A 55 0.26 -17.07 4.76
CA GLY A 55 -1.04 -17.42 5.30
C GLY A 55 -1.81 -16.14 5.38
N CYS A 56 -1.19 -15.02 5.09
CA CYS A 56 -1.90 -13.76 5.15
C CYS A 56 -2.88 -13.53 4.01
N PRO A 57 -4.17 -13.31 4.31
CA PRO A 57 -5.14 -13.05 3.28
C PRO A 57 -5.10 -11.55 3.09
N ALA A 58 -4.62 -11.04 1.97
CA ALA A 58 -4.53 -9.57 1.72
C ALA A 58 -3.54 -9.21 0.65
N ARG A 59 -3.82 -8.05 0.05
CA ARG A 59 -3.05 -7.47 -1.02
C ARG A 59 -3.31 -5.97 -0.95
N LYS A 60 -2.47 -5.15 -1.56
CA LYS A 60 -2.73 -3.71 -1.52
C LYS A 60 -2.30 -3.01 -2.79
N HIS A 61 -2.88 -1.84 -2.98
CA HIS A 61 -2.58 -1.01 -4.13
C HIS A 61 -2.09 0.36 -3.67
N VAL A 62 -1.13 0.90 -4.40
CA VAL A 62 -0.53 2.18 -4.10
C VAL A 62 -0.77 3.14 -5.24
N GLU A 63 -1.29 4.29 -4.88
CA GLU A 63 -1.59 5.31 -5.85
C GLU A 63 -1.31 6.66 -5.26
N ARG A 64 -1.03 7.62 -6.12
CA ARG A 64 -0.70 8.93 -5.72
C ARG A 64 -1.86 9.89 -5.90
N ALA A 65 -2.11 10.72 -4.90
CA ALA A 65 -3.18 11.68 -4.96
C ALA A 65 -2.97 12.64 -6.11
N LEU A 66 -3.97 12.65 -6.97
CA LEU A 66 -4.04 13.46 -8.16
C LEU A 66 -4.12 14.93 -7.80
N ASP A 67 -4.93 15.22 -6.79
CA ASP A 67 -5.14 16.59 -6.35
C ASP A 67 -3.81 17.11 -5.88
N ASP A 68 -3.22 16.28 -5.05
CA ASP A 68 -1.94 16.53 -4.43
C ASP A 68 -1.04 15.40 -4.87
N PRO A 69 -0.12 15.63 -5.82
CA PRO A 69 0.78 14.58 -6.32
C PRO A 69 1.70 14.10 -5.22
N ALA A 70 1.98 15.03 -4.32
CA ALA A 70 2.81 14.77 -3.17
C ALA A 70 2.21 13.77 -2.19
N MET A 71 0.88 13.69 -2.03
CA MET A 71 0.37 12.74 -1.07
C MET A 71 0.12 11.35 -1.63
N LEU A 72 0.35 10.33 -0.77
CA LEU A 72 0.24 8.93 -1.12
C LEU A 72 -1.03 8.31 -0.60
N ILE A 73 -1.65 7.48 -1.44
CA ILE A 73 -2.92 6.83 -1.12
C ILE A 73 -2.73 5.32 -1.02
N VAL A 74 -3.20 4.68 0.04
CA VAL A 74 -2.96 3.26 0.09
C VAL A 74 -4.27 2.58 0.39
N THR A 75 -4.54 1.55 -0.38
CA THR A 75 -5.77 0.81 -0.24
C THR A 75 -5.41 -0.61 0.17
N TYR A 76 -5.99 -1.07 1.25
CA TYR A 76 -5.71 -2.40 1.75
C TYR A 76 -6.94 -3.29 1.62
N GLU A 77 -6.68 -4.53 1.22
CA GLU A 77 -7.74 -5.52 1.04
C GLU A 77 -7.39 -6.73 1.89
N GLY A 78 -8.36 -7.31 2.60
CA GLY A 78 -7.99 -8.45 3.41
C GLY A 78 -7.54 -7.94 4.73
N GLU A 79 -6.84 -8.73 5.47
CA GLU A 79 -6.40 -8.27 6.75
C GLU A 79 -5.09 -8.93 7.12
N HIS A 80 -4.36 -8.24 7.98
CA HIS A 80 -3.08 -8.70 8.45
C HIS A 80 -3.18 -9.29 9.84
N ARG A 81 -2.58 -10.46 10.02
CA ARG A 81 -2.60 -11.11 11.32
C ARG A 81 -1.16 -11.17 11.81
N HIS A 82 -0.29 -10.39 11.16
CA HIS A 82 1.11 -10.34 11.55
C HIS A 82 1.35 -9.60 12.85
N ASN A 83 2.20 -10.23 13.64
CA ASN A 83 2.61 -9.75 14.94
C ASN A 83 4.09 -9.44 14.82
N GLN A 84 4.50 -8.20 15.10
CA GLN A 84 5.91 -7.85 14.98
C GLN A 84 6.72 -8.68 16.00
N SER A 85 6.22 -8.86 17.20
CA SER A 85 6.93 -9.66 18.23
C SER A 85 7.15 -11.13 17.76
N ALA A 86 6.11 -11.80 17.17
CA ALA A 86 6.27 -13.20 16.68
C ALA A 86 7.34 -13.32 15.55
N MET A 87 7.44 -12.30 14.66
CA MET A 87 8.41 -12.31 13.55
C MET A 87 9.78 -12.29 14.10
N LEU A 88 9.93 -11.55 15.14
CA LEU A 88 11.18 -11.49 15.74
C LEU A 88 11.73 -12.77 16.28
N GLU A 89 10.64 -13.28 16.81
CA GLU A 89 10.24 -14.47 17.51
C GLU A 89 10.24 -15.71 15.69
ZN ZN B . -0.02 -9.48 5.70
N SER A 2 -23.98 -7.64 -3.09
CA SER A 2 -25.26 -8.40 -3.14
C SER A 2 -25.41 -9.30 -1.69
N ARG A 3 -24.03 -9.95 -1.76
CA ARG A 3 -22.85 -10.65 -0.91
C ARG A 3 -22.08 -9.24 -0.45
N LYS A 4 -21.71 -8.79 0.86
CA LYS A 4 -20.94 -7.37 1.01
C LYS A 4 -19.45 -7.23 0.55
N ASN A 5 -19.16 -5.98 -0.08
CA ASN A 5 -17.78 -5.41 -0.57
C ASN A 5 -16.99 -4.45 0.44
N ARG A 6 -15.86 -4.95 1.11
CA ARG A 6 -15.07 -4.13 2.11
C ARG A 6 -13.63 -3.85 1.63
N MET A 7 -13.40 -2.55 1.55
CA MET A 7 -12.15 -1.90 1.15
C MET A 7 -11.77 -0.83 2.16
N LYS A 8 -10.48 -0.62 2.39
CA LYS A 8 -10.09 0.40 3.35
C LYS A 8 -9.00 1.23 2.68
N ARG A 9 -9.01 2.49 3.08
CA ARG A 9 -8.08 3.50 2.60
C ARG A 9 -7.29 4.21 3.67
N THR A 10 -6.02 4.34 3.35
CA THR A 10 -5.02 4.97 4.16
C THR A 10 -4.26 5.99 3.32
N VAL A 11 -4.04 7.16 3.88
CA VAL A 11 -3.33 8.21 3.15
C VAL A 11 -2.14 8.67 3.98
N ARG A 12 -0.97 8.70 3.36
CA ARG A 12 0.24 9.11 4.06
C ARG A 12 1.06 10.12 3.27
N VAL A 13 1.76 10.97 4.02
CA VAL A 13 2.62 12.00 3.43
C VAL A 13 3.46 12.65 4.51
N PRO A 14 4.52 11.97 5.00
CA PRO A 14 5.38 12.51 6.06
C PRO A 14 6.40 13.55 5.63
N ALA A 15 6.68 14.35 6.63
CA ALA A 15 7.60 15.47 6.64
C ALA A 15 8.87 15.20 7.42
N ILE A 16 8.86 14.19 8.26
CA ILE A 16 9.99 13.93 9.16
C ILE A 16 11.28 13.53 8.44
N SER A 17 11.15 12.64 7.44
CA SER A 17 12.31 12.18 6.67
C SER A 17 12.84 13.24 5.68
N ALA A 18 14.15 13.15 5.41
CA ALA A 18 14.93 14.04 4.50
C ALA A 18 14.55 14.04 3.00
N LYS A 19 14.23 12.82 2.47
CA LYS A 19 13.83 12.65 1.05
C LYS A 19 12.48 11.97 0.86
N ILE A 20 11.75 12.35 -0.17
CA ILE A 20 10.42 11.74 -0.41
C ILE A 20 10.67 10.60 -1.37
N ALA A 21 10.19 9.49 -0.87
CA ALA A 21 10.21 8.18 -1.44
C ALA A 21 8.80 7.76 -1.79
N ASP A 22 8.53 7.38 -3.07
CA ASP A 22 7.17 6.95 -3.50
C ASP A 22 7.21 5.51 -3.91
N ILE A 23 6.08 4.92 -3.73
CA ILE A 23 5.84 3.57 -4.05
C ILE A 23 7.05 2.83 -3.55
N PRO A 24 7.16 2.76 -2.26
CA PRO A 24 8.26 2.08 -1.61
C PRO A 24 7.98 0.63 -1.22
N PRO A 25 8.65 -0.32 -1.92
CA PRO A 25 8.53 -1.76 -1.69
C PRO A 25 9.54 -2.30 -0.69
N ASP A 26 9.18 -3.37 -0.01
CA ASP A 26 10.07 -3.98 0.96
C ASP A 26 10.39 -5.42 0.56
N GLU A 27 11.34 -6.01 1.28
CA GLU A 27 11.77 -7.37 1.01
C GLU A 27 10.60 -8.31 1.31
N TYR A 28 9.88 -7.95 2.36
CA TYR A 28 8.74 -8.73 2.84
C TYR A 28 7.52 -7.86 3.04
N SER A 29 7.67 -6.82 3.84
CA SER A 29 6.55 -5.95 4.11
C SER A 29 5.59 -5.89 2.92
N TRP A 30 6.04 -5.21 1.88
CA TRP A 30 5.26 -5.02 0.65
C TRP A 30 5.97 -5.67 -0.52
N ARG A 31 5.22 -6.26 -1.43
CA ARG A 31 5.84 -6.88 -2.58
C ARG A 31 5.20 -6.26 -3.77
N LYS A 32 5.96 -5.96 -4.76
CA LYS A 32 5.39 -5.38 -5.95
C LYS A 32 5.07 -6.29 -7.11
N TYR A 33 4.05 -5.85 -7.83
CA TYR A 33 3.51 -6.52 -8.99
C TYR A 33 3.37 -5.46 -10.09
N GLY A 34 2.88 -5.87 -11.25
CA GLY A 34 2.77 -4.93 -12.37
C GLY A 34 2.01 -3.65 -12.03
N GLN A 35 2.11 -2.66 -12.92
CA GLN A 35 1.43 -1.38 -12.74
C GLN A 35 0.44 -1.11 -13.87
N LYS A 36 -0.71 -0.53 -13.53
CA LYS A 36 -1.76 -0.22 -14.52
C LYS A 36 -2.10 1.28 -14.60
N PRO A 37 -2.13 1.84 -15.82
CA PRO A 37 -2.38 3.27 -16.04
C PRO A 37 -3.85 3.68 -15.80
N ILE A 38 -4.03 4.91 -15.28
CA ILE A 38 -5.36 5.46 -14.98
C ILE A 38 -5.57 6.65 -15.88
N LYS A 39 -6.62 6.72 -16.73
CA LYS A 39 -6.70 7.91 -17.56
C LYS A 39 -7.17 9.12 -16.77
N GLY A 40 -6.52 10.20 -17.11
CA GLY A 40 -6.70 11.53 -16.59
C GLY A 40 -5.99 11.67 -15.28
N SER A 41 -5.28 10.63 -14.85
CA SER A 41 -4.56 10.68 -13.60
C SER A 41 -3.12 10.34 -13.83
N PRO A 42 -2.11 11.22 -13.85
CA PRO A 42 -0.81 10.68 -14.08
C PRO A 42 -0.48 9.79 -12.92
N HIS A 43 0.37 8.85 -13.25
CA HIS A 43 0.89 7.82 -12.35
C HIS A 43 -0.06 6.63 -12.36
N PRO A 44 0.45 5.41 -12.62
CA PRO A 44 -0.38 4.22 -12.67
C PRO A 44 -0.68 3.61 -11.30
N ARG A 45 -1.74 2.79 -11.19
CA ARG A 45 -2.04 2.18 -9.90
C ARG A 45 -1.22 0.93 -9.83
N GLY A 46 -0.45 0.81 -8.78
CA GLY A 46 0.39 -0.38 -8.64
C GLY A 46 -0.25 -1.49 -7.82
N TYR A 47 0.02 -2.74 -8.17
CA TYR A 47 -0.51 -3.83 -7.38
C TYR A 47 0.56 -4.38 -6.48
N TYR A 48 0.18 -4.65 -5.23
CA TYR A 48 1.12 -5.17 -4.23
C TYR A 48 0.39 -6.15 -3.33
N LYS A 49 1.18 -7.05 -2.80
CA LYS A 49 0.72 -8.09 -1.93
C LYS A 49 1.48 -7.88 -0.62
N CYS A 50 0.87 -8.24 0.51
CA CYS A 50 1.52 -8.11 1.82
C CYS A 50 2.17 -9.36 2.35
N SER A 51 3.49 -9.33 2.51
CA SER A 51 4.18 -10.50 3.00
C SER A 51 4.93 -10.05 4.25
N THR A 52 5.11 -11.00 5.15
CA THR A 52 5.80 -10.79 6.40
C THR A 52 5.95 -12.10 7.13
N PHE A 53 4.80 -12.57 7.58
CA PHE A 53 4.69 -13.83 8.31
C PHE A 53 3.28 -14.37 8.09
N ARG A 54 3.02 -15.67 8.28
CA ARG A 54 1.68 -16.12 8.04
C ARG A 54 0.69 -15.79 9.15
N GLY A 55 -0.47 -15.39 8.69
CA GLY A 55 -1.61 -15.01 9.48
C GLY A 55 -2.19 -13.79 8.82
N CYS A 56 -1.48 -13.20 7.88
CA CYS A 56 -2.01 -12.03 7.22
C CYS A 56 -2.44 -12.23 5.79
N PRO A 57 -3.74 -12.36 5.52
CA PRO A 57 -4.23 -12.52 4.17
C PRO A 57 -4.56 -11.10 3.72
N ALA A 58 -3.81 -10.51 2.79
CA ALA A 58 -4.08 -9.13 2.32
C ALA A 58 -3.34 -8.79 1.03
N ARG A 59 -3.99 -7.90 0.31
CA ARG A 59 -3.53 -7.39 -0.98
C ARG A 59 -3.68 -5.89 -0.93
N LYS A 60 -2.88 -5.14 -1.65
CA LYS A 60 -3.04 -3.69 -1.62
C LYS A 60 -2.58 -3.02 -2.90
N HIS A 61 -3.06 -1.80 -3.07
CA HIS A 61 -2.71 -0.99 -4.23
C HIS A 61 -2.22 0.37 -3.78
N VAL A 62 -1.27 0.91 -4.54
CA VAL A 62 -0.66 2.20 -4.23
C VAL A 62 -0.91 3.16 -5.36
N GLU A 63 -1.40 4.32 -5.01
CA GLU A 63 -1.72 5.33 -5.96
C GLU A 63 -1.50 6.70 -5.34
N ARG A 64 -1.23 7.67 -6.18
CA ARG A 64 -0.95 8.99 -5.75
C ARG A 64 -2.18 9.89 -5.86
N ALA A 65 -2.35 10.76 -4.87
CA ALA A 65 -3.49 11.66 -4.87
C ALA A 65 -3.30 12.72 -5.93
N LEU A 66 -4.39 12.93 -6.66
CA LEU A 66 -4.49 13.89 -7.74
C LEU A 66 -4.50 15.30 -7.20
N ASP A 67 -5.07 15.44 -6.01
CA ASP A 67 -5.18 16.75 -5.37
C ASP A 67 -3.78 17.28 -5.20
N ASP A 68 -2.96 16.35 -4.75
CA ASP A 68 -1.56 16.58 -4.48
C ASP A 68 -0.83 15.35 -4.99
N PRO A 69 -0.19 15.41 -6.16
CA PRO A 69 0.56 14.28 -6.71
C PRO A 69 1.51 13.71 -5.68
N ALA A 70 2.01 14.61 -4.87
CA ALA A 70 2.91 14.28 -3.80
C ALA A 70 2.31 13.36 -2.75
N MET A 71 0.99 13.43 -2.48
CA MET A 71 0.47 12.53 -1.47
C MET A 71 0.17 11.12 -1.95
N LEU A 72 0.39 10.15 -1.03
CA LEU A 72 0.25 8.73 -1.31
C LEU A 72 -1.05 8.17 -0.78
N ILE A 73 -1.67 7.31 -1.59
CA ILE A 73 -2.96 6.69 -1.26
C ILE A 73 -2.81 5.18 -1.16
N VAL A 74 -3.30 4.56 -0.10
CA VAL A 74 -3.08 3.12 -0.04
C VAL A 74 -4.42 2.47 0.23
N THR A 75 -4.70 1.47 -0.57
CA THR A 75 -5.93 0.74 -0.44
C THR A 75 -5.61 -0.67 0.03
N TYR A 76 -6.18 -1.04 1.15
CA TYR A 76 -5.93 -2.35 1.73
C TYR A 76 -7.14 -3.25 1.57
N GLU A 77 -6.86 -4.52 1.25
CA GLU A 77 -7.89 -5.52 1.09
C GLU A 77 -7.55 -6.67 2.03
N GLY A 78 -8.53 -7.22 2.73
CA GLY A 78 -8.19 -8.30 3.64
C GLY A 78 -7.98 -7.69 4.98
N GLU A 79 -7.22 -8.34 5.82
CA GLU A 79 -7.01 -7.80 7.12
C GLU A 79 -5.58 -8.00 7.54
N HIS A 80 -5.06 -6.98 8.19
CA HIS A 80 -3.71 -6.98 8.67
C HIS A 80 -3.64 -7.23 10.17
N ARG A 81 -2.76 -8.13 10.58
CA ARG A 81 -2.61 -8.44 11.99
C ARG A 81 -1.45 -7.62 12.51
N HIS A 82 -0.92 -6.76 11.65
CA HIS A 82 0.20 -5.91 12.03
C HIS A 82 -0.19 -4.71 12.86
N ASN A 83 0.56 -4.56 13.93
CA ASN A 83 0.42 -3.48 14.90
C ASN A 83 1.22 -2.32 14.37
N GLN A 84 0.60 -1.15 14.16
CA GLN A 84 1.35 -0.02 13.62
C GLN A 84 2.44 0.39 14.65
N SER A 85 2.12 0.40 15.93
CA SER A 85 3.12 0.76 16.97
C SER A 85 4.34 -0.21 16.96
N ALA A 86 4.11 -1.55 16.84
CA ALA A 86 5.24 -2.54 16.80
C ALA A 86 6.17 -2.33 15.56
N MET A 87 5.58 -1.98 14.38
CA MET A 87 6.36 -1.76 13.15
C MET A 87 7.27 -0.61 13.35
N LEU A 88 6.76 0.36 14.03
CA LEU A 88 7.55 1.46 14.30
C LEU A 88 8.81 1.23 15.07
N GLU A 89 8.36 0.44 16.00
CA GLU A 89 8.86 -0.30 17.13
C GLU A 89 9.88 -1.82 15.91
ZN ZN B . -0.19 -7.48 6.33
N SER A 2 -19.44 -11.94 -8.01
CA SER A 2 -19.26 -11.55 -6.57
C SER A 2 -20.39 -12.40 -5.64
N ARG A 3 -19.66 -12.25 -4.32
CA ARG A 3 -19.81 -12.23 -2.70
C ARG A 3 -19.02 -10.76 -2.46
N LYS A 4 -19.28 -9.73 -1.50
CA LYS A 4 -18.33 -8.43 -1.48
C LYS A 4 -17.48 -8.09 -0.20
N ASN A 5 -16.09 -7.92 -0.48
CA ASN A 5 -14.93 -7.47 0.49
C ASN A 5 -14.63 -5.89 0.57
N ARG A 6 -14.98 -5.19 1.73
CA ARG A 6 -14.74 -3.72 1.88
C ARG A 6 -13.25 -3.35 1.95
N MET A 7 -12.96 -2.37 1.12
CA MET A 7 -11.64 -1.75 0.90
C MET A 7 -11.46 -0.59 1.86
N LYS A 8 -10.23 -0.39 2.37
CA LYS A 8 -10.02 0.72 3.29
C LYS A 8 -8.88 1.54 2.71
N ARG A 9 -9.07 2.84 2.87
CA ARG A 9 -8.12 3.85 2.42
C ARG A 9 -7.40 4.59 3.52
N THR A 10 -6.11 4.69 3.27
CA THR A 10 -5.15 5.34 4.15
C THR A 10 -4.26 6.25 3.32
N VAL A 11 -3.62 7.20 3.98
CA VAL A 11 -2.74 8.12 3.29
C VAL A 11 -1.38 8.11 3.94
N ARG A 12 -0.35 8.43 3.16
CA ARG A 12 1.01 8.45 3.68
C ARG A 12 1.83 9.61 3.13
N VAL A 13 2.81 10.02 3.94
CA VAL A 13 3.69 11.13 3.58
C VAL A 13 3.99 11.09 2.08
N PRO A 14 4.31 12.25 1.46
CA PRO A 14 4.62 12.31 0.02
C PRO A 14 5.99 11.81 -0.39
N ALA A 15 6.11 11.88 -1.70
CA ALA A 15 7.24 11.49 -2.52
C ALA A 15 8.54 12.17 -2.11
N ILE A 16 8.47 13.43 -1.74
CA ILE A 16 9.67 14.21 -1.46
C ILE A 16 10.46 13.73 -0.24
N SER A 17 9.73 13.44 0.86
CA SER A 17 10.35 12.95 2.08
C SER A 17 10.60 11.42 2.08
N ALA A 18 11.43 10.99 3.05
CA ALA A 18 11.84 9.57 3.28
C ALA A 18 11.61 8.55 2.15
N LYS A 19 12.73 7.93 1.68
CA LYS A 19 12.69 6.93 0.59
C LYS A 19 11.96 5.64 0.95
N ILE A 20 12.05 5.21 2.21
CA ILE A 20 11.40 3.96 2.62
C ILE A 20 9.92 4.16 2.37
N ALA A 21 9.56 5.33 2.84
CA ALA A 21 8.26 5.91 2.83
C ALA A 21 7.79 6.07 1.38
N ASP A 22 8.70 6.44 0.43
CA ASP A 22 8.31 6.65 -0.98
C ASP A 22 8.54 5.37 -1.74
N ILE A 23 8.97 4.43 -0.99
CA ILE A 23 9.27 3.13 -1.46
C ILE A 23 8.74 2.20 -0.42
N PRO A 24 7.43 2.19 -0.31
CA PRO A 24 6.74 1.35 0.65
C PRO A 24 7.37 -0.02 0.89
N PRO A 25 7.71 -0.74 -0.20
CA PRO A 25 8.33 -2.06 -0.18
C PRO A 25 9.77 -2.05 0.30
N ASP A 26 10.23 -3.14 0.89
CA ASP A 26 11.58 -3.24 1.37
C ASP A 26 12.08 -4.67 1.28
N GLU A 27 12.72 -5.13 2.35
CA GLU A 27 13.25 -6.47 2.40
C GLU A 27 12.09 -7.46 2.34
N TYR A 28 11.01 -7.08 3.03
CA TYR A 28 9.78 -7.86 3.07
C TYR A 28 8.57 -6.98 2.81
N SER A 29 8.02 -6.44 3.88
CA SER A 29 6.86 -5.59 3.74
C SER A 29 5.92 -6.11 2.66
N TRP A 30 5.81 -5.33 1.58
CA TRP A 30 4.93 -5.66 0.46
C TRP A 30 5.76 -5.95 -0.78
N ARG A 31 5.27 -6.81 -1.65
CA ARG A 31 5.99 -7.12 -2.86
C ARG A 31 5.22 -6.50 -3.97
N LYS A 32 5.90 -5.93 -4.90
CA LYS A 32 5.19 -5.33 -6.01
C LYS A 32 4.95 -6.20 -7.23
N TYR A 33 3.76 -5.99 -7.76
CA TYR A 33 3.25 -6.67 -8.92
C TYR A 33 3.16 -5.62 -10.05
N GLY A 34 2.71 -6.05 -11.22
CA GLY A 34 2.67 -5.13 -12.36
C GLY A 34 1.92 -3.83 -12.09
N GLN A 35 2.12 -2.84 -12.97
CA GLN A 35 1.45 -1.55 -12.84
C GLN A 35 0.38 -1.35 -13.91
N LYS A 36 -0.62 -0.52 -13.61
CA LYS A 36 -1.72 -0.24 -14.55
C LYS A 36 -2.08 1.26 -14.61
N PRO A 37 -2.14 1.82 -15.84
CA PRO A 37 -2.39 3.25 -16.06
C PRO A 37 -3.86 3.65 -15.83
N ILE A 38 -4.04 4.89 -15.34
CA ILE A 38 -5.39 5.44 -15.05
C ILE A 38 -5.57 6.66 -15.94
N LYS A 39 -6.60 6.74 -16.79
CA LYS A 39 -6.65 7.96 -17.60
C LYS A 39 -7.15 9.15 -16.79
N GLY A 40 -6.48 10.24 -17.10
CA GLY A 40 -6.68 11.56 -16.58
C GLY A 40 -5.98 11.67 -15.25
N SER A 41 -5.28 10.64 -14.82
CA SER A 41 -4.56 10.68 -13.56
C SER A 41 -3.10 10.40 -13.80
N PRO A 42 -2.14 11.32 -13.78
CA PRO A 42 -0.81 10.83 -14.02
C PRO A 42 -0.46 9.90 -12.90
N HIS A 43 0.42 9.01 -13.26
CA HIS A 43 0.97 7.98 -12.39
C HIS A 43 0.06 6.75 -12.42
N PRO A 44 0.61 5.54 -12.67
CA PRO A 44 -0.18 4.33 -12.74
C PRO A 44 -0.49 3.71 -11.37
N ARG A 45 -1.53 2.87 -11.28
CA ARG A 45 -1.84 2.26 -9.99
C ARG A 45 -1.05 0.98 -9.95
N GLY A 46 -0.33 0.79 -8.87
CA GLY A 46 0.47 -0.43 -8.75
C GLY A 46 -0.18 -1.50 -7.91
N TYR A 47 -0.02 -2.77 -8.28
CA TYR A 47 -0.56 -3.83 -7.47
C TYR A 47 0.53 -4.40 -6.59
N TYR A 48 0.18 -4.69 -5.35
CA TYR A 48 1.12 -5.22 -4.38
C TYR A 48 0.44 -6.27 -3.52
N LYS A 49 1.25 -7.19 -3.09
CA LYS A 49 0.83 -8.30 -2.27
C LYS A 49 1.65 -8.19 -0.99
N CYS A 50 1.05 -8.57 0.15
CA CYS A 50 1.76 -8.52 1.43
C CYS A 50 2.51 -9.77 1.82
N SER A 51 3.84 -9.69 1.85
CA SER A 51 4.62 -10.85 2.21
C SER A 51 5.48 -10.42 3.39
N THR A 52 5.27 -11.10 4.50
CA THR A 52 5.99 -10.84 5.73
C THR A 52 6.00 -12.09 6.59
N PHE A 53 4.79 -12.52 6.87
CA PHE A 53 4.54 -13.72 7.68
C PHE A 53 3.57 -14.60 6.92
N ARG A 54 3.72 -15.93 6.94
CA ARG A 54 2.77 -16.72 6.19
C ARG A 54 1.41 -16.89 6.86
N GLY A 55 0.45 -17.05 5.99
CA GLY A 55 -0.94 -17.25 6.31
C GLY A 55 -1.58 -15.90 6.24
N CYS A 56 -0.80 -14.87 6.04
CA CYS A 56 -1.39 -13.54 5.96
C CYS A 56 -2.19 -13.27 4.70
N PRO A 57 -3.50 -13.07 4.80
CA PRO A 57 -4.32 -12.82 3.64
C PRO A 57 -4.31 -11.30 3.48
N ALA A 58 -4.17 -10.77 2.27
CA ALA A 58 -4.15 -9.29 2.06
C ALA A 58 -3.28 -8.89 0.88
N ARG A 59 -3.88 -8.02 0.10
CA ARG A 59 -3.31 -7.46 -1.12
C ARG A 59 -3.51 -5.96 -1.05
N LYS A 60 -2.67 -5.17 -1.67
CA LYS A 60 -2.88 -3.73 -1.64
C LYS A 60 -2.45 -3.04 -2.93
N HIS A 61 -2.99 -1.85 -3.10
CA HIS A 61 -2.68 -1.03 -4.26
C HIS A 61 -2.18 0.33 -3.82
N VAL A 62 -1.25 0.88 -4.58
CA VAL A 62 -0.64 2.16 -4.28
C VAL A 62 -0.96 3.14 -5.39
N GLU A 63 -1.42 4.30 -4.98
CA GLU A 63 -1.79 5.34 -5.89
C GLU A 63 -1.50 6.68 -5.27
N ARG A 64 -1.35 7.67 -6.10
CA ARG A 64 -1.05 8.99 -5.68
C ARG A 64 -2.26 9.90 -5.74
N ALA A 65 -2.45 10.71 -4.71
CA ALA A 65 -3.56 11.63 -4.65
C ALA A 65 -3.44 12.67 -5.73
N LEU A 66 -4.54 12.81 -6.46
CA LEU A 66 -4.70 13.74 -7.54
C LEU A 66 -4.70 15.18 -7.02
N ASP A 67 -5.31 15.35 -5.86
CA ASP A 67 -5.42 16.67 -5.25
C ASP A 67 -4.01 17.12 -4.94
N ASP A 68 -3.28 16.14 -4.42
CA ASP A 68 -1.91 16.29 -4.01
C ASP A 68 -1.15 15.19 -4.72
N PRO A 69 -0.62 15.44 -5.91
CA PRO A 69 0.16 14.43 -6.65
C PRO A 69 1.26 13.85 -5.77
N ALA A 70 1.83 14.73 -4.99
CA ALA A 70 2.88 14.38 -4.07
C ALA A 70 2.44 13.40 -2.98
N MET A 71 1.17 13.43 -2.52
CA MET A 71 0.83 12.49 -1.48
C MET A 71 0.47 11.09 -1.96
N LEU A 72 0.70 10.10 -1.06
CA LEU A 72 0.50 8.70 -1.35
C LEU A 72 -0.81 8.18 -0.78
N ILE A 73 -1.44 7.29 -1.53
CA ILE A 73 -2.72 6.70 -1.15
C ILE A 73 -2.61 5.18 -1.04
N VAL A 74 -3.10 4.57 0.02
CA VAL A 74 -2.91 3.14 0.09
C VAL A 74 -4.26 2.51 0.33
N THR A 75 -4.55 1.51 -0.48
CA THR A 75 -5.80 0.80 -0.37
C THR A 75 -5.51 -0.61 0.07
N TYR A 76 -6.08 -1.01 1.18
CA TYR A 76 -5.84 -2.33 1.73
C TYR A 76 -7.08 -3.19 1.59
N GLU A 77 -6.85 -4.45 1.22
CA GLU A 77 -7.91 -5.44 1.05
C GLU A 77 -7.53 -6.66 1.86
N GLY A 78 -8.47 -7.27 2.58
CA GLY A 78 -8.08 -8.42 3.34
C GLY A 78 -7.67 -7.96 4.70
N GLU A 79 -6.88 -8.73 5.39
CA GLU A 79 -6.48 -8.32 6.70
C GLU A 79 -5.16 -8.97 7.06
N HIS A 80 -4.36 -8.20 7.76
CA HIS A 80 -3.05 -8.62 8.20
C HIS A 80 -3.11 -9.23 9.59
N ARG A 81 -2.77 -10.51 9.68
CA ARG A 81 -2.78 -11.19 10.97
C ARG A 81 -1.73 -10.53 11.83
N HIS A 82 -0.59 -10.22 11.22
CA HIS A 82 0.49 -9.58 11.95
C HIS A 82 0.25 -8.12 12.27
N ASN A 83 0.85 -7.73 13.37
CA ASN A 83 0.78 -6.39 13.92
C ASN A 83 2.06 -5.68 13.52
N GLN A 84 2.04 -4.37 13.36
CA GLN A 84 3.24 -3.66 12.94
C GLN A 84 4.36 -3.92 13.98
N SER A 85 4.02 -4.05 15.25
CA SER A 85 5.04 -4.31 16.30
C SER A 85 5.88 -5.57 15.97
N ALA A 86 5.28 -6.65 15.40
CA ALA A 86 6.05 -7.88 15.04
C ALA A 86 7.18 -7.60 14.00
N MET A 87 6.92 -6.69 13.03
CA MET A 87 7.91 -6.33 11.98
C MET A 87 9.06 -5.67 12.62
N LEU A 88 8.75 -4.86 13.57
CA LEU A 88 9.79 -4.22 14.26
C LEU A 88 10.77 -5.08 14.97
N GLU A 89 9.96 -5.93 15.53
CA GLU A 89 10.04 -7.11 16.36
C GLU A 89 10.76 -8.41 14.74
ZN ZN B . 0.04 -8.65 5.96
N SER A 2 -20.92 -16.08 -0.51
CA SER A 2 -20.02 -15.40 0.47
C SER A 2 -19.91 -16.37 1.86
N ARG A 3 -18.63 -15.75 2.38
CA ARG A 3 -17.71 -15.46 3.70
C ARG A 3 -17.49 -13.82 3.42
N LYS A 4 -17.32 -12.76 4.36
CA LYS A 4 -17.09 -11.25 3.79
C LYS A 4 -15.64 -10.67 3.65
N ASN A 5 -15.46 -9.85 2.50
CA ASN A 5 -14.22 -9.01 2.05
C ASN A 5 -14.34 -7.41 2.19
N ARG A 6 -13.23 -6.69 2.63
CA ARG A 6 -13.25 -5.19 2.82
C ARG A 6 -12.03 -4.49 2.21
N MET A 7 -12.33 -3.26 1.81
CA MET A 7 -11.43 -2.28 1.18
C MET A 7 -11.33 -1.05 2.05
N LYS A 8 -10.13 -0.72 2.52
CA LYS A 8 -9.99 0.46 3.37
C LYS A 8 -8.79 1.22 2.86
N ARG A 9 -9.02 2.53 2.77
CA ARG A 9 -8.03 3.50 2.31
C ARG A 9 -7.42 4.35 3.39
N THR A 10 -6.12 4.51 3.21
CA THR A 10 -5.26 5.27 4.08
C THR A 10 -4.43 6.23 3.24
N VAL A 11 -3.96 7.30 3.86
CA VAL A 11 -3.15 8.27 3.15
C VAL A 11 -1.91 8.60 3.97
N ARG A 12 -0.75 8.51 3.35
CA ARG A 12 0.50 8.79 4.03
C ARG A 12 1.44 9.66 3.23
N VAL A 13 2.21 10.48 3.94
CA VAL A 13 3.19 11.37 3.33
C VAL A 13 4.30 11.70 4.34
N PRO A 14 5.22 10.75 4.61
CA PRO A 14 6.32 10.97 5.55
C PRO A 14 7.50 11.78 5.03
N ALA A 15 8.08 12.41 6.01
CA ALA A 15 9.22 13.30 5.97
C ALA A 15 10.49 12.61 5.51
N ILE A 16 10.71 11.40 5.95
CA ILE A 16 11.98 10.71 5.71
C ILE A 16 12.20 10.33 4.24
N SER A 17 11.13 9.81 3.60
CA SER A 17 11.21 9.41 2.20
C SER A 17 11.12 10.58 1.21
N ALA A 18 11.84 10.44 0.08
CA ALA A 18 11.92 11.40 -1.04
C ALA A 18 10.71 11.54 -1.97
N LYS A 19 10.51 12.78 -2.51
CA LYS A 19 9.38 13.07 -3.43
C LYS A 19 9.41 12.28 -4.73
N ILE A 20 10.58 12.09 -5.32
CA ILE A 20 10.68 11.34 -6.58
C ILE A 20 10.17 9.95 -6.27
N ALA A 21 10.73 9.52 -5.17
CA ALA A 21 10.53 8.26 -4.51
C ALA A 21 9.09 8.18 -3.99
N ASP A 22 8.12 7.70 -4.81
CA ASP A 22 6.71 7.59 -4.38
C ASP A 22 6.42 6.17 -3.98
N ILE A 23 7.49 5.48 -3.84
CA ILE A 23 7.50 4.11 -3.47
C ILE A 23 8.50 4.01 -2.36
N PRO A 24 8.07 4.38 -1.19
CA PRO A 24 8.91 4.35 -0.01
C PRO A 24 8.84 3.05 0.80
N PRO A 25 10.00 2.33 0.86
CA PRO A 25 10.16 1.10 1.61
C PRO A 25 9.85 1.23 3.10
N ASP A 26 9.28 0.19 3.68
CA ASP A 26 8.94 0.21 5.09
C ASP A 26 9.51 -1.01 5.79
N GLU A 27 9.28 -1.09 7.09
CA GLU A 27 9.75 -2.21 7.89
C GLU A 27 9.09 -3.48 7.39
N TYR A 28 7.82 -3.32 7.00
CA TYR A 28 7.00 -4.40 6.49
C TYR A 28 7.45 -4.84 5.11
N SER A 29 7.42 -6.14 4.86
CA SER A 29 7.84 -6.66 3.58
C SER A 29 6.64 -6.83 2.66
N TRP A 30 6.72 -6.18 1.50
CA TRP A 30 5.65 -6.22 0.49
C TRP A 30 6.19 -6.77 -0.81
N ARG A 31 5.34 -7.42 -1.59
CA ARG A 31 5.78 -7.95 -2.86
C ARG A 31 5.16 -7.09 -3.90
N LYS A 32 5.89 -6.73 -4.89
CA LYS A 32 5.33 -5.90 -5.92
C LYS A 32 5.13 -6.53 -7.29
N TYR A 33 3.95 -6.23 -7.80
CA TYR A 33 3.48 -6.69 -9.09
C TYR A 33 3.54 -5.50 -10.05
N GLY A 34 3.15 -5.69 -11.29
CA GLY A 34 3.24 -4.62 -12.27
C GLY A 34 2.39 -3.40 -11.95
N GLN A 35 2.52 -2.35 -12.77
CA GLN A 35 1.75 -1.12 -12.59
C GLN A 35 0.73 -0.93 -13.70
N LYS A 36 -0.41 -0.32 -13.36
CA LYS A 36 -1.48 -0.07 -14.34
C LYS A 36 -1.99 1.39 -14.31
N PRO A 37 -2.04 2.05 -15.50
CA PRO A 37 -2.45 3.44 -15.62
C PRO A 37 -3.97 3.65 -15.49
N ILE A 38 -4.36 4.87 -15.09
CA ILE A 38 -5.78 5.24 -14.91
C ILE A 38 -6.12 6.21 -16.03
N LYS A 39 -7.15 5.98 -16.86
CA LYS A 39 -7.36 6.98 -17.89
C LYS A 39 -7.99 8.26 -17.33
N GLY A 40 -7.43 9.32 -17.86
CA GLY A 40 -7.77 10.70 -17.59
C GLY A 40 -7.07 11.15 -16.34
N SER A 41 -6.38 10.25 -15.66
CA SER A 41 -5.66 10.60 -14.45
C SER A 41 -4.24 10.11 -14.54
N PRO A 42 -3.23 10.80 -15.10
CA PRO A 42 -1.96 10.16 -15.08
C PRO A 42 -1.57 9.95 -13.64
N HIS A 43 -1.03 8.78 -13.44
CA HIS A 43 -0.56 8.29 -12.15
C HIS A 43 -0.67 6.77 -12.12
N PRO A 44 0.42 6.04 -12.42
CA PRO A 44 0.38 4.58 -12.42
C PRO A 44 -0.07 3.95 -11.11
N ARG A 45 -0.86 2.87 -11.15
CA ARG A 45 -1.30 2.25 -9.92
C ARG A 45 -0.52 0.98 -9.77
N GLY A 46 0.16 0.85 -8.66
CA GLY A 46 0.96 -0.36 -8.45
C GLY A 46 0.23 -1.44 -7.68
N TYR A 47 0.40 -2.71 -8.07
CA TYR A 47 -0.22 -3.78 -7.33
C TYR A 47 0.80 -4.43 -6.43
N TYR A 48 0.43 -4.63 -5.17
CA TYR A 48 1.32 -5.22 -4.18
C TYR A 48 0.56 -6.22 -3.34
N LYS A 49 1.31 -7.17 -2.86
CA LYS A 49 0.80 -8.22 -2.02
C LYS A 49 1.60 -8.16 -0.73
N CYS A 50 0.99 -8.53 0.39
CA CYS A 50 1.68 -8.52 1.69
C CYS A 50 2.34 -9.82 2.09
N SER A 51 3.67 -9.81 2.14
CA SER A 51 4.38 -11.01 2.50
C SER A 51 5.23 -10.64 3.71
N THR A 52 4.99 -11.34 4.80
CA THR A 52 5.69 -11.16 6.03
C THR A 52 5.70 -12.44 6.83
N PHE A 53 4.48 -12.89 7.08
CA PHE A 53 4.21 -14.12 7.82
C PHE A 53 3.09 -14.87 7.11
N ARG A 54 3.29 -16.13 6.72
CA ARG A 54 2.18 -16.78 6.05
C ARG A 54 0.96 -17.03 6.93
N GLY A 55 -0.16 -16.72 6.33
CA GLY A 55 -1.49 -16.85 6.89
C GLY A 55 -2.16 -15.53 6.68
N CYS A 56 -1.40 -14.48 6.42
CA CYS A 56 -2.01 -13.19 6.21
C CYS A 56 -2.72 -13.04 4.88
N PRO A 57 -4.04 -12.83 4.87
CA PRO A 57 -4.77 -12.66 3.63
C PRO A 57 -4.79 -11.15 3.41
N ALA A 58 -4.12 -10.63 2.40
CA ALA A 58 -4.11 -9.16 2.13
C ALA A 58 -3.30 -8.79 0.90
N ARG A 59 -3.90 -7.88 0.15
CA ARG A 59 -3.38 -7.37 -1.09
C ARG A 59 -3.55 -5.86 -1.03
N LYS A 60 -2.70 -5.10 -1.70
CA LYS A 60 -2.88 -3.65 -1.68
C LYS A 60 -2.43 -2.98 -2.96
N HIS A 61 -2.93 -1.77 -3.14
CA HIS A 61 -2.59 -0.96 -4.29
C HIS A 61 -2.05 0.39 -3.86
N VAL A 62 -1.07 0.88 -4.59
CA VAL A 62 -0.44 2.14 -4.31
C VAL A 62 -0.78 3.14 -5.39
N GLU A 63 -1.26 4.29 -4.96
CA GLU A 63 -1.66 5.33 -5.85
C GLU A 63 -1.26 6.67 -5.29
N ARG A 64 -1.21 7.65 -6.14
CA ARG A 64 -0.80 8.96 -5.77
C ARG A 64 -1.97 9.92 -5.73
N ALA A 65 -1.98 10.81 -4.75
CA ALA A 65 -3.05 11.77 -4.60
C ALA A 65 -2.85 12.91 -5.58
N LEU A 66 -3.90 13.11 -6.36
CA LEU A 66 -3.99 14.11 -7.39
C LEU A 66 -4.06 15.49 -6.78
N ASP A 67 -4.75 15.59 -5.65
CA ASP A 67 -4.94 16.87 -4.98
C ASP A 67 -3.58 17.42 -4.69
N ASP A 68 -2.76 16.50 -4.24
CA ASP A 68 -1.38 16.76 -3.86
C ASP A 68 -0.59 15.60 -4.44
N PRO A 69 0.11 15.80 -5.57
CA PRO A 69 0.95 14.75 -6.17
C PRO A 69 1.85 14.12 -5.15
N ALA A 70 2.29 14.97 -4.24
CA ALA A 70 3.17 14.58 -3.17
C ALA A 70 2.54 13.56 -2.21
N MET A 71 1.22 13.58 -1.99
CA MET A 71 0.68 12.61 -1.06
C MET A 71 0.32 11.26 -1.67
N LEU A 72 0.55 10.19 -0.87
CA LEU A 72 0.37 8.81 -1.30
C LEU A 72 -0.91 8.22 -0.77
N ILE A 73 -1.61 7.49 -1.63
CA ILE A 73 -2.88 6.86 -1.30
C ILE A 73 -2.73 5.34 -1.24
N VAL A 74 -3.15 4.71 -0.15
CA VAL A 74 -2.93 3.28 -0.13
C VAL A 74 -4.25 2.61 0.18
N THR A 75 -4.57 1.62 -0.62
CA THR A 75 -5.81 0.89 -0.45
C THR A 75 -5.48 -0.53 -0.09
N TYR A 76 -6.07 -1.00 0.99
CA TYR A 76 -5.81 -2.35 1.46
C TYR A 76 -7.04 -3.23 1.28
N GLU A 77 -6.79 -4.46 0.83
CA GLU A 77 -7.85 -5.43 0.61
C GLU A 77 -7.60 -6.59 1.56
N GLY A 78 -8.63 -7.16 2.16
CA GLY A 78 -8.37 -8.26 3.06
C GLY A 78 -8.04 -7.68 4.40
N GLU A 79 -7.45 -8.46 5.25
CA GLU A 79 -7.13 -7.94 6.55
C GLU A 79 -5.90 -8.63 7.08
N HIS A 80 -5.03 -7.80 7.64
CA HIS A 80 -3.78 -8.26 8.20
C HIS A 80 -3.99 -9.03 9.49
N ARG A 81 -3.16 -10.03 9.70
CA ARG A 81 -3.26 -10.83 10.92
C ARG A 81 -2.04 -10.53 11.75
N HIS A 82 -1.33 -9.47 11.38
CA HIS A 82 -0.13 -9.08 12.10
C HIS A 82 -0.41 -8.27 13.34
N ASN A 83 0.01 -8.86 14.45
CA ASN A 83 -0.13 -8.31 15.78
C ASN A 83 0.85 -7.16 15.88
N GLN A 84 0.41 -5.97 16.22
CA GLN A 84 1.32 -4.83 16.30
C GLN A 84 2.37 -5.10 17.40
N SER A 85 1.96 -5.69 18.52
CA SER A 85 2.91 -5.98 19.61
C SER A 85 4.05 -6.94 19.16
N ALA A 86 3.85 -7.72 18.05
CA ALA A 86 4.92 -8.64 17.54
C ALA A 86 6.21 -7.88 17.12
N MET A 87 6.06 -6.64 16.58
CA MET A 87 7.20 -5.82 16.13
C MET A 87 8.05 -5.50 17.30
N LEU A 88 7.41 -5.24 18.38
CA LEU A 88 8.13 -4.97 19.53
C LEU A 88 9.01 -6.06 20.05
N GLU A 89 8.21 -7.08 19.95
CA GLU A 89 8.24 -8.50 20.18
C GLU A 89 9.56 -8.91 18.47
ZN ZN B . -0.07 -8.71 6.27
N SER A 2 -18.84 -12.49 -2.55
CA SER A 2 -19.46 -13.85 -2.72
C SER A 2 -20.97 -13.85 -1.91
N ARG A 3 -20.46 -13.28 -0.60
CA ARG A 3 -20.85 -12.49 0.76
C ARG A 3 -20.07 -11.04 0.36
N LYS A 4 -20.38 -9.71 0.76
CA LYS A 4 -19.43 -8.50 0.24
C LYS A 4 -17.94 -8.40 0.72
N ASN A 5 -17.05 -7.90 -0.28
CA ASN A 5 -15.53 -7.55 -0.17
C ASN A 5 -15.16 -6.04 0.23
N ARG A 6 -14.74 -5.77 1.54
CA ARG A 6 -14.39 -4.38 2.01
C ARG A 6 -12.96 -3.96 1.64
N MET A 7 -12.89 -2.66 1.40
CA MET A 7 -11.69 -1.89 1.03
C MET A 7 -11.46 -0.78 2.02
N LYS A 8 -10.21 -0.53 2.41
CA LYS A 8 -9.95 0.53 3.38
C LYS A 8 -8.81 1.35 2.82
N ARG A 9 -9.08 2.65 2.83
CA ARG A 9 -8.16 3.67 2.37
C ARG A 9 -7.53 4.52 3.45
N THR A 10 -6.23 4.64 3.29
CA THR A 10 -5.36 5.38 4.16
C THR A 10 -4.49 6.32 3.34
N VAL A 11 -4.01 7.38 3.95
CA VAL A 11 -3.16 8.33 3.25
C VAL A 11 -1.93 8.64 4.08
N ARG A 12 -0.77 8.58 3.45
CA ARG A 12 0.48 8.85 4.15
C ARG A 12 1.38 9.81 3.39
N VAL A 13 2.07 10.65 4.16
CA VAL A 13 3.00 11.64 3.59
C VAL A 13 3.94 12.13 4.69
N PRO A 14 4.88 11.28 5.16
CA PRO A 14 5.84 11.67 6.20
C PRO A 14 6.99 12.55 5.76
N ALA A 15 7.33 13.37 6.72
CA ALA A 15 8.36 14.39 6.71
C ALA A 15 9.73 13.86 7.12
N ILE A 16 9.76 12.74 7.81
CA ILE A 16 11.00 12.25 8.40
C ILE A 16 12.06 11.86 7.37
N SER A 17 11.63 11.13 6.32
CA SER A 17 12.54 10.69 5.27
C SER A 17 11.87 10.53 3.89
N ALA A 18 12.60 10.95 2.85
CA ALA A 18 12.20 10.91 1.41
C ALA A 18 11.89 9.52 0.80
N LYS A 19 12.78 8.53 1.08
CA LYS A 19 12.60 7.14 0.59
C LYS A 19 11.45 6.38 1.26
N ILE A 20 11.27 6.57 2.55
CA ILE A 20 10.21 5.85 3.27
C ILE A 20 8.91 6.40 2.73
N ALA A 21 8.99 7.71 2.63
CA ALA A 21 7.98 8.63 2.20
C ALA A 21 7.51 8.23 0.80
N ASP A 22 8.43 7.90 -0.14
CA ASP A 22 8.04 7.50 -1.51
C ASP A 22 7.27 6.23 -1.46
N ILE A 23 7.78 5.38 -0.62
CA ILE A 23 7.24 4.09 -0.37
C ILE A 23 7.99 3.58 0.82
N PRO A 24 7.36 2.70 1.52
CA PRO A 24 7.94 2.07 2.69
C PRO A 24 8.56 0.69 2.45
N PRO A 25 9.81 0.68 1.92
CA PRO A 25 10.57 -0.53 1.63
C PRO A 25 11.19 -1.18 2.86
N ASP A 26 11.19 -2.50 2.91
CA ASP A 26 11.76 -3.21 4.03
C ASP A 26 11.99 -4.67 3.67
N GLU A 27 12.66 -5.39 4.57
CA GLU A 27 12.92 -6.80 4.37
C GLU A 27 11.60 -7.54 4.29
N TYR A 28 10.66 -7.08 5.12
CA TYR A 28 9.32 -7.62 5.19
C TYR A 28 8.28 -6.53 5.17
N SER A 29 7.25 -6.72 4.34
CA SER A 29 6.20 -5.73 4.24
C SER A 29 5.30 -6.01 3.03
N TRP A 30 5.54 -5.25 1.97
CA TRP A 30 4.76 -5.34 0.74
C TRP A 30 5.64 -5.87 -0.39
N ARG A 31 5.03 -6.39 -1.44
CA ARG A 31 5.79 -6.89 -2.55
C ARG A 31 5.22 -6.23 -3.77
N LYS A 32 6.00 -6.10 -4.78
CA LYS A 32 5.49 -5.49 -5.98
C LYS A 32 5.04 -6.41 -7.11
N TYR A 33 4.10 -5.86 -7.86
CA TYR A 33 3.51 -6.49 -9.01
C TYR A 33 3.42 -5.42 -10.11
N GLY A 34 2.91 -5.80 -11.28
CA GLY A 34 2.83 -4.85 -12.38
C GLY A 34 2.04 -3.57 -12.07
N GLN A 35 2.26 -2.54 -12.87
CA GLN A 35 1.57 -1.26 -12.71
C GLN A 35 0.56 -1.02 -13.84
N LYS A 36 -0.68 -0.68 -13.46
CA LYS A 36 -1.75 -0.41 -14.44
C LYS A 36 -2.12 1.07 -14.55
N PRO A 37 -2.38 1.55 -15.79
CA PRO A 37 -2.70 2.95 -16.06
C PRO A 37 -4.15 3.34 -15.70
N ILE A 38 -4.36 4.60 -15.34
CA ILE A 38 -5.68 5.13 -14.98
C ILE A 38 -5.99 6.27 -15.94
N LYS A 39 -7.09 6.24 -16.71
CA LYS A 39 -7.25 7.39 -17.61
C LYS A 39 -7.74 8.63 -16.88
N GLY A 40 -7.11 9.70 -17.30
CA GLY A 40 -7.32 11.05 -16.85
C GLY A 40 -6.58 11.27 -15.55
N SER A 41 -5.85 10.28 -15.08
CA SER A 41 -5.11 10.41 -13.85
C SER A 41 -3.67 10.06 -14.09
N PRO A 42 -2.68 10.94 -14.23
CA PRO A 42 -1.37 10.39 -14.44
C PRO A 42 -0.96 9.71 -13.16
N HIS A 43 0.05 8.90 -13.34
CA HIS A 43 0.67 8.10 -12.30
C HIS A 43 0.00 6.73 -12.22
N PRO A 44 0.57 5.69 -12.85
CA PRO A 44 -0.02 4.36 -12.85
C PRO A 44 -0.24 3.78 -11.46
N ARG A 45 -1.30 3.00 -11.25
CA ARG A 45 -1.55 2.44 -9.93
C ARG A 45 -0.76 1.16 -9.88
N GLY A 46 -0.06 0.97 -8.80
CA GLY A 46 0.74 -0.25 -8.66
C GLY A 46 0.05 -1.34 -7.88
N TYR A 47 0.22 -2.60 -8.26
CA TYR A 47 -0.35 -3.68 -7.50
C TYR A 47 0.69 -4.27 -6.59
N TYR A 48 0.29 -4.57 -5.35
CA TYR A 48 1.19 -5.11 -4.34
C TYR A 48 0.48 -6.20 -3.57
N LYS A 49 1.29 -7.09 -3.08
CA LYS A 49 0.86 -8.21 -2.29
C LYS A 49 1.58 -8.09 -0.96
N CYS A 50 0.94 -8.51 0.14
CA CYS A 50 1.57 -8.43 1.47
C CYS A 50 2.31 -9.66 1.91
N SER A 51 3.63 -9.55 2.03
CA SER A 51 4.40 -10.70 2.46
C SER A 51 5.17 -10.23 3.70
N THR A 52 4.90 -10.92 4.79
CA THR A 52 5.51 -10.64 6.06
C THR A 52 5.79 -11.93 6.79
N PHE A 53 4.69 -12.62 7.06
CA PHE A 53 4.70 -13.91 7.75
C PHE A 53 3.54 -14.73 7.22
N ARG A 54 3.55 -16.07 7.37
CA ARG A 54 2.42 -16.80 6.83
C ARG A 54 1.16 -16.73 7.69
N GLY A 55 0.07 -16.83 6.97
CA GLY A 55 -1.28 -16.82 7.49
C GLY A 55 -1.79 -15.43 7.26
N CYS A 56 -1.05 -14.61 6.54
CA CYS A 56 -1.53 -13.26 6.30
C CYS A 56 -2.15 -13.05 4.94
N PRO A 57 -3.48 -13.02 4.84
CA PRO A 57 -4.14 -12.84 3.57
C PRO A 57 -4.20 -11.33 3.37
N ALA A 58 -4.13 -10.82 2.15
CA ALA A 58 -4.18 -9.35 1.91
C ALA A 58 -3.30 -8.91 0.76
N ARG A 59 -3.90 -8.05 -0.05
CA ARG A 59 -3.30 -7.48 -1.24
C ARG A 59 -3.56 -5.99 -1.18
N LYS A 60 -2.71 -5.16 -1.76
CA LYS A 60 -2.98 -3.73 -1.73
C LYS A 60 -2.50 -3.02 -2.98
N HIS A 61 -3.09 -1.86 -3.20
CA HIS A 61 -2.74 -1.03 -4.34
C HIS A 61 -2.27 0.34 -3.87
N VAL A 62 -1.27 0.86 -4.55
CA VAL A 62 -0.67 2.14 -4.21
C VAL A 62 -1.01 3.16 -5.27
N GLU A 63 -1.51 4.28 -4.83
CA GLU A 63 -1.91 5.34 -5.69
C GLU A 63 -1.49 6.67 -5.10
N ARG A 64 -1.48 7.69 -5.93
CA ARG A 64 -1.07 8.98 -5.53
C ARG A 64 -2.17 10.01 -5.75
N ALA A 65 -2.29 10.94 -4.80
CA ALA A 65 -3.31 11.97 -4.90
C ALA A 65 -2.94 12.96 -5.99
N LEU A 66 -3.93 13.16 -6.85
CA LEU A 66 -3.86 14.06 -7.98
C LEU A 66 -3.83 15.50 -7.51
N ASP A 67 -4.62 15.77 -6.48
CA ASP A 67 -4.73 17.12 -5.93
C ASP A 67 -3.36 17.47 -5.40
N ASP A 68 -2.84 16.51 -4.68
CA ASP A 68 -1.55 16.58 -4.03
C ASP A 68 -0.75 15.42 -4.60
N PRO A 69 0.15 15.67 -5.58
CA PRO A 69 0.98 14.61 -6.17
C PRO A 69 1.92 14.03 -5.14
N ALA A 70 2.28 14.89 -4.20
CA ALA A 70 3.16 14.53 -3.12
C ALA A 70 2.53 13.52 -2.16
N MET A 71 1.21 13.51 -1.95
CA MET A 71 0.68 12.54 -1.02
C MET A 71 0.33 11.18 -1.62
N LEU A 72 0.52 10.13 -0.80
CA LEU A 72 0.32 8.75 -1.21
C LEU A 72 -0.97 8.18 -0.66
N ILE A 73 -1.68 7.44 -1.52
CA ILE A 73 -2.95 6.83 -1.18
C ILE A 73 -2.83 5.32 -1.09
N VAL A 74 -3.29 4.68 -0.03
CA VAL A 74 -3.08 3.25 0.00
C VAL A 74 -4.40 2.60 0.32
N THR A 75 -4.72 1.59 -0.47
CA THR A 75 -5.95 0.88 -0.31
C THR A 75 -5.62 -0.56 0.06
N TYR A 76 -6.16 -1.01 1.16
CA TYR A 76 -5.88 -2.35 1.65
C TYR A 76 -7.09 -3.25 1.45
N GLU A 77 -6.80 -4.49 1.03
CA GLU A 77 -7.84 -5.49 0.79
C GLU A 77 -7.50 -6.70 1.65
N GLY A 78 -8.48 -7.31 2.31
CA GLY A 78 -8.13 -8.45 3.12
C GLY A 78 -7.82 -7.96 4.49
N GLU A 79 -7.19 -8.78 5.29
CA GLU A 79 -6.88 -8.33 6.62
C GLU A 79 -5.49 -8.77 6.99
N HIS A 80 -4.90 -8.02 7.89
CA HIS A 80 -3.57 -8.25 8.38
C HIS A 80 -3.58 -8.73 9.82
N ARG A 81 -2.58 -9.51 10.20
CA ARG A 81 -2.48 -10.00 11.56
C ARG A 81 -1.02 -10.10 11.90
N HIS A 82 -0.31 -9.00 11.70
CA HIS A 82 1.12 -8.97 12.00
C HIS A 82 1.42 -8.96 13.49
N ASN A 83 2.49 -9.68 13.80
CA ASN A 83 3.00 -9.85 15.14
C ASN A 83 4.20 -8.93 15.26
N GLN A 84 4.31 -8.17 16.34
CA GLN A 84 5.43 -7.25 16.49
C GLN A 84 6.75 -8.07 16.50
N SER A 85 6.75 -9.25 17.11
CA SER A 85 7.96 -10.09 17.15
C SER A 85 8.52 -10.37 15.72
N ALA A 86 7.64 -10.47 14.67
CA ALA A 86 8.12 -10.72 13.28
C ALA A 86 9.01 -9.56 12.75
N MET A 87 8.66 -8.28 13.09
CA MET A 87 9.43 -7.10 12.64
C MET A 87 10.77 -7.13 13.25
N LEU A 88 10.80 -7.57 14.45
CA LEU A 88 12.02 -7.66 15.09
C LEU A 88 13.04 -8.55 14.48
N GLU A 89 12.30 -9.57 14.15
CA GLU A 89 12.43 -10.84 13.49
C GLU A 89 12.56 -9.97 11.47
ZN ZN B . -0.18 -8.38 6.10
N SER A 2 -17.31 -14.15 -1.38
CA SER A 2 -16.96 -15.60 -1.38
C SER A 2 -18.02 -16.41 -0.33
N ARG A 3 -18.03 -15.34 0.75
CA ARG A 3 -18.84 -14.69 2.00
C ARG A 3 -18.37 -13.10 1.73
N LYS A 4 -19.02 -11.88 2.09
CA LYS A 4 -18.31 -10.47 1.71
C LYS A 4 -16.95 -10.05 2.39
N ASN A 5 -16.09 -9.32 1.52
CA ASN A 5 -14.71 -8.63 1.84
C ASN A 5 -14.71 -7.03 1.96
N ARG A 6 -13.91 -6.43 2.94
CA ARG A 6 -13.88 -4.94 3.15
C ARG A 6 -12.58 -4.29 2.65
N MET A 7 -12.82 -3.16 2.02
CA MET A 7 -11.84 -2.26 1.39
C MET A 7 -11.64 -1.03 2.25
N LYS A 8 -10.41 -0.73 2.65
CA LYS A 8 -10.18 0.45 3.48
C LYS A 8 -9.02 1.19 2.84
N ARG A 9 -9.11 2.51 3.04
CA ARG A 9 -8.14 3.47 2.54
C ARG A 9 -7.53 4.36 3.58
N THR A 10 -6.23 4.53 3.38
CA THR A 10 -5.37 5.34 4.21
C THR A 10 -4.49 6.20 3.33
N VAL A 11 -3.94 7.25 3.89
CA VAL A 11 -3.07 8.14 3.14
C VAL A 11 -1.80 8.41 3.93
N ARG A 12 -0.74 8.76 3.22
CA ARG A 12 0.53 9.05 3.87
C ARG A 12 1.24 10.26 3.28
N VAL A 13 1.91 11.00 4.17
CA VAL A 13 2.65 12.19 3.78
C VAL A 13 3.29 12.84 5.01
N PRO A 14 4.34 12.21 5.58
CA PRO A 14 5.00 12.74 6.77
C PRO A 14 6.01 13.87 6.54
N ALA A 15 5.95 14.73 7.52
CA ALA A 15 6.73 15.94 7.70
C ALA A 15 8.21 15.68 7.91
N ILE A 16 8.54 14.64 8.64
CA ILE A 16 9.92 14.41 9.05
C ILE A 16 10.88 14.13 7.89
N SER A 17 10.41 13.28 6.93
CA SER A 17 11.22 12.93 5.77
C SER A 17 11.34 14.06 4.72
N ALA A 18 12.41 13.99 3.93
CA ALA A 18 12.78 14.94 2.84
C ALA A 18 12.38 14.55 1.39
N LYS A 19 11.92 13.29 1.23
CA LYS A 19 11.51 12.77 -0.10
C LYS A 19 10.02 12.45 -0.21
N ILE A 20 9.44 12.61 -1.39
CA ILE A 20 8.00 12.33 -1.56
C ILE A 20 7.83 10.87 -1.25
N ALA A 21 8.77 10.18 -1.86
CA ALA A 21 8.96 8.76 -1.84
C ALA A 21 7.68 8.06 -2.25
N ASP A 22 7.54 7.64 -3.54
CA ASP A 22 6.31 6.97 -4.01
C ASP A 22 6.46 5.49 -3.86
N ILE A 23 7.62 5.16 -3.40
CA ILE A 23 8.04 3.82 -3.17
C ILE A 23 8.96 3.90 -2.00
N PRO A 24 8.37 4.08 -0.85
CA PRO A 24 9.10 4.16 0.40
C PRO A 24 9.29 2.82 1.12
N PRO A 25 10.41 2.72 1.90
CA PRO A 25 10.77 1.55 2.69
C PRO A 25 10.03 1.45 4.01
N ASP A 26 9.75 0.23 4.46
CA ASP A 26 9.07 0.01 5.71
C ASP A 26 9.62 -1.21 6.42
N GLU A 27 9.22 -1.37 7.67
CA GLU A 27 9.66 -2.50 8.47
C GLU A 27 9.15 -3.78 7.84
N TYR A 28 7.95 -3.66 7.26
CA TYR A 28 7.27 -4.75 6.60
C TYR A 28 7.66 -4.86 5.15
N SER A 29 7.85 -6.08 4.68
CA SER A 29 8.23 -6.28 3.29
C SER A 29 6.99 -6.42 2.40
N TRP A 30 7.02 -5.70 1.29
CA TRP A 30 5.91 -5.68 0.35
C TRP A 30 6.35 -6.31 -0.97
N ARG A 31 5.43 -6.99 -1.64
CA ARG A 31 5.78 -7.60 -2.91
C ARG A 31 5.05 -6.81 -3.95
N LYS A 32 5.71 -6.50 -5.01
CA LYS A 32 5.05 -5.75 -6.05
C LYS A 32 4.67 -6.49 -7.32
N TYR A 33 3.43 -6.25 -7.68
CA TYR A 33 2.79 -6.82 -8.83
C TYR A 33 2.83 -5.76 -9.95
N GLY A 34 2.29 -6.08 -11.11
CA GLY A 34 2.35 -5.14 -12.22
C GLY A 34 1.62 -3.82 -11.97
N GLN A 35 1.81 -2.85 -12.88
CA GLN A 35 1.16 -1.55 -12.78
C GLN A 35 0.04 -1.40 -13.80
N LYS A 36 -0.95 -0.56 -13.48
CA LYS A 36 -2.10 -0.33 -14.37
C LYS A 36 -2.44 1.17 -14.53
N PRO A 37 -2.00 1.79 -15.65
CA PRO A 37 -2.23 3.21 -15.91
C PRO A 37 -3.70 3.63 -15.79
N ILE A 38 -3.93 4.82 -15.23
CA ILE A 38 -5.28 5.38 -15.04
C ILE A 38 -5.44 6.52 -16.03
N LYS A 39 -6.45 6.50 -16.93
CA LYS A 39 -6.48 7.63 -17.86
C LYS A 39 -6.94 8.91 -17.15
N GLY A 40 -6.25 9.95 -17.58
CA GLY A 40 -6.41 11.31 -17.15
C GLY A 40 -5.84 11.47 -15.76
N SER A 41 -5.12 10.50 -15.26
CA SER A 41 -4.54 10.58 -13.95
C SER A 41 -3.05 10.35 -14.03
N PRO A 42 -2.12 11.30 -13.93
CA PRO A 42 -0.76 10.87 -14.03
C PRO A 42 -0.49 9.96 -12.86
N HIS A 43 0.43 9.08 -13.14
CA HIS A 43 0.93 8.07 -12.20
C HIS A 43 0.00 6.85 -12.25
N PRO A 44 0.55 5.64 -12.50
CA PRO A 44 -0.26 4.43 -12.58
C PRO A 44 -0.59 3.81 -11.22
N ARG A 45 -1.64 2.99 -11.15
CA ARG A 45 -1.97 2.36 -9.87
C ARG A 45 -1.18 1.09 -9.82
N GLY A 46 -0.42 0.93 -8.77
CA GLY A 46 0.38 -0.29 -8.64
C GLY A 46 -0.25 -1.34 -7.75
N TYR A 47 -0.12 -2.61 -8.11
CA TYR A 47 -0.63 -3.67 -7.27
C TYR A 47 0.49 -4.26 -6.46
N TYR A 48 0.21 -4.48 -5.17
CA TYR A 48 1.20 -5.03 -4.25
C TYR A 48 0.54 -6.03 -3.33
N LYS A 49 1.30 -7.04 -3.04
CA LYS A 49 0.86 -8.14 -2.22
C LYS A 49 1.74 -8.07 -0.97
N CYS A 50 1.24 -8.57 0.17
CA CYS A 50 2.01 -8.59 1.41
C CYS A 50 2.94 -9.77 1.59
N SER A 51 4.22 -9.50 1.77
CA SER A 51 5.16 -10.58 1.93
C SER A 51 5.80 -10.38 3.30
N THR A 52 5.76 -11.46 4.09
CA THR A 52 6.31 -11.48 5.42
C THR A 52 6.29 -12.89 5.95
N PHE A 53 5.07 -13.41 6.00
CA PHE A 53 4.80 -14.75 6.48
C PHE A 53 3.74 -15.37 5.57
N ARG A 54 3.92 -16.61 5.09
CA ARG A 54 2.88 -17.12 4.22
C ARG A 54 1.56 -17.42 4.91
N GLY A 55 0.54 -17.37 4.08
CA GLY A 55 -0.83 -17.62 4.43
C GLY A 55 -1.35 -16.32 4.99
N CYS A 56 -0.92 -15.20 4.45
CA CYS A 56 -1.40 -13.94 4.98
C CYS A 56 -2.35 -13.19 4.08
N PRO A 57 -3.66 -13.29 4.30
CA PRO A 57 -4.63 -12.57 3.48
C PRO A 57 -4.12 -11.13 3.49
N ALA A 58 -4.08 -10.45 2.36
CA ALA A 58 -3.60 -9.04 2.29
C ALA A 58 -3.03 -8.67 0.94
N ARG A 59 -3.80 -7.82 0.29
CA ARG A 59 -3.51 -7.30 -1.04
C ARG A 59 -3.65 -5.78 -0.93
N LYS A 60 -2.87 -5.02 -1.68
CA LYS A 60 -3.01 -3.58 -1.61
C LYS A 60 -2.64 -2.89 -2.90
N HIS A 61 -3.14 -1.67 -3.03
CA HIS A 61 -2.85 -0.85 -4.20
C HIS A 61 -2.29 0.49 -3.76
N VAL A 62 -1.32 0.97 -4.52
CA VAL A 62 -0.63 2.22 -4.23
C VAL A 62 -0.87 3.19 -5.35
N GLU A 63 -1.32 4.37 -4.98
CA GLU A 63 -1.61 5.40 -5.93
C GLU A 63 -1.35 6.74 -5.30
N ARG A 64 -1.11 7.73 -6.12
CA ARG A 64 -0.81 9.04 -5.68
C ARG A 64 -2.01 9.97 -5.85
N ALA A 65 -2.22 10.84 -4.87
CA ALA A 65 -3.32 11.77 -4.91
C ALA A 65 -3.11 12.77 -6.02
N LEU A 66 -4.19 12.94 -6.78
CA LEU A 66 -4.27 13.83 -7.91
C LEU A 66 -4.29 15.27 -7.46
N ASP A 67 -4.91 15.49 -6.31
CA ASP A 67 -5.05 16.83 -5.76
C ASP A 67 -3.66 17.39 -5.62
N ASP A 68 -2.84 16.55 -5.01
CA ASP A 68 -1.46 16.83 -4.74
C ASP A 68 -0.72 15.54 -5.06
N PRO A 69 0.24 15.57 -6.00
CA PRO A 69 0.99 14.37 -6.38
C PRO A 69 1.84 13.88 -5.24
N ALA A 70 2.13 14.81 -4.35
CA ALA A 70 2.91 14.55 -3.17
C ALA A 70 2.23 13.57 -2.20
N MET A 71 0.89 13.56 -2.08
CA MET A 71 0.31 12.61 -1.15
C MET A 71 0.05 11.23 -1.72
N LEU A 72 0.19 10.22 -0.83
CA LEU A 72 0.05 8.82 -1.18
C LEU A 72 -1.25 8.23 -0.70
N ILE A 73 -1.81 7.34 -1.51
CA ILE A 73 -3.09 6.70 -1.24
C ILE A 73 -2.92 5.18 -1.15
N VAL A 74 -3.37 4.55 -0.07
CA VAL A 74 -3.13 3.13 -0.03
C VAL A 74 -4.44 2.45 0.34
N THR A 75 -4.75 1.42 -0.42
CA THR A 75 -5.97 0.68 -0.21
C THR A 75 -5.58 -0.71 0.26
N TYR A 76 -6.15 -1.12 1.38
CA TYR A 76 -5.84 -2.42 1.95
C TYR A 76 -7.06 -3.31 1.95
N GLU A 77 -6.83 -4.59 1.67
CA GLU A 77 -7.88 -5.59 1.66
C GLU A 77 -7.33 -6.85 2.29
N GLY A 78 -8.15 -7.64 2.99
CA GLY A 78 -7.59 -8.82 3.59
C GLY A 78 -7.13 -8.44 4.96
N GLU A 79 -6.52 -9.36 5.65
CA GLU A 79 -6.06 -9.04 6.96
C GLU A 79 -4.75 -9.75 7.24
N HIS A 80 -3.92 -9.08 8.00
CA HIS A 80 -2.63 -9.58 8.38
C HIS A 80 -2.70 -10.43 9.63
N ARG A 81 -2.51 -11.73 9.46
CA ARG A 81 -2.55 -12.64 10.60
C ARG A 81 -1.36 -12.29 11.48
N HIS A 82 -0.23 -11.99 10.84
CA HIS A 82 0.97 -11.64 11.57
C HIS A 82 0.94 -10.24 12.16
N ASN A 83 1.05 -10.24 13.47
CA ASN A 83 1.06 -9.05 14.29
C ASN A 83 2.44 -8.95 14.90
N GLN A 84 3.12 -7.81 14.76
CA GLN A 84 4.46 -7.69 15.30
C GLN A 84 4.37 -7.22 16.77
N SER A 85 3.19 -6.88 17.25
CA SER A 85 3.03 -6.42 18.64
C SER A 85 3.46 -7.51 19.66
N ALA A 86 3.13 -8.82 19.43
CA ALA A 86 3.54 -9.92 20.36
C ALA A 86 5.08 -10.07 20.45
N MET A 87 5.80 -9.90 19.31
CA MET A 87 7.27 -10.02 19.26
C MET A 87 7.87 -8.96 20.07
N LEU A 88 7.28 -7.83 19.99
CA LEU A 88 7.77 -6.76 20.74
C LEU A 88 7.77 -6.92 22.23
N GLU A 89 6.61 -7.50 22.39
CA GLU A 89 5.81 -8.04 23.47
C GLU A 89 7.01 -9.87 23.65
ZN ZN B . 0.52 -9.36 5.97
N SER A 2 -20.06 -11.15 -5.58
CA SER A 2 -20.15 -12.47 -6.28
C SER A 2 -21.10 -13.51 -5.32
N ARG A 3 -20.46 -13.12 -3.99
CA ARG A 3 -20.65 -13.06 -2.38
C ARG A 3 -20.00 -11.53 -2.17
N LYS A 4 -20.32 -10.52 -1.22
CA LYS A 4 -19.50 -9.12 -1.25
C LYS A 4 -18.09 -9.02 -0.59
N ASN A 5 -17.18 -8.21 -1.35
CA ASN A 5 -15.71 -7.76 -0.97
C ASN A 5 -15.51 -6.22 -0.54
N ARG A 6 -14.63 -5.93 0.51
CA ARG A 6 -14.40 -4.53 1.01
C ARG A 6 -12.90 -4.18 1.13
N MET A 7 -12.65 -2.97 0.64
CA MET A 7 -11.36 -2.29 0.58
C MET A 7 -11.41 -1.00 1.37
N LYS A 8 -10.30 -0.60 1.99
CA LYS A 8 -10.31 0.64 2.75
C LYS A 8 -9.09 1.43 2.32
N ARG A 9 -9.31 2.74 2.33
CA ARG A 9 -8.31 3.72 1.95
C ARG A 9 -7.80 4.59 3.10
N THR A 10 -6.53 4.89 2.95
CA THR A 10 -5.76 5.71 3.87
C THR A 10 -4.77 6.55 3.10
N VAL A 11 -4.35 7.66 3.67
CA VAL A 11 -3.39 8.52 3.02
C VAL A 11 -2.21 8.75 3.93
N ARG A 12 -1.01 8.56 3.39
CA ARG A 12 0.20 8.75 4.17
C ARG A 12 1.24 9.58 3.46
N VAL A 13 1.98 10.36 4.25
CA VAL A 13 3.03 11.22 3.73
C VAL A 13 4.05 11.52 4.83
N PRO A 14 4.79 10.49 5.31
CA PRO A 14 5.78 10.67 6.37
C PRO A 14 7.11 11.27 5.95
N ALA A 15 7.68 11.88 6.97
CA ALA A 15 8.94 12.59 7.01
C ALA A 15 10.14 11.69 6.75
N ILE A 16 10.12 10.49 7.29
CA ILE A 16 11.29 9.63 7.24
C ILE A 16 11.69 9.19 5.83
N SER A 17 10.69 8.83 5.01
CA SER A 17 10.93 8.39 3.65
C SER A 17 11.29 9.56 2.68
N ALA A 18 12.09 9.22 1.66
CA ALA A 18 12.59 10.14 0.60
C ALA A 18 11.56 11.03 -0.13
N LYS A 19 12.07 12.04 -0.90
CA LYS A 19 11.21 12.99 -1.65
C LYS A 19 10.34 12.32 -2.71
N ILE A 20 10.88 11.35 -3.43
CA ILE A 20 10.10 10.69 -4.49
C ILE A 20 8.92 10.05 -3.79
N ALA A 21 9.35 9.36 -2.77
CA ALA A 21 8.56 8.59 -1.84
C ALA A 21 7.36 8.00 -2.57
N ASP A 22 7.42 7.82 -3.92
CA ASP A 22 6.29 7.28 -4.69
C ASP A 22 6.03 5.87 -4.25
N ILE A 23 7.12 5.23 -4.02
CA ILE A 23 7.15 3.87 -3.61
C ILE A 23 8.16 3.81 -2.50
N PRO A 24 7.72 4.22 -1.34
CA PRO A 24 8.55 4.22 -0.16
C PRO A 24 8.47 2.95 0.69
N PRO A 25 9.61 2.23 0.80
CA PRO A 25 9.74 1.01 1.58
C PRO A 25 9.29 1.14 3.02
N ASP A 26 8.62 0.12 3.54
CA ASP A 26 8.14 0.14 4.90
C ASP A 26 8.93 -0.84 5.75
N GLU A 27 8.68 -0.80 7.05
CA GLU A 27 9.35 -1.68 8.00
C GLU A 27 9.02 -3.12 7.63
N TYR A 28 7.78 -3.30 7.18
CA TYR A 28 7.26 -4.59 6.77
C TYR A 28 7.56 -4.89 5.32
N SER A 29 7.85 -6.15 5.03
CA SER A 29 8.17 -6.53 3.68
C SER A 29 6.93 -6.48 2.79
N TRP A 30 7.17 -6.36 1.49
CA TRP A 30 6.11 -6.26 0.49
C TRP A 30 6.59 -6.85 -0.83
N ARG A 31 5.67 -7.16 -1.72
CA ARG A 31 6.05 -7.72 -3.00
C ARG A 31 5.32 -6.91 -4.02
N LYS A 32 5.97 -6.58 -5.08
CA LYS A 32 5.31 -5.81 -6.10
C LYS A 32 5.05 -6.49 -7.43
N TYR A 33 3.82 -6.26 -7.88
CA TYR A 33 3.30 -6.79 -9.11
C TYR A 33 3.29 -5.63 -10.12
N GLY A 34 2.83 -5.89 -11.34
CA GLY A 34 2.85 -4.86 -12.36
C GLY A 34 2.04 -3.62 -12.04
N GLN A 35 2.13 -2.60 -12.90
CA GLN A 35 1.39 -1.36 -12.72
C GLN A 35 0.41 -1.11 -13.86
N LYS A 36 -0.75 -0.54 -13.53
CA LYS A 36 -1.79 -0.22 -14.54
C LYS A 36 -2.26 1.24 -14.48
N PRO A 37 -2.61 1.82 -15.66
CA PRO A 37 -3.03 3.21 -15.77
C PRO A 37 -4.46 3.46 -15.24
N ILE A 38 -4.73 4.69 -14.81
CA ILE A 38 -6.04 5.10 -14.29
C ILE A 38 -6.55 6.22 -15.18
N LYS A 39 -7.75 6.12 -15.79
CA LYS A 39 -8.12 7.24 -16.65
C LYS A 39 -8.55 8.45 -15.83
N GLY A 40 -8.06 9.55 -16.35
CA GLY A 40 -8.26 10.90 -15.86
C GLY A 40 -7.29 11.18 -14.74
N SER A 41 -6.47 10.23 -14.38
CA SER A 41 -5.52 10.41 -13.31
C SER A 41 -4.13 10.08 -13.80
N PRO A 42 -3.19 10.98 -14.12
CA PRO A 42 -1.96 10.45 -14.58
C PRO A 42 -1.32 9.73 -13.42
N HIS A 43 -0.45 8.83 -13.82
CA HIS A 43 0.33 7.98 -12.92
C HIS A 43 -0.46 6.69 -12.63
N PRO A 44 0.10 5.51 -12.92
CA PRO A 44 -0.59 4.25 -12.71
C PRO A 44 -0.51 3.73 -11.27
N ARG A 45 -1.47 2.90 -10.84
CA ARG A 45 -1.41 2.39 -9.48
C ARG A 45 -0.73 1.06 -9.57
N GLY A 46 0.02 0.73 -8.55
CA GLY A 46 0.72 -0.56 -8.55
C GLY A 46 0.07 -1.61 -7.69
N TYR A 47 0.17 -2.88 -8.07
CA TYR A 47 -0.39 -3.93 -7.25
C TYR A 47 0.70 -4.53 -6.40
N TYR A 48 0.41 -4.71 -5.10
CA TYR A 48 1.37 -5.24 -4.15
C TYR A 48 0.67 -6.22 -3.24
N LYS A 49 1.45 -7.16 -2.80
CA LYS A 49 1.02 -8.21 -1.91
C LYS A 49 1.72 -7.96 -0.59
N CYS A 50 1.08 -8.31 0.54
CA CYS A 50 1.69 -8.12 1.85
C CYS A 50 2.64 -9.23 2.30
N SER A 51 3.86 -8.85 2.63
CA SER A 51 4.81 -9.84 3.08
C SER A 51 5.21 -9.44 4.49
N THR A 52 4.97 -10.37 5.41
CA THR A 52 5.26 -10.18 6.81
C THR A 52 5.59 -11.51 7.44
N PHE A 53 4.52 -12.18 7.80
CA PHE A 53 4.58 -13.51 8.43
C PHE A 53 3.57 -14.40 7.73
N ARG A 54 3.86 -15.69 7.51
CA ARG A 54 2.86 -16.48 6.82
C ARG A 54 1.57 -16.69 7.60
N GLY A 55 0.51 -16.64 6.82
CA GLY A 55 -0.85 -16.81 7.26
C GLY A 55 -1.53 -15.49 7.01
N CYS A 56 -0.77 -14.43 6.86
CA CYS A 56 -1.39 -13.14 6.60
C CYS A 56 -1.99 -12.99 5.22
N PRO A 57 -3.30 -12.84 5.12
CA PRO A 57 -3.95 -12.70 3.83
C PRO A 57 -3.99 -11.18 3.61
N ALA A 58 -3.91 -10.69 2.38
CA ALA A 58 -3.96 -9.23 2.10
C ALA A 58 -3.18 -8.84 0.86
N ARG A 59 -3.82 -7.98 0.11
CA ARG A 59 -3.33 -7.43 -1.15
C ARG A 59 -3.51 -5.93 -1.06
N LYS A 60 -2.69 -5.15 -1.74
CA LYS A 60 -2.88 -3.71 -1.68
C LYS A 60 -2.45 -3.01 -2.96
N HIS A 61 -3.01 -1.82 -3.14
CA HIS A 61 -2.70 -1.00 -4.30
C HIS A 61 -2.13 0.34 -3.85
N VAL A 62 -1.09 0.77 -4.54
CA VAL A 62 -0.42 2.01 -4.23
C VAL A 62 -0.69 3.03 -5.30
N GLU A 63 -1.15 4.18 -4.87
CA GLU A 63 -1.48 5.24 -5.78
C GLU A 63 -1.13 6.57 -5.16
N ARG A 64 -0.95 7.57 -5.99
CA ARG A 64 -0.57 8.86 -5.55
C ARG A 64 -1.73 9.84 -5.64
N ALA A 65 -1.85 10.70 -4.63
CA ALA A 65 -2.91 11.68 -4.61
C ALA A 65 -2.66 12.74 -5.64
N LEU A 66 -3.76 13.10 -6.31
CA LEU A 66 -3.81 14.08 -7.35
C LEU A 66 -3.89 15.48 -6.78
N ASP A 67 -4.42 15.54 -5.56
CA ASP A 67 -4.59 16.83 -4.88
C ASP A 67 -3.22 17.44 -4.75
N ASP A 68 -2.32 16.57 -4.35
CA ASP A 68 -0.94 16.89 -4.14
C ASP A 68 -0.16 15.65 -4.55
N PRO A 69 0.84 15.76 -5.43
CA PRO A 69 1.63 14.60 -5.88
C PRO A 69 2.41 14.02 -4.73
N ALA A 70 2.69 14.88 -3.78
CA ALA A 70 3.42 14.52 -2.60
C ALA A 70 2.69 13.50 -1.73
N MET A 71 1.34 13.52 -1.66
CA MET A 71 0.70 12.54 -0.80
C MET A 71 0.40 11.21 -1.47
N LEU A 72 0.54 10.12 -0.66
CA LEU A 72 0.36 8.75 -1.12
C LEU A 72 -0.95 8.16 -0.65
N ILE A 73 -1.61 7.43 -1.54
CA ILE A 73 -2.89 6.80 -1.28
C ILE A 73 -2.73 5.29 -1.12
N VAL A 74 -3.24 4.69 -0.05
CA VAL A 74 -3.00 3.27 0.06
C VAL A 74 -4.33 2.59 0.28
N THR A 75 -4.54 1.55 -0.49
CA THR A 75 -5.78 0.81 -0.41
C THR A 75 -5.44 -0.62 -0.02
N TYR A 76 -6.08 -1.09 1.03
CA TYR A 76 -5.82 -2.44 1.52
C TYR A 76 -7.05 -3.32 1.31
N GLU A 77 -6.78 -4.58 0.98
CA GLU A 77 -7.83 -5.57 0.77
C GLU A 77 -7.53 -6.76 1.67
N GLY A 78 -8.54 -7.33 2.31
CA GLY A 78 -8.24 -8.45 3.17
C GLY A 78 -7.90 -7.91 4.51
N GLU A 79 -7.35 -8.73 5.37
CA GLU A 79 -7.02 -8.24 6.67
C GLU A 79 -5.69 -8.84 7.11
N HIS A 80 -4.95 -8.02 7.82
CA HIS A 80 -3.65 -8.38 8.33
C HIS A 80 -3.75 -9.01 9.71
N ARG A 81 -3.25 -10.24 9.83
CA ARG A 81 -3.26 -10.91 11.11
C ARG A 81 -2.34 -10.13 12.03
N HIS A 82 -1.23 -9.67 11.48
CA HIS A 82 -0.28 -8.89 12.26
C HIS A 82 -0.67 -7.42 12.41
N ASN A 83 -0.91 -7.09 13.66
CA ASN A 83 -1.31 -5.77 14.10
C ASN A 83 -0.10 -5.17 14.78
N GLN A 84 0.14 -3.86 14.61
CA GLN A 84 1.31 -3.25 15.23
C GLN A 84 1.19 -3.36 16.76
N SER A 85 0.01 -3.14 17.32
CA SER A 85 -0.18 -3.23 18.78
C SER A 85 0.12 -4.66 19.32
N ALA A 86 -0.36 -5.75 18.63
CA ALA A 86 -0.08 -7.15 19.09
C ALA A 86 1.44 -7.47 19.06
N MET A 87 2.18 -6.98 18.04
CA MET A 87 3.64 -7.23 17.90
C MET A 87 4.34 -6.66 19.06
N LEU A 88 3.89 -5.51 19.44
CA LEU A 88 4.48 -4.91 20.55
C LEU A 88 4.42 -5.66 21.83
N GLU A 89 3.18 -6.05 21.82
CA GLU A 89 2.29 -6.84 22.63
C GLU A 89 3.24 -8.76 22.11
ZN ZN B . -0.24 -8.18 6.35
N SER A 2 -26.08 -9.57 -1.98
CA SER A 2 -24.75 -9.84 -1.37
C SER A 2 -24.75 -11.42 -0.75
N ARG A 3 -23.25 -11.56 -0.63
CA ARG A 3 -22.01 -12.31 0.11
C ARG A 3 -21.17 -10.93 0.56
N LYS A 4 -20.37 -10.68 1.71
CA LYS A 4 -19.64 -9.23 1.85
C LYS A 4 -18.07 -9.14 1.96
N ASN A 5 -17.50 -8.21 1.03
CA ASN A 5 -16.01 -7.74 0.89
C ASN A 5 -15.63 -6.33 1.56
N ARG A 6 -14.41 -6.21 2.23
CA ARG A 6 -13.97 -4.95 2.91
C ARG A 6 -12.56 -4.50 2.50
N MET A 7 -12.52 -3.21 2.19
CA MET A 7 -11.36 -2.43 1.75
C MET A 7 -11.15 -1.25 2.68
N LYS A 8 -9.90 -0.86 2.94
CA LYS A 8 -9.67 0.26 3.83
C LYS A 8 -8.68 1.17 3.13
N ARG A 9 -8.94 2.46 3.37
CA ARG A 9 -8.15 3.54 2.81
C ARG A 9 -7.52 4.46 3.83
N THR A 10 -6.27 4.76 3.52
CA THR A 10 -5.40 5.60 4.30
C THR A 10 -4.58 6.47 3.38
N VAL A 11 -4.12 7.60 3.89
CA VAL A 11 -3.32 8.51 3.09
C VAL A 11 -2.06 8.89 3.84
N ARG A 12 -0.93 8.79 3.17
CA ARG A 12 0.35 9.12 3.78
C ARG A 12 0.94 10.41 3.25
N VAL A 13 1.70 11.08 4.13
CA VAL A 13 2.34 12.35 3.79
C VAL A 13 3.19 12.18 2.53
N PRO A 14 3.43 13.28 1.76
CA PRO A 14 4.22 13.21 0.54
C PRO A 14 5.72 13.09 0.71
N ALA A 15 6.26 12.59 -0.38
CA ALA A 15 7.66 12.30 -0.64
C ALA A 15 8.55 13.53 -0.57
N ILE A 16 8.06 14.65 -1.04
CA ILE A 16 8.89 15.85 -1.19
C ILE A 16 9.38 16.41 0.16
N SER A 17 8.47 16.45 1.15
CA SER A 17 8.82 16.97 2.47
C SER A 17 9.65 15.99 3.32
N ALA A 18 10.26 16.54 4.38
CA ALA A 18 11.13 15.83 5.37
C ALA A 18 12.00 14.67 4.85
N LYS A 19 11.31 13.60 4.33
CA LYS A 19 12.01 12.40 3.80
C LYS A 19 11.60 12.03 2.38
N ILE A 20 12.54 11.53 1.59
CA ILE A 20 12.22 11.15 0.20
C ILE A 20 12.03 9.66 0.22
N ALA A 21 10.79 9.36 -0.09
CA ALA A 21 10.21 8.06 -0.18
C ALA A 21 8.88 8.16 -0.94
N ASP A 22 8.59 7.20 -1.87
CA ASP A 22 7.33 7.23 -2.64
C ASP A 22 6.32 6.33 -1.98
N ILE A 23 6.85 5.62 -1.04
CA ILE A 23 6.12 4.69 -0.26
C ILE A 23 6.91 4.56 1.01
N PRO A 24 6.19 4.31 2.07
CA PRO A 24 6.78 4.13 3.39
C PRO A 24 7.18 2.69 3.73
N PRO A 25 8.51 2.48 3.90
CA PRO A 25 9.09 1.18 4.26
C PRO A 25 8.55 0.60 5.55
N ASP A 26 8.33 -0.70 5.58
CA ASP A 26 7.80 -1.35 6.76
C ASP A 26 8.68 -2.53 7.16
N GLU A 27 8.53 -2.96 8.40
CA GLU A 27 9.30 -4.09 8.91
C GLU A 27 8.90 -5.34 8.15
N TYR A 28 7.66 -5.31 7.68
CA TYR A 28 7.05 -6.41 6.94
C TYR A 28 7.47 -6.39 5.49
N SER A 29 7.63 -7.58 4.92
CA SER A 29 8.04 -7.68 3.54
C SER A 29 6.86 -7.39 2.60
N TRP A 30 7.20 -6.93 1.40
CA TRP A 30 6.21 -6.57 0.39
C TRP A 30 6.65 -7.09 -0.97
N ARG A 31 5.70 -7.28 -1.88
CA ARG A 31 6.06 -7.76 -3.20
C ARG A 31 5.30 -6.91 -4.15
N LYS A 32 5.87 -6.64 -5.28
CA LYS A 32 5.15 -5.84 -6.25
C LYS A 32 4.75 -6.52 -7.54
N TYR A 33 3.48 -6.29 -7.85
CA TYR A 33 2.82 -6.82 -9.02
C TYR A 33 2.89 -5.73 -10.10
N GLY A 34 2.35 -6.02 -11.28
CA GLY A 34 2.44 -5.06 -12.37
C GLY A 34 1.76 -3.72 -12.11
N GLN A 35 1.87 -2.80 -13.06
CA GLN A 35 1.25 -1.48 -12.95
C GLN A 35 0.02 -1.36 -13.86
N LYS A 36 -0.76 -0.30 -13.65
CA LYS A 36 -1.98 -0.05 -14.44
C LYS A 36 -2.33 1.44 -14.54
N PRO A 37 -1.97 2.09 -15.67
CA PRO A 37 -2.22 3.52 -15.89
C PRO A 37 -3.70 3.91 -15.70
N ILE A 38 -3.92 5.09 -15.12
CA ILE A 38 -5.28 5.62 -14.86
C ILE A 38 -5.53 6.75 -15.84
N LYS A 39 -6.54 6.70 -16.72
CA LYS A 39 -6.65 7.83 -17.62
C LYS A 39 -7.24 9.05 -16.93
N GLY A 40 -6.60 10.15 -17.28
CA GLY A 40 -6.88 11.49 -16.85
C GLY A 40 -6.14 11.77 -15.56
N SER A 41 -5.39 10.81 -15.06
CA SER A 41 -4.64 11.00 -13.83
C SER A 41 -3.19 10.67 -14.06
N PRO A 42 -2.17 11.49 -13.79
CA PRO A 42 -0.87 10.99 -14.11
C PRO A 42 -0.47 10.06 -13.01
N HIS A 43 0.61 9.38 -13.30
CA HIS A 43 1.26 8.42 -12.43
C HIS A 43 0.54 7.07 -12.54
N PRO A 44 1.28 5.95 -12.63
CA PRO A 44 0.67 4.63 -12.78
C PRO A 44 0.17 4.03 -11.46
N ARG A 45 -0.75 3.05 -11.53
CA ARG A 45 -1.25 2.46 -10.31
C ARG A 45 -0.50 1.17 -10.14
N GLY A 46 0.13 1.01 -9.00
CA GLY A 46 0.89 -0.22 -8.75
C GLY A 46 0.20 -1.18 -7.82
N TYR A 47 0.27 -2.48 -8.12
CA TYR A 47 -0.32 -3.46 -7.22
C TYR A 47 0.75 -4.11 -6.40
N TYR A 48 0.48 -4.29 -5.11
CA TYR A 48 1.44 -4.89 -4.19
C TYR A 48 0.71 -5.87 -3.29
N LYS A 49 1.43 -6.92 -2.99
CA LYS A 49 0.94 -8.00 -2.18
C LYS A 49 1.81 -7.98 -0.91
N CYS A 50 1.26 -8.47 0.20
CA CYS A 50 2.02 -8.52 1.46
C CYS A 50 2.79 -9.79 1.70
N SER A 51 4.08 -9.66 2.02
CA SER A 51 4.88 -10.84 2.25
C SER A 51 5.42 -10.70 3.66
N THR A 52 5.56 -11.84 4.32
CA THR A 52 6.06 -11.92 5.67
C THR A 52 6.07 -13.36 6.12
N PHE A 53 4.85 -13.86 6.22
CA PHE A 53 4.59 -15.24 6.66
C PHE A 53 3.48 -15.79 5.80
N ARG A 54 3.58 -17.02 5.29
CA ARG A 54 2.49 -17.49 4.45
C ARG A 54 1.17 -17.69 5.19
N GLY A 55 0.13 -17.52 4.41
CA GLY A 55 -1.24 -17.66 4.80
C GLY A 55 -1.67 -16.31 5.28
N CYS A 56 -1.22 -15.24 4.65
CA CYS A 56 -1.61 -13.93 5.09
C CYS A 56 -2.51 -13.19 4.12
N PRO A 57 -3.83 -13.28 4.27
CA PRO A 57 -4.74 -12.58 3.39
C PRO A 57 -4.24 -11.14 3.40
N ALA A 58 -4.13 -10.48 2.26
CA ALA A 58 -3.65 -9.07 2.21
C ALA A 58 -3.07 -8.70 0.85
N ARG A 59 -3.82 -7.83 0.20
CA ARG A 59 -3.52 -7.30 -1.12
C ARG A 59 -3.65 -5.79 -1.01
N LYS A 60 -2.85 -5.03 -1.73
CA LYS A 60 -2.97 -3.59 -1.65
C LYS A 60 -2.60 -2.89 -2.94
N HIS A 61 -3.12 -1.68 -3.06
CA HIS A 61 -2.84 -0.84 -4.22
C HIS A 61 -2.26 0.49 -3.77
N VAL A 62 -1.23 0.94 -4.49
CA VAL A 62 -0.55 2.17 -4.18
C VAL A 62 -0.67 3.13 -5.35
N GLU A 63 -1.15 4.32 -5.04
CA GLU A 63 -1.34 5.32 -6.03
C GLU A 63 -1.23 6.69 -5.39
N ARG A 64 -0.99 7.69 -6.19
CA ARG A 64 -0.82 9.02 -5.74
C ARG A 64 -2.10 9.84 -5.88
N ALA A 65 -2.35 10.70 -4.91
CA ALA A 65 -3.54 11.53 -4.93
C ALA A 65 -3.44 12.55 -6.05
N LEU A 66 -4.54 12.59 -6.81
CA LEU A 66 -4.73 13.47 -7.93
C LEU A 66 -4.78 14.92 -7.47
N ASP A 67 -5.39 15.11 -6.31
CA ASP A 67 -5.56 16.46 -5.76
C ASP A 67 -4.17 17.03 -5.59
N ASP A 68 -3.35 16.18 -5.03
CA ASP A 68 -1.96 16.46 -4.75
C ASP A 68 -1.19 15.25 -5.22
N PRO A 69 -0.56 15.31 -6.41
CA PRO A 69 0.25 14.20 -6.94
C PRO A 69 1.23 13.71 -5.90
N ALA A 70 1.69 14.67 -5.12
CA ALA A 70 2.64 14.42 -4.07
C ALA A 70 2.10 13.49 -2.97
N MET A 71 0.80 13.51 -2.65
CA MET A 71 0.35 12.62 -1.60
C MET A 71 0.11 11.18 -2.03
N LEU A 72 0.35 10.25 -1.08
CA LEU A 72 0.25 8.82 -1.32
C LEU A 72 -1.01 8.23 -0.74
N ILE A 73 -1.66 7.38 -1.54
CA ILE A 73 -2.91 6.74 -1.17
C ILE A 73 -2.74 5.23 -1.05
N VAL A 74 -3.15 4.61 0.03
CA VAL A 74 -2.92 3.18 0.09
C VAL A 74 -4.23 2.51 0.45
N THR A 75 -4.56 1.50 -0.32
CA THR A 75 -5.77 0.77 -0.12
C THR A 75 -5.42 -0.64 0.30
N TYR A 76 -5.97 -1.06 1.42
CA TYR A 76 -5.68 -2.38 1.95
C TYR A 76 -6.93 -3.24 1.95
N GLU A 77 -6.74 -4.53 1.68
CA GLU A 77 -7.81 -5.51 1.65
C GLU A 77 -7.30 -6.78 2.28
N GLY A 78 -8.14 -7.56 2.93
CA GLY A 78 -7.62 -8.76 3.54
C GLY A 78 -7.16 -8.42 4.91
N GLU A 79 -6.65 -9.37 5.63
CA GLU A 79 -6.21 -9.08 6.95
C GLU A 79 -4.88 -9.77 7.21
N HIS A 80 -4.08 -9.09 8.02
CA HIS A 80 -2.78 -9.58 8.39
C HIS A 80 -2.82 -10.40 9.67
N ARG A 81 -2.51 -11.68 9.54
CA ARG A 81 -2.50 -12.56 10.70
C ARG A 81 -1.39 -12.08 11.61
N HIS A 82 -0.27 -11.69 11.00
CA HIS A 82 0.86 -11.21 11.77
C HIS A 82 0.72 -9.76 12.22
N ASN A 83 0.55 -9.65 13.52
CA ASN A 83 0.38 -8.39 14.22
C ASN A 83 1.64 -8.19 15.03
N GLN A 84 2.07 -6.94 15.23
CA GLN A 84 3.31 -6.70 15.98
C GLN A 84 3.15 -7.29 17.41
N SER A 85 1.97 -7.17 18.01
CA SER A 85 1.75 -7.72 19.36
C SER A 85 1.99 -9.26 19.41
N ALA A 86 1.67 -10.01 18.32
CA ALA A 86 1.89 -11.50 18.30
C ALA A 86 3.37 -11.88 18.54
N MET A 87 4.33 -11.01 18.13
CA MET A 87 5.78 -11.27 18.29
C MET A 87 6.10 -11.31 19.73
N LEU A 88 5.48 -10.44 20.45
CA LEU A 88 5.70 -10.43 21.82
C LEU A 88 5.29 -11.65 22.58
N GLU A 89 4.15 -11.90 22.00
CA GLU A 89 3.10 -12.89 22.07
C GLU A 89 4.31 -14.48 21.17
ZN ZN B . 0.43 -9.37 6.00
#